data_7PMP
#
_entry.id   7PMP
#
_entity_poly.entity_id   1
_entity_poly.type   'polypeptide(L)'
_entity_poly.pdbx_seq_one_letter_code
;MAHHHHHHVDDDDKMGSKLWNLRNADIRAVIAEVSRITGKNFVIDPRVQGKVSIVSSTPLSSRELYQVFLSVLQVSGYAA
IPNGEIIKIIPNIDAKTQSPDLLSGMKSPPR
;
_entity_poly.pdbx_strand_id   A
#
# COMPACT_ATOMS: atom_id res chain seq x y z
N MET A 1 35.18 18.10 -19.65
CA MET A 1 36.37 18.41 -20.49
C MET A 1 37.55 17.53 -20.10
N ALA A 2 37.97 17.64 -18.84
CA ALA A 2 39.09 16.84 -18.35
C ALA A 2 38.71 16.16 -17.04
N HIS A 3 39.61 15.32 -16.53
CA HIS A 3 39.38 14.59 -15.28
C HIS A 3 38.12 13.73 -15.37
N HIS A 4 38.00 13.02 -16.48
CA HIS A 4 36.84 12.18 -16.74
C HIS A 4 36.76 11.03 -15.73
N HIS A 5 35.97 11.21 -14.69
CA HIS A 5 35.79 10.18 -13.69
C HIS A 5 34.31 9.95 -13.43
N HIS A 6 33.68 10.89 -12.71
CA HIS A 6 32.28 10.77 -12.31
C HIS A 6 32.02 9.44 -11.64
N HIS A 7 32.80 9.14 -10.61
CA HIS A 7 32.69 7.87 -9.92
C HIS A 7 32.13 8.09 -8.52
N HIS A 8 30.89 8.54 -8.45
CA HIS A 8 30.20 8.74 -7.17
C HIS A 8 28.74 8.36 -7.31
N VAL A 9 28.17 7.84 -6.23
CA VAL A 9 26.77 7.48 -6.21
C VAL A 9 25.97 8.65 -5.64
N ASP A 10 26.41 9.86 -5.99
CA ASP A 10 25.79 11.08 -5.52
C ASP A 10 24.62 11.47 -6.43
N ASP A 11 24.75 11.10 -7.70
CA ASP A 11 23.73 11.41 -8.68
C ASP A 11 22.55 10.46 -8.55
N ASP A 12 21.40 10.99 -8.14
CA ASP A 12 20.17 10.21 -8.08
C ASP A 12 19.56 10.07 -9.46
N ASP A 13 19.71 11.13 -10.27
CA ASP A 13 19.26 11.11 -11.67
C ASP A 13 17.79 10.73 -11.82
N LYS A 14 16.91 11.70 -11.63
CA LYS A 14 15.49 11.48 -11.82
C LYS A 14 15.20 11.31 -13.30
N MET A 15 14.92 10.09 -13.71
CA MET A 15 14.72 9.78 -15.13
C MET A 15 13.27 9.98 -15.54
N GLY A 16 12.67 11.07 -15.07
CA GLY A 16 11.32 11.42 -15.47
C GLY A 16 10.30 10.67 -14.64
N SER A 17 10.76 10.12 -13.55
CA SER A 17 9.92 9.36 -12.65
C SER A 17 10.58 9.36 -11.28
N LYS A 18 9.82 9.00 -10.25
CA LYS A 18 10.28 9.16 -8.88
C LYS A 18 10.95 7.90 -8.36
N LEU A 19 12.22 8.01 -8.00
CA LEU A 19 12.93 6.93 -7.32
C LEU A 19 12.38 6.71 -5.92
N TRP A 20 12.28 5.44 -5.51
CA TRP A 20 11.73 5.12 -4.20
C TRP A 20 12.69 4.27 -3.38
N ASN A 21 13.41 4.94 -2.50
CA ASN A 21 14.24 4.28 -1.50
C ASN A 21 14.01 4.97 -0.17
N LEU A 22 13.02 4.48 0.55
CA LEU A 22 12.61 5.09 1.81
C LEU A 22 13.25 4.33 2.97
N ARG A 23 13.33 4.97 4.12
CA ARG A 23 13.90 4.35 5.31
C ARG A 23 12.81 4.17 6.36
N ASN A 24 12.94 3.07 7.12
CA ASN A 24 11.92 2.62 8.07
C ASN A 24 11.28 3.77 8.84
N ALA A 25 10.11 4.16 8.37
CA ALA A 25 9.33 5.20 9.01
C ALA A 25 8.00 4.63 9.45
N ASP A 26 7.16 5.44 10.07
CA ASP A 26 5.85 4.98 10.49
C ASP A 26 5.04 4.55 9.29
N ILE A 27 4.34 3.42 9.45
CA ILE A 27 3.52 2.86 8.39
C ILE A 27 2.55 3.87 7.81
N ARG A 28 1.89 4.67 8.66
CA ARG A 28 0.87 5.59 8.19
C ARG A 28 1.51 6.80 7.52
N ALA A 29 2.79 7.01 7.80
CA ALA A 29 3.54 8.05 7.13
C ALA A 29 3.81 7.63 5.69
N VAL A 30 3.99 6.33 5.51
CA VAL A 30 4.24 5.75 4.19
C VAL A 30 2.94 5.56 3.43
N ILE A 31 1.87 5.22 4.13
CA ILE A 31 0.56 5.06 3.50
C ILE A 31 0.08 6.42 2.97
N ALA A 32 0.50 7.49 3.64
CA ALA A 32 0.26 8.84 3.15
C ALA A 32 1.29 9.21 2.08
N GLU A 33 2.49 8.66 2.25
CA GLU A 33 3.61 8.86 1.34
C GLU A 33 3.26 8.34 -0.04
N VAL A 34 2.69 7.14 -0.10
CA VAL A 34 2.29 6.53 -1.36
C VAL A 34 1.08 7.25 -1.96
N SER A 35 0.08 7.58 -1.14
CA SER A 35 -1.11 8.25 -1.62
C SER A 35 -0.80 9.65 -2.15
N ARG A 36 0.26 10.24 -1.62
CA ARG A 36 0.74 11.54 -2.06
C ARG A 36 1.00 11.54 -3.57
N ILE A 37 1.66 10.49 -4.05
CA ILE A 37 2.03 10.39 -5.46
C ILE A 37 0.94 9.67 -6.26
N THR A 38 0.37 8.62 -5.67
CA THR A 38 -0.60 7.79 -6.38
C THR A 38 -1.95 8.48 -6.54
N GLY A 39 -2.25 9.39 -5.61
CA GLY A 39 -3.51 10.11 -5.64
C GLY A 39 -4.67 9.22 -5.21
N LYS A 40 -4.35 8.12 -4.55
CA LYS A 40 -5.36 7.14 -4.17
C LYS A 40 -5.78 7.35 -2.71
N ASN A 41 -6.99 6.92 -2.40
CA ASN A 41 -7.52 7.05 -1.06
C ASN A 41 -7.25 5.79 -0.26
N PHE A 42 -6.76 5.94 0.96
CA PHE A 42 -6.45 4.79 1.80
C PHE A 42 -7.16 4.87 3.14
N VAL A 43 -7.50 3.71 3.67
CA VAL A 43 -8.15 3.63 4.97
C VAL A 43 -7.31 2.77 5.90
N ILE A 44 -6.76 3.39 6.93
CA ILE A 44 -5.82 2.69 7.80
C ILE A 44 -6.49 2.22 9.09
N ASP A 45 -6.46 0.91 9.29
CA ASP A 45 -6.96 0.30 10.51
C ASP A 45 -6.09 0.69 11.70
N PRO A 46 -6.71 0.92 12.88
CA PRO A 46 -5.99 1.34 14.10
C PRO A 46 -4.90 0.35 14.55
N ARG A 47 -4.98 -0.89 14.08
CA ARG A 47 -3.98 -1.89 14.44
C ARG A 47 -2.80 -1.84 13.48
N VAL A 48 -2.91 -1.03 12.44
CA VAL A 48 -1.84 -0.85 11.48
C VAL A 48 -0.83 0.18 11.99
N GLN A 49 0.17 -0.28 12.72
CA GLN A 49 1.20 0.57 13.26
C GLN A 49 2.53 -0.18 13.30
N GLY A 50 3.48 0.30 12.52
CA GLY A 50 4.79 -0.32 12.46
C GLY A 50 5.71 0.50 11.59
N LYS A 51 6.84 -0.07 11.18
CA LYS A 51 7.75 0.64 10.31
C LYS A 51 7.73 0.08 8.90
N VAL A 52 7.73 0.99 7.94
CA VAL A 52 7.70 0.66 6.53
C VAL A 52 8.76 1.46 5.79
N SER A 53 9.46 0.80 4.87
CA SER A 53 10.42 1.48 4.01
C SER A 53 10.35 0.93 2.59
N ILE A 54 9.73 1.69 1.70
CA ILE A 54 9.62 1.28 0.31
C ILE A 54 10.95 1.45 -0.40
N VAL A 55 11.61 0.32 -0.65
CA VAL A 55 12.83 0.31 -1.44
C VAL A 55 12.59 -0.50 -2.72
N SER A 56 12.87 0.10 -3.86
CA SER A 56 12.55 -0.51 -5.12
C SER A 56 13.58 -0.18 -6.20
N SER A 57 13.41 -0.82 -7.34
CA SER A 57 14.23 -0.56 -8.53
C SER A 57 14.09 0.88 -9.03
N THR A 58 14.74 1.16 -10.16
CA THR A 58 14.72 2.48 -10.81
C THR A 58 13.34 3.16 -10.75
N PRO A 59 13.31 4.51 -10.88
CA PRO A 59 12.13 5.35 -10.60
C PRO A 59 10.77 4.72 -10.95
N LEU A 60 9.83 4.87 -10.03
CA LEU A 60 8.51 4.28 -10.14
C LEU A 60 7.47 5.34 -10.50
N SER A 61 6.57 4.98 -11.39
CA SER A 61 5.45 5.83 -11.73
C SER A 61 4.37 5.68 -10.66
N SER A 62 3.26 6.40 -10.82
CA SER A 62 2.18 6.39 -9.84
C SER A 62 1.71 4.96 -9.55
N ARG A 63 1.36 4.23 -10.60
CA ARG A 63 0.87 2.87 -10.46
C ARG A 63 1.98 1.94 -9.98
N GLU A 64 3.16 2.08 -10.59
CA GLU A 64 4.33 1.29 -10.21
C GLU A 64 4.58 1.37 -8.71
N LEU A 65 4.60 2.60 -8.20
CA LEU A 65 4.76 2.86 -6.78
C LEU A 65 3.73 2.09 -5.96
N TYR A 66 2.47 2.26 -6.32
CA TYR A 66 1.37 1.64 -5.59
C TYR A 66 1.54 0.11 -5.54
N GLN A 67 2.14 -0.46 -6.59
CA GLN A 67 2.31 -1.90 -6.64
C GLN A 67 3.36 -2.37 -5.65
N VAL A 68 4.35 -1.51 -5.41
CA VAL A 68 5.40 -1.80 -4.45
C VAL A 68 4.90 -1.57 -3.03
N PHE A 69 4.02 -0.58 -2.87
CA PHE A 69 3.38 -0.31 -1.59
C PHE A 69 2.63 -1.55 -1.11
N LEU A 70 2.02 -2.24 -2.06
CA LEU A 70 1.30 -3.47 -1.77
C LEU A 70 2.25 -4.54 -1.26
N SER A 71 3.49 -4.49 -1.74
CA SER A 71 4.47 -5.49 -1.39
C SER A 71 5.13 -5.13 -0.06
N VAL A 72 5.34 -3.85 0.17
CA VAL A 72 5.99 -3.39 1.39
C VAL A 72 5.11 -3.70 2.60
N LEU A 73 3.80 -3.67 2.39
CA LEU A 73 2.85 -4.02 3.43
C LEU A 73 2.97 -5.48 3.81
N GLN A 74 3.09 -6.34 2.80
CA GLN A 74 3.16 -7.77 3.04
C GLN A 74 4.40 -8.14 3.83
N VAL A 75 5.43 -7.33 3.70
CA VAL A 75 6.64 -7.48 4.50
C VAL A 75 6.42 -6.92 5.90
N SER A 76 5.61 -5.87 5.97
CA SER A 76 5.33 -5.19 7.21
C SER A 76 4.31 -5.98 8.05
N GLY A 77 3.52 -6.83 7.38
CA GLY A 77 2.51 -7.61 8.05
C GLY A 77 1.11 -7.06 7.81
N TYR A 78 0.96 -6.30 6.74
CA TYR A 78 -0.29 -5.64 6.43
C TYR A 78 -0.65 -5.88 4.98
N ALA A 79 -1.81 -5.41 4.58
CA ALA A 79 -2.25 -5.56 3.20
C ALA A 79 -3.25 -4.47 2.83
N ALA A 80 -3.28 -4.13 1.55
CA ALA A 80 -4.21 -3.12 1.07
C ALA A 80 -5.37 -3.80 0.36
N ILE A 81 -6.57 -3.58 0.86
CA ILE A 81 -7.77 -4.14 0.28
C ILE A 81 -8.66 -3.03 -0.26
N PRO A 82 -8.73 -2.89 -1.59
CA PRO A 82 -9.56 -1.86 -2.23
C PRO A 82 -11.04 -2.06 -1.98
N ASN A 83 -11.62 -1.14 -1.24
CA ASN A 83 -13.04 -1.13 -0.97
C ASN A 83 -13.71 -0.12 -1.91
N GLY A 84 -13.76 -0.46 -3.19
CA GLY A 84 -14.32 0.45 -4.16
C GLY A 84 -13.31 1.50 -4.59
N GLU A 85 -13.59 2.76 -4.28
CA GLU A 85 -12.70 3.85 -4.65
C GLU A 85 -11.66 4.11 -3.55
N ILE A 86 -11.91 3.54 -2.37
CA ILE A 86 -11.00 3.69 -1.25
C ILE A 86 -10.30 2.37 -0.95
N ILE A 87 -9.01 2.44 -0.74
CA ILE A 87 -8.23 1.24 -0.45
C ILE A 87 -7.93 1.16 1.04
N LYS A 88 -8.34 0.07 1.68
CA LYS A 88 -8.16 -0.06 3.13
C LYS A 88 -6.94 -0.93 3.45
N ILE A 89 -6.01 -0.37 4.21
CA ILE A 89 -4.81 -1.11 4.62
C ILE A 89 -5.02 -1.64 6.04
N ILE A 90 -4.99 -2.96 6.17
CA ILE A 90 -5.18 -3.59 7.46
C ILE A 90 -4.10 -4.63 7.70
N PRO A 91 -3.92 -5.06 8.96
CA PRO A 91 -2.92 -6.08 9.31
C PRO A 91 -3.37 -7.47 8.88
N ASN A 92 -2.84 -7.93 7.77
CA ASN A 92 -3.24 -9.23 7.21
C ASN A 92 -2.80 -10.36 8.13
N ILE A 93 -1.95 -10.01 9.08
CA ILE A 93 -1.46 -10.95 10.07
C ILE A 93 -2.54 -11.25 11.10
N ASP A 94 -3.56 -10.41 11.11
CA ASP A 94 -4.67 -10.54 12.03
C ASP A 94 -5.99 -10.61 11.27
N ALA A 95 -6.11 -9.79 10.24
CA ALA A 95 -7.30 -9.74 9.42
C ALA A 95 -6.94 -9.67 7.95
N LYS A 96 -7.41 -10.64 7.17
CA LYS A 96 -7.22 -10.63 5.73
C LYS A 96 -8.53 -10.30 5.03
N THR A 97 -9.61 -10.86 5.53
CA THR A 97 -10.93 -10.64 4.96
C THR A 97 -11.93 -10.27 6.05
N GLN A 98 -12.15 -11.20 6.98
CA GLN A 98 -13.06 -10.98 8.12
C GLN A 98 -14.49 -10.73 7.65
N SER A 99 -15.16 -11.81 7.28
CA SER A 99 -16.56 -11.76 6.87
C SER A 99 -17.41 -11.12 7.96
N PRO A 100 -18.05 -9.98 7.66
CA PRO A 100 -18.87 -9.25 8.63
C PRO A 100 -20.21 -9.91 8.88
N ASP A 101 -20.90 -9.47 9.92
CA ASP A 101 -22.19 -10.04 10.29
C ASP A 101 -23.30 -9.54 9.36
N LEU A 102 -22.92 -8.68 8.42
CA LEU A 102 -23.85 -8.20 7.40
C LEU A 102 -23.69 -9.02 6.14
N LEU A 103 -23.46 -10.32 6.30
CA LEU A 103 -23.27 -11.21 5.17
C LEU A 103 -24.43 -12.21 5.11
N SER A 104 -25.51 -11.88 5.80
CA SER A 104 -26.68 -12.75 5.84
C SER A 104 -27.70 -12.29 4.80
N GLY A 105 -27.32 -11.29 4.02
CA GLY A 105 -28.21 -10.75 3.02
C GLY A 105 -29.16 -9.74 3.61
N MET A 106 -30.39 -9.73 3.12
CA MET A 106 -31.41 -8.84 3.66
C MET A 106 -32.33 -9.63 4.59
N LYS A 107 -32.52 -10.91 4.26
CA LYS A 107 -33.43 -11.78 5.01
C LYS A 107 -34.85 -11.25 4.97
N SER A 108 -35.59 -11.68 3.96
CA SER A 108 -36.95 -11.25 3.76
C SER A 108 -37.93 -12.37 4.08
N PRO A 109 -38.51 -12.36 5.28
CA PRO A 109 -39.50 -13.36 5.70
C PRO A 109 -40.78 -13.27 4.86
N PRO A 110 -41.29 -14.41 4.38
CA PRO A 110 -42.50 -14.46 3.56
C PRO A 110 -43.72 -13.89 4.27
N ARG A 111 -43.75 -14.05 5.59
CA ARG A 111 -44.84 -13.53 6.40
C ARG A 111 -44.36 -13.30 7.83
N MET A 1 9.42 -17.18 -41.29
CA MET A 1 8.11 -17.76 -41.65
C MET A 1 6.98 -16.84 -41.21
N ALA A 2 6.76 -16.76 -39.90
CA ALA A 2 5.70 -15.91 -39.36
C ALA A 2 6.08 -15.37 -37.99
N HIS A 3 6.78 -16.18 -37.21
CA HIS A 3 7.23 -15.78 -35.89
C HIS A 3 8.43 -14.85 -35.99
N HIS A 4 8.17 -13.55 -36.01
CA HIS A 4 9.24 -12.56 -36.03
C HIS A 4 9.52 -12.05 -34.62
N HIS A 5 10.80 -11.98 -34.26
CA HIS A 5 11.23 -11.44 -32.97
C HIS A 5 10.52 -12.17 -31.82
N HIS A 6 10.89 -13.42 -31.60
CA HIS A 6 10.23 -14.24 -30.60
C HIS A 6 11.25 -14.90 -29.66
N HIS A 7 11.89 -14.06 -28.85
CA HIS A 7 12.79 -14.53 -27.81
C HIS A 7 12.42 -13.90 -26.47
N HIS A 8 11.72 -12.78 -26.53
CA HIS A 8 11.25 -12.06 -25.34
C HIS A 8 12.36 -11.91 -24.30
N VAL A 9 13.32 -11.07 -24.63
CA VAL A 9 14.36 -10.68 -23.69
C VAL A 9 13.86 -9.49 -22.88
N ASP A 10 12.61 -9.14 -23.16
CA ASP A 10 11.93 -8.04 -22.49
C ASP A 10 11.09 -8.60 -21.34
N ASP A 11 10.97 -7.84 -20.27
CA ASP A 11 10.17 -8.24 -19.12
C ASP A 11 9.45 -7.05 -18.51
N ASP A 12 10.22 -6.11 -18.00
CA ASP A 12 9.65 -4.98 -17.28
C ASP A 12 10.52 -3.74 -17.46
N ASP A 13 9.89 -2.61 -17.75
CA ASP A 13 10.60 -1.35 -17.91
C ASP A 13 9.99 -0.28 -17.03
N LYS A 14 10.70 0.10 -15.98
CA LYS A 14 10.24 1.16 -15.10
C LYS A 14 11.19 2.35 -15.14
N MET A 15 10.80 3.38 -15.87
CA MET A 15 11.57 4.60 -15.92
C MET A 15 10.68 5.80 -15.64
N GLY A 16 10.31 5.95 -14.37
CA GLY A 16 9.51 7.08 -13.97
C GLY A 16 10.34 8.31 -13.68
N SER A 17 9.87 9.16 -12.79
CA SER A 17 10.56 10.39 -12.46
C SER A 17 11.05 10.36 -11.01
N LYS A 18 10.48 9.48 -10.20
CA LYS A 18 10.78 9.47 -8.78
C LYS A 18 11.29 8.11 -8.32
N LEU A 19 12.57 8.08 -7.96
CA LEU A 19 13.18 6.89 -7.36
C LEU A 19 12.66 6.68 -5.95
N TRP A 20 12.42 5.43 -5.58
CA TRP A 20 11.88 5.11 -4.27
C TRP A 20 12.90 4.37 -3.41
N ASN A 21 13.48 5.12 -2.48
CA ASN A 21 14.40 4.58 -1.50
C ASN A 21 14.10 5.23 -0.16
N LEU A 22 13.18 4.62 0.57
CA LEU A 22 12.72 5.14 1.84
C LEU A 22 13.36 4.36 2.98
N ARG A 23 13.40 4.95 4.16
CA ARG A 23 13.96 4.28 5.33
C ARG A 23 12.91 4.11 6.41
N ASN A 24 13.02 2.99 7.12
CA ASN A 24 12.06 2.52 8.14
C ASN A 24 11.37 3.66 8.88
N ALA A 25 10.16 3.99 8.45
CA ALA A 25 9.40 5.07 9.08
C ALA A 25 8.01 4.59 9.48
N ASP A 26 7.24 5.48 10.09
CA ASP A 26 5.88 5.15 10.51
C ASP A 26 5.04 4.69 9.33
N ILE A 27 4.31 3.61 9.55
CA ILE A 27 3.50 3.00 8.49
C ILE A 27 2.48 3.96 7.90
N ARG A 28 1.84 4.78 8.75
CA ARG A 28 0.84 5.72 8.24
C ARG A 28 1.50 6.80 7.42
N ALA A 29 2.76 7.07 7.72
CA ALA A 29 3.52 8.08 7.00
C ALA A 29 3.78 7.60 5.59
N VAL A 30 3.96 6.29 5.45
CA VAL A 30 4.22 5.68 4.15
C VAL A 30 2.92 5.48 3.37
N ILE A 31 1.86 5.15 4.08
CA ILE A 31 0.56 4.98 3.44
C ILE A 31 0.09 6.33 2.89
N ALA A 32 0.45 7.41 3.56
CA ALA A 32 0.21 8.74 3.04
C ALA A 32 1.24 9.10 1.97
N GLU A 33 2.46 8.62 2.19
CA GLU A 33 3.58 8.79 1.26
C GLU A 33 3.20 8.28 -0.14
N VAL A 34 2.79 7.02 -0.20
CA VAL A 34 2.37 6.42 -1.45
C VAL A 34 1.14 7.15 -2.02
N SER A 35 0.21 7.50 -1.13
CA SER A 35 -0.99 8.22 -1.52
C SER A 35 -0.66 9.55 -2.18
N ARG A 36 0.40 10.18 -1.71
CA ARG A 36 0.82 11.49 -2.19
C ARG A 36 1.12 11.45 -3.69
N ILE A 37 1.74 10.36 -4.13
CA ILE A 37 2.10 10.21 -5.53
C ILE A 37 1.00 9.51 -6.32
N THR A 38 0.45 8.44 -5.75
CA THR A 38 -0.56 7.63 -6.43
C THR A 38 -1.88 8.38 -6.58
N GLY A 39 -2.18 9.22 -5.59
CA GLY A 39 -3.43 9.94 -5.59
C GLY A 39 -4.59 9.10 -5.11
N LYS A 40 -4.27 7.97 -4.49
CA LYS A 40 -5.28 7.01 -4.08
C LYS A 40 -5.67 7.21 -2.62
N ASN A 41 -6.91 6.88 -2.30
CA ASN A 41 -7.43 7.08 -0.95
C ASN A 41 -7.22 5.83 -0.11
N PHE A 42 -6.73 6.00 1.10
CA PHE A 42 -6.41 4.85 1.94
C PHE A 42 -7.06 4.94 3.31
N VAL A 43 -7.71 3.86 3.70
CA VAL A 43 -8.29 3.72 5.03
C VAL A 43 -7.35 2.88 5.89
N ILE A 44 -6.88 3.45 6.99
CA ILE A 44 -5.91 2.76 7.82
C ILE A 44 -6.55 2.29 9.12
N ASP A 45 -6.60 0.98 9.31
CA ASP A 45 -7.09 0.39 10.56
C ASP A 45 -6.22 0.82 11.73
N PRO A 46 -6.84 1.13 12.88
CA PRO A 46 -6.14 1.53 14.10
C PRO A 46 -5.02 0.57 14.53
N ARG A 47 -5.10 -0.69 14.08
CA ARG A 47 -4.09 -1.69 14.44
C ARG A 47 -2.86 -1.61 13.53
N VAL A 48 -2.97 -0.85 12.45
CA VAL A 48 -1.88 -0.72 11.50
C VAL A 48 -0.81 0.21 12.06
N GLN A 49 0.20 -0.37 12.69
CA GLN A 49 1.26 0.40 13.34
C GLN A 49 2.59 -0.37 13.29
N GLY A 50 3.50 0.11 12.47
CA GLY A 50 4.79 -0.50 12.34
C GLY A 50 5.71 0.36 11.50
N LYS A 51 6.83 -0.21 11.05
CA LYS A 51 7.77 0.54 10.23
C LYS A 51 7.76 0.05 8.80
N VAL A 52 7.71 0.99 7.87
CA VAL A 52 7.69 0.68 6.46
C VAL A 52 8.72 1.52 5.71
N SER A 53 9.40 0.91 4.75
CA SER A 53 10.32 1.62 3.88
C SER A 53 10.23 1.08 2.46
N ILE A 54 9.61 1.84 1.56
CA ILE A 54 9.49 1.43 0.18
C ILE A 54 10.82 1.64 -0.55
N VAL A 55 11.43 0.54 -0.95
CA VAL A 55 12.67 0.56 -1.69
C VAL A 55 12.56 -0.35 -2.91
N SER A 56 12.94 0.16 -4.07
CA SER A 56 12.75 -0.58 -5.31
C SER A 56 13.70 -0.11 -6.42
N SER A 57 13.60 -0.79 -7.55
CA SER A 57 14.33 -0.46 -8.77
C SER A 57 14.13 1.00 -9.21
N THR A 58 14.72 1.33 -10.37
CA THR A 58 14.61 2.67 -10.96
C THR A 58 13.22 3.31 -10.80
N PRO A 59 13.16 4.66 -10.86
CA PRO A 59 11.98 5.45 -10.50
C PRO A 59 10.64 4.84 -10.88
N LEU A 60 9.75 4.83 -9.90
CA LEU A 60 8.44 4.22 -10.04
C LEU A 60 7.38 5.26 -10.35
N SER A 61 6.45 4.88 -11.20
CA SER A 61 5.30 5.72 -11.50
C SER A 61 4.19 5.42 -10.48
N SER A 62 3.05 6.09 -10.60
CA SER A 62 1.96 5.94 -9.64
C SER A 62 1.57 4.47 -9.41
N ARG A 63 1.20 3.79 -10.49
CA ARG A 63 0.82 2.38 -10.40
C ARG A 63 2.00 1.54 -9.91
N GLU A 64 3.13 1.72 -10.56
CA GLU A 64 4.37 1.00 -10.24
C GLU A 64 4.68 1.09 -8.75
N LEU A 65 4.62 2.31 -8.24
CA LEU A 65 4.81 2.57 -6.81
C LEU A 65 3.78 1.83 -5.98
N TYR A 66 2.51 2.01 -6.33
CA TYR A 66 1.41 1.41 -5.59
C TYR A 66 1.54 -0.10 -5.51
N GLN A 67 2.15 -0.72 -6.51
CA GLN A 67 2.31 -2.16 -6.51
C GLN A 67 3.34 -2.58 -5.48
N VAL A 68 4.36 -1.76 -5.32
CA VAL A 68 5.39 -1.99 -4.33
C VAL A 68 4.85 -1.71 -2.94
N PHE A 69 3.99 -0.71 -2.83
CA PHE A 69 3.32 -0.41 -1.57
C PHE A 69 2.54 -1.63 -1.09
N LEU A 70 1.89 -2.31 -2.02
CA LEU A 70 1.17 -3.53 -1.71
C LEU A 70 2.12 -4.59 -1.17
N SER A 71 3.36 -4.55 -1.64
CA SER A 71 4.34 -5.54 -1.27
C SER A 71 4.98 -5.17 0.07
N VAL A 72 5.27 -3.89 0.25
CA VAL A 72 5.90 -3.40 1.46
C VAL A 72 5.00 -3.64 2.66
N LEU A 73 3.69 -3.61 2.42
CA LEU A 73 2.70 -3.92 3.44
C LEU A 73 2.81 -5.37 3.85
N GLN A 74 2.84 -6.26 2.88
CA GLN A 74 2.89 -7.69 3.14
C GLN A 74 4.16 -8.04 3.92
N VAL A 75 5.23 -7.32 3.65
CA VAL A 75 6.46 -7.45 4.41
C VAL A 75 6.28 -6.91 5.82
N SER A 76 5.46 -5.87 5.94
CA SER A 76 5.19 -5.22 7.19
C SER A 76 4.14 -5.97 8.01
N GLY A 77 3.42 -6.88 7.36
CA GLY A 77 2.38 -7.63 8.04
C GLY A 77 0.99 -7.07 7.78
N TYR A 78 0.88 -6.28 6.73
CA TYR A 78 -0.37 -5.60 6.40
C TYR A 78 -0.73 -5.84 4.95
N ALA A 79 -1.86 -5.31 4.53
CA ALA A 79 -2.30 -5.46 3.16
C ALA A 79 -3.24 -4.33 2.77
N ALA A 80 -3.22 -3.97 1.50
CA ALA A 80 -4.09 -2.94 0.97
C ALA A 80 -5.25 -3.57 0.22
N ILE A 81 -6.42 -3.54 0.83
CA ILE A 81 -7.61 -4.12 0.23
C ILE A 81 -8.55 -3.02 -0.19
N PRO A 82 -8.77 -2.84 -1.49
CA PRO A 82 -9.66 -1.81 -2.00
C PRO A 82 -11.08 -1.93 -1.46
N ASN A 83 -11.55 -0.83 -0.90
CA ASN A 83 -12.90 -0.73 -0.34
C ASN A 83 -13.76 0.08 -1.28
N GLY A 84 -13.98 -0.45 -2.48
CA GLY A 84 -14.67 0.32 -3.48
C GLY A 84 -13.73 1.24 -4.21
N GLU A 85 -14.00 2.53 -4.17
CA GLU A 85 -13.14 3.52 -4.81
C GLU A 85 -11.92 3.82 -3.96
N ILE A 86 -12.07 3.62 -2.66
CA ILE A 86 -10.98 3.84 -1.72
C ILE A 86 -10.28 2.52 -1.45
N ILE A 87 -9.14 2.55 -0.78
CA ILE A 87 -8.42 1.34 -0.45
C ILE A 87 -8.16 1.27 1.06
N LYS A 88 -8.42 0.11 1.65
CA LYS A 88 -8.27 -0.06 3.09
C LYS A 88 -7.03 -0.91 3.42
N ILE A 89 -6.10 -0.34 4.18
CA ILE A 89 -4.91 -1.06 4.61
C ILE A 89 -5.13 -1.59 6.02
N ILE A 90 -5.02 -2.91 6.17
CA ILE A 90 -5.21 -3.54 7.47
C ILE A 90 -4.14 -4.58 7.71
N PRO A 91 -3.93 -4.98 8.98
CA PRO A 91 -2.96 -6.02 9.34
C PRO A 91 -3.46 -7.40 8.92
N ASN A 92 -2.96 -7.89 7.78
CA ASN A 92 -3.43 -9.18 7.27
C ASN A 92 -2.89 -10.33 8.10
N ILE A 93 -2.09 -9.99 9.09
CA ILE A 93 -1.59 -10.97 10.05
C ILE A 93 -2.65 -11.27 11.09
N ASP A 94 -3.63 -10.39 11.14
CA ASP A 94 -4.76 -10.53 12.05
C ASP A 94 -6.02 -10.88 11.27
N ALA A 95 -6.18 -10.23 10.12
CA ALA A 95 -7.31 -10.47 9.23
C ALA A 95 -6.95 -10.11 7.80
N LYS A 96 -7.13 -11.06 6.89
CA LYS A 96 -6.86 -10.82 5.48
C LYS A 96 -8.11 -10.32 4.78
N THR A 97 -9.23 -10.96 5.11
CA THR A 97 -10.53 -10.55 4.59
C THR A 97 -11.62 -10.88 5.63
N GLN A 98 -11.53 -10.22 6.78
CA GLN A 98 -12.42 -10.47 7.92
C GLN A 98 -12.19 -11.89 8.46
N SER A 99 -11.52 -11.96 9.60
CA SER A 99 -11.19 -13.23 10.21
C SER A 99 -11.86 -13.38 11.58
N PRO A 100 -13.07 -13.95 11.62
CA PRO A 100 -13.78 -14.19 12.88
C PRO A 100 -13.09 -15.27 13.71
N ASP A 101 -13.24 -15.17 15.03
CA ASP A 101 -12.51 -16.05 15.95
C ASP A 101 -13.16 -17.43 16.06
N LEU A 102 -13.98 -17.77 15.09
CA LEU A 102 -14.56 -19.11 15.01
C LEU A 102 -14.18 -19.74 13.68
N LEU A 103 -13.19 -19.17 13.02
CA LEU A 103 -12.73 -19.68 11.73
C LEU A 103 -11.63 -20.72 11.92
N SER A 104 -10.81 -20.52 12.93
CA SER A 104 -9.72 -21.42 13.22
C SER A 104 -9.57 -21.60 14.73
N GLY A 105 -8.89 -22.65 15.14
CA GLY A 105 -8.70 -22.90 16.55
C GLY A 105 -9.55 -24.06 17.04
N MET A 106 -10.09 -24.83 16.12
CA MET A 106 -10.92 -25.98 16.45
C MET A 106 -10.07 -27.07 17.09
N LYS A 107 -8.87 -27.27 16.55
CA LYS A 107 -7.96 -28.28 17.08
C LYS A 107 -7.26 -27.74 18.32
N SER A 108 -7.97 -27.80 19.44
CA SER A 108 -7.44 -27.33 20.71
C SER A 108 -6.92 -28.50 21.57
N PRO A 109 -7.71 -29.58 21.79
CA PRO A 109 -7.26 -30.70 22.62
C PRO A 109 -6.33 -31.67 21.87
N PRO A 110 -5.20 -32.04 22.50
CA PRO A 110 -4.30 -33.04 21.96
C PRO A 110 -4.89 -34.45 22.08
N ARG A 111 -5.09 -35.10 20.95
CA ARG A 111 -5.73 -36.41 20.94
C ARG A 111 -4.96 -37.37 20.03
N MET A 1 -19.33 -8.76 -18.37
CA MET A 1 -20.60 -9.14 -17.73
C MET A 1 -21.47 -7.93 -17.46
N ALA A 2 -20.92 -6.95 -16.74
CA ALA A 2 -21.67 -5.76 -16.37
C ALA A 2 -21.06 -4.51 -16.98
N HIS A 3 -20.53 -4.64 -18.19
CA HIS A 3 -19.94 -3.51 -18.89
C HIS A 3 -20.48 -3.41 -20.30
N HIS A 4 -21.53 -2.63 -20.48
CA HIS A 4 -22.12 -2.41 -21.79
C HIS A 4 -21.21 -1.53 -22.63
N HIS A 5 -20.39 -0.73 -21.95
CA HIS A 5 -19.42 0.11 -22.61
C HIS A 5 -18.02 -0.41 -22.32
N HIS A 6 -17.62 -1.44 -23.07
CA HIS A 6 -16.29 -2.04 -22.90
C HIS A 6 -15.19 -0.99 -23.03
N HIS A 7 -14.24 -1.05 -22.11
CA HIS A 7 -13.16 -0.07 -22.03
C HIS A 7 -13.72 1.32 -21.72
N HIS A 8 -13.92 1.58 -20.44
CA HIS A 8 -14.45 2.87 -20.01
C HIS A 8 -13.48 3.58 -19.07
N VAL A 9 -12.58 2.82 -18.47
CA VAL A 9 -11.61 3.36 -17.53
C VAL A 9 -10.20 2.84 -17.81
N ASP A 10 -9.24 3.75 -17.89
CA ASP A 10 -7.84 3.38 -18.06
C ASP A 10 -7.05 3.80 -16.84
N ASP A 11 -6.85 5.12 -16.70
CA ASP A 11 -6.12 5.69 -15.57
C ASP A 11 -4.70 5.11 -15.48
N ASP A 12 -4.09 4.90 -16.62
CA ASP A 12 -2.71 4.43 -16.66
C ASP A 12 -1.79 5.59 -17.03
N ASP A 13 -0.77 5.78 -16.22
CA ASP A 13 0.18 6.87 -16.43
C ASP A 13 1.59 6.40 -16.10
N LYS A 14 2.47 6.50 -17.08
CA LYS A 14 3.85 6.07 -16.90
C LYS A 14 4.76 7.27 -16.74
N MET A 15 6.06 6.99 -16.57
CA MET A 15 7.07 8.03 -16.39
C MET A 15 6.89 8.72 -15.03
N GLY A 16 7.55 8.18 -14.03
CA GLY A 16 7.54 8.77 -12.71
C GLY A 16 8.94 9.03 -12.23
N SER A 17 9.42 10.26 -12.43
CA SER A 17 10.78 10.63 -12.08
C SER A 17 10.97 10.73 -10.56
N LYS A 18 10.95 9.57 -9.92
CA LYS A 18 11.11 9.49 -8.48
C LYS A 18 11.52 8.08 -8.07
N LEU A 19 12.77 7.91 -7.70
CA LEU A 19 13.26 6.65 -7.16
C LEU A 19 12.75 6.43 -5.75
N TRP A 20 12.55 5.17 -5.39
CA TRP A 20 11.96 4.85 -4.11
C TRP A 20 12.86 3.98 -3.25
N ASN A 21 13.62 4.63 -2.37
CA ASN A 21 14.36 3.95 -1.32
C ASN A 21 14.06 4.64 -0.01
N LEU A 22 13.00 4.19 0.63
CA LEU A 22 12.54 4.80 1.87
C LEU A 22 13.13 4.03 3.05
N ARG A 23 13.16 4.69 4.19
CA ARG A 23 13.69 4.08 5.41
C ARG A 23 12.55 3.81 6.38
N ASN A 24 12.70 2.72 7.15
CA ASN A 24 11.69 2.24 8.09
C ASN A 24 11.07 3.37 8.89
N ALA A 25 9.89 3.78 8.48
CA ALA A 25 9.20 4.88 9.10
C ALA A 25 7.80 4.46 9.52
N ASP A 26 7.05 5.38 10.12
CA ASP A 26 5.67 5.09 10.53
C ASP A 26 4.84 4.70 9.33
N ILE A 27 4.16 3.57 9.47
CA ILE A 27 3.35 3.00 8.39
C ILE A 27 2.32 3.99 7.86
N ARG A 28 1.73 4.80 8.72
CA ARG A 28 0.72 5.76 8.29
C ARG A 28 1.36 6.85 7.45
N ALA A 29 2.64 7.10 7.68
CA ALA A 29 3.38 8.09 6.94
C ALA A 29 3.67 7.59 5.54
N VAL A 30 3.80 6.27 5.41
CA VAL A 30 4.07 5.64 4.13
C VAL A 30 2.78 5.47 3.33
N ILE A 31 1.69 5.23 4.03
CA ILE A 31 0.39 5.10 3.37
C ILE A 31 -0.05 6.46 2.83
N ALA A 32 0.44 7.52 3.45
CA ALA A 32 0.26 8.88 2.92
C ALA A 32 1.37 9.21 1.90
N GLU A 33 2.49 8.53 2.05
CA GLU A 33 3.64 8.65 1.17
C GLU A 33 3.29 8.14 -0.23
N VAL A 34 2.65 6.97 -0.26
CA VAL A 34 2.23 6.38 -1.53
C VAL A 34 1.07 7.16 -2.16
N SER A 35 0.11 7.59 -1.34
CA SER A 35 -1.05 8.33 -1.86
C SER A 35 -0.62 9.66 -2.47
N ARG A 36 0.46 10.21 -1.93
CA ARG A 36 1.00 11.47 -2.41
C ARG A 36 1.25 11.42 -3.93
N ILE A 37 1.84 10.32 -4.39
CA ILE A 37 2.17 10.16 -5.79
C ILE A 37 1.04 9.48 -6.55
N THR A 38 0.46 8.45 -5.95
CA THR A 38 -0.55 7.63 -6.62
C THR A 38 -1.87 8.39 -6.81
N GLY A 39 -2.18 9.27 -5.86
CA GLY A 39 -3.43 10.01 -5.90
C GLY A 39 -4.62 9.13 -5.57
N LYS A 40 -4.38 8.14 -4.72
CA LYS A 40 -5.41 7.19 -4.36
C LYS A 40 -5.80 7.37 -2.90
N ASN A 41 -7.04 7.03 -2.57
CA ASN A 41 -7.54 7.19 -1.22
C ASN A 41 -7.26 5.93 -0.41
N PHE A 42 -6.75 6.11 0.80
CA PHE A 42 -6.45 4.97 1.65
C PHE A 42 -7.14 5.09 3.01
N VAL A 43 -7.46 3.95 3.59
CA VAL A 43 -8.07 3.90 4.91
C VAL A 43 -7.20 3.04 5.82
N ILE A 44 -6.81 3.57 6.96
CA ILE A 44 -5.90 2.86 7.83
C ILE A 44 -6.60 2.42 9.11
N ASP A 45 -6.50 1.14 9.42
CA ASP A 45 -7.04 0.59 10.66
C ASP A 45 -6.13 0.98 11.83
N PRO A 46 -6.72 1.31 13.00
CA PRO A 46 -5.96 1.67 14.20
C PRO A 46 -4.93 0.62 14.63
N ARG A 47 -5.08 -0.61 14.12
CA ARG A 47 -4.13 -1.68 14.42
C ARG A 47 -2.93 -1.64 13.49
N VAL A 48 -3.00 -0.79 12.47
CA VAL A 48 -1.91 -0.66 11.52
C VAL A 48 -0.86 0.30 12.05
N GLN A 49 0.11 -0.25 12.78
CA GLN A 49 1.19 0.52 13.35
C GLN A 49 2.48 -0.29 13.31
N GLY A 50 3.43 0.21 12.55
CA GLY A 50 4.70 -0.45 12.40
C GLY A 50 5.59 0.35 11.48
N LYS A 51 6.72 -0.22 11.10
CA LYS A 51 7.65 0.46 10.22
C LYS A 51 7.59 -0.11 8.81
N VAL A 52 7.63 0.79 7.85
CA VAL A 52 7.61 0.43 6.45
C VAL A 52 8.67 1.22 5.68
N SER A 53 9.42 0.54 4.83
CA SER A 53 10.42 1.18 4.00
C SER A 53 10.34 0.64 2.57
N ILE A 54 9.70 1.39 1.69
CA ILE A 54 9.62 1.01 0.29
C ILE A 54 10.99 1.16 -0.39
N VAL A 55 11.59 0.04 -0.74
CA VAL A 55 12.91 0.05 -1.34
C VAL A 55 12.95 -0.69 -2.67
N SER A 56 13.04 0.08 -3.73
CA SER A 56 13.19 -0.43 -5.08
C SER A 56 13.85 0.63 -5.93
N SER A 57 15.16 0.52 -6.15
CA SER A 57 15.88 1.57 -6.85
C SER A 57 15.48 1.63 -8.32
N THR A 58 14.43 2.40 -8.55
CA THR A 58 13.93 2.74 -9.86
C THR A 58 12.97 3.88 -9.69
N PRO A 59 12.72 4.67 -10.73
CA PRO A 59 11.73 5.71 -10.65
C PRO A 59 10.34 5.15 -10.99
N LEU A 60 9.45 5.21 -10.01
CA LEU A 60 8.16 4.54 -10.13
C LEU A 60 7.05 5.52 -10.44
N SER A 61 6.21 5.13 -11.37
CA SER A 61 5.03 5.90 -11.73
C SER A 61 3.92 5.62 -10.73
N SER A 62 2.78 6.28 -10.88
CA SER A 62 1.65 6.15 -9.97
C SER A 62 1.29 4.69 -9.71
N ARG A 63 0.96 3.97 -10.76
CA ARG A 63 0.54 2.58 -10.63
C ARG A 63 1.69 1.70 -10.17
N GLU A 64 2.86 1.92 -10.77
CA GLU A 64 4.07 1.16 -10.44
C GLU A 64 4.37 1.23 -8.94
N LEU A 65 4.36 2.44 -8.42
CA LEU A 65 4.58 2.68 -6.99
C LEU A 65 3.55 1.94 -6.16
N TYR A 66 2.29 2.13 -6.49
CA TYR A 66 1.20 1.52 -5.76
C TYR A 66 1.37 0.01 -5.64
N GLN A 67 1.97 -0.62 -6.65
CA GLN A 67 2.15 -2.06 -6.64
C GLN A 67 3.20 -2.46 -5.61
N VAL A 68 4.22 -1.62 -5.47
CA VAL A 68 5.28 -1.88 -4.51
C VAL A 68 4.79 -1.61 -3.09
N PHE A 69 3.90 -0.63 -2.96
CA PHE A 69 3.27 -0.35 -1.68
C PHE A 69 2.49 -1.58 -1.21
N LEU A 70 1.88 -2.28 -2.15
CA LEU A 70 1.11 -3.47 -1.87
C LEU A 70 2.02 -4.58 -1.32
N SER A 71 3.27 -4.60 -1.75
CA SER A 71 4.17 -5.65 -1.34
C SER A 71 4.92 -5.26 -0.08
N VAL A 72 5.18 -3.98 0.09
CA VAL A 72 5.86 -3.48 1.28
C VAL A 72 5.00 -3.73 2.52
N LEU A 73 3.69 -3.70 2.32
CA LEU A 73 2.74 -4.00 3.38
C LEU A 73 2.89 -5.44 3.81
N GLN A 74 3.00 -6.33 2.84
CA GLN A 74 3.11 -7.76 3.11
C GLN A 74 4.39 -8.07 3.87
N VAL A 75 5.38 -7.18 3.73
CA VAL A 75 6.62 -7.30 4.48
C VAL A 75 6.42 -6.85 5.92
N SER A 76 5.62 -5.80 6.11
CA SER A 76 5.39 -5.27 7.44
C SER A 76 4.26 -6.04 8.16
N GLY A 77 3.47 -6.77 7.38
CA GLY A 77 2.40 -7.56 7.96
C GLY A 77 1.02 -6.96 7.75
N TYR A 78 0.86 -6.21 6.68
CA TYR A 78 -0.41 -5.54 6.38
C TYR A 78 -0.78 -5.80 4.94
N ALA A 79 -1.95 -5.32 4.54
CA ALA A 79 -2.40 -5.46 3.16
C ALA A 79 -3.39 -4.36 2.82
N ALA A 80 -3.40 -3.98 1.55
CA ALA A 80 -4.30 -2.94 1.07
C ALA A 80 -5.49 -3.56 0.36
N ILE A 81 -6.67 -3.36 0.92
CA ILE A 81 -7.90 -3.91 0.36
C ILE A 81 -8.77 -2.79 -0.18
N PRO A 82 -8.82 -2.64 -1.51
CA PRO A 82 -9.66 -1.64 -2.16
C PRO A 82 -11.14 -1.84 -1.87
N ASN A 83 -11.74 -0.85 -1.26
CA ASN A 83 -13.16 -0.84 -0.95
C ASN A 83 -13.87 0.16 -1.87
N GLY A 84 -14.11 -0.26 -3.10
CA GLY A 84 -14.71 0.62 -4.08
C GLY A 84 -13.68 1.53 -4.70
N GLU A 85 -13.54 2.73 -4.15
CA GLU A 85 -12.54 3.67 -4.63
C GLU A 85 -11.49 3.93 -3.56
N ILE A 86 -11.87 3.71 -2.31
CA ILE A 86 -10.95 3.89 -1.19
C ILE A 86 -10.27 2.57 -0.87
N ILE A 87 -8.98 2.60 -0.71
CA ILE A 87 -8.21 1.40 -0.42
C ILE A 87 -7.90 1.33 1.07
N LYS A 88 -8.36 0.28 1.73
CA LYS A 88 -8.17 0.17 3.17
C LYS A 88 -7.02 -0.76 3.50
N ILE A 89 -6.05 -0.23 4.24
CA ILE A 89 -4.88 -0.99 4.66
C ILE A 89 -5.10 -1.53 6.07
N ILE A 90 -5.06 -2.84 6.22
CA ILE A 90 -5.22 -3.48 7.52
C ILE A 90 -4.12 -4.52 7.72
N PRO A 91 -3.91 -4.95 8.97
CA PRO A 91 -2.94 -6.00 9.29
C PRO A 91 -3.39 -7.37 8.76
N ASN A 92 -2.66 -7.90 7.79
CA ASN A 92 -3.02 -9.19 7.19
C ASN A 92 -2.48 -10.33 8.04
N ILE A 93 -1.67 -9.96 9.02
CA ILE A 93 -1.06 -10.92 9.93
C ILE A 93 -2.12 -11.58 10.81
N ASP A 94 -2.41 -12.85 10.48
CA ASP A 94 -3.44 -13.65 11.15
C ASP A 94 -4.85 -13.16 10.78
N ALA A 95 -5.06 -11.86 10.85
CA ALA A 95 -6.35 -11.27 10.51
C ALA A 95 -6.66 -11.45 9.03
N LYS A 96 -7.82 -12.04 8.76
CA LYS A 96 -8.27 -12.27 7.39
C LYS A 96 -8.57 -10.96 6.67
N THR A 97 -8.05 -10.82 5.46
CA THR A 97 -8.32 -9.66 4.65
C THR A 97 -9.68 -9.79 3.97
N GLN A 98 -10.24 -10.98 4.03
CA GLN A 98 -11.58 -11.24 3.54
C GLN A 98 -12.43 -11.86 4.64
N SER A 99 -13.09 -11.03 5.42
CA SER A 99 -13.87 -11.51 6.55
C SER A 99 -15.32 -11.04 6.48
N PRO A 100 -16.14 -11.68 5.64
CA PRO A 100 -17.56 -11.34 5.52
C PRO A 100 -18.32 -11.66 6.80
N ASP A 101 -18.47 -12.94 7.10
CA ASP A 101 -19.12 -13.37 8.33
C ASP A 101 -18.07 -13.70 9.39
N LEU A 102 -16.80 -13.65 8.99
CA LEU A 102 -15.70 -13.92 9.90
C LEU A 102 -15.30 -12.66 10.64
N LEU A 103 -14.84 -12.82 11.89
CA LEU A 103 -14.39 -11.71 12.72
C LEU A 103 -15.53 -10.75 13.05
N SER A 104 -16.75 -11.20 12.86
CA SER A 104 -17.92 -10.38 13.11
C SER A 104 -18.34 -10.49 14.57
N GLY A 105 -18.42 -11.72 15.06
CA GLY A 105 -18.85 -11.95 16.42
C GLY A 105 -17.69 -12.03 17.38
N MET A 106 -16.95 -10.93 17.51
CA MET A 106 -15.86 -10.87 18.48
C MET A 106 -16.43 -10.92 19.88
N LYS A 107 -17.51 -10.16 20.10
CA LYS A 107 -18.27 -10.19 21.34
C LYS A 107 -17.36 -9.96 22.54
N SER A 108 -17.02 -8.70 22.78
CA SER A 108 -16.14 -8.33 23.89
C SER A 108 -16.79 -8.69 25.23
N PRO A 109 -16.26 -9.72 25.91
CA PRO A 109 -16.82 -10.21 27.16
C PRO A 109 -16.32 -9.42 28.37
N PRO A 110 -17.24 -8.87 29.17
CA PRO A 110 -16.91 -8.17 30.42
C PRO A 110 -16.22 -9.10 31.41
N ARG A 111 -16.56 -10.38 31.34
CA ARG A 111 -15.94 -11.38 32.19
C ARG A 111 -15.57 -12.61 31.35
N MET A 1 3.80 -6.23 -22.61
CA MET A 1 3.48 -7.54 -21.98
C MET A 1 4.49 -8.61 -22.42
N ALA A 2 5.48 -8.22 -23.23
CA ALA A 2 6.45 -9.17 -23.75
C ALA A 2 7.49 -9.54 -22.70
N HIS A 3 7.03 -10.03 -21.56
CA HIS A 3 7.90 -10.47 -20.49
C HIS A 3 7.41 -11.80 -19.96
N HIS A 4 6.73 -12.55 -20.84
CA HIS A 4 6.10 -13.80 -20.47
C HIS A 4 5.08 -13.56 -19.36
N HIS A 5 4.77 -14.60 -18.59
CA HIS A 5 3.89 -14.48 -17.43
C HIS A 5 2.54 -13.89 -17.85
N HIS A 6 1.80 -14.63 -18.67
CA HIS A 6 0.53 -14.14 -19.18
C HIS A 6 -0.58 -14.36 -18.15
N HIS A 7 -0.63 -13.49 -17.16
CA HIS A 7 -1.68 -13.52 -16.16
C HIS A 7 -2.59 -12.30 -16.31
N HIS A 8 -1.97 -11.15 -16.50
CA HIS A 8 -2.71 -9.90 -16.67
C HIS A 8 -2.17 -9.14 -17.87
N VAL A 9 -3.07 -8.78 -18.79
CA VAL A 9 -2.70 -8.02 -19.97
C VAL A 9 -2.01 -6.70 -19.61
N ASP A 10 -0.76 -6.59 -20.01
CA ASP A 10 0.02 -5.39 -19.71
C ASP A 10 0.41 -4.69 -21.01
N ASP A 11 -0.48 -3.85 -21.51
CA ASP A 11 -0.23 -3.12 -22.75
C ASP A 11 0.10 -1.66 -22.46
N ASP A 12 -0.04 -1.27 -21.20
CA ASP A 12 0.28 0.09 -20.79
C ASP A 12 1.34 0.08 -19.69
N ASP A 13 2.51 0.60 -19.99
CA ASP A 13 3.58 0.67 -19.01
C ASP A 13 4.13 2.08 -18.95
N LYS A 14 4.26 2.61 -17.75
CA LYS A 14 4.73 3.97 -17.56
C LYS A 14 5.90 4.00 -16.60
N MET A 15 7.02 4.55 -17.06
CA MET A 15 8.17 4.75 -16.19
C MET A 15 7.92 5.96 -15.30
N GLY A 16 8.39 5.89 -14.07
CA GLY A 16 8.10 6.96 -13.13
C GLY A 16 9.15 8.03 -13.10
N SER A 17 8.87 9.11 -12.39
CA SER A 17 9.79 10.23 -12.26
C SER A 17 10.10 10.48 -10.79
N LYS A 18 10.19 9.40 -10.02
CA LYS A 18 10.44 9.49 -8.59
C LYS A 18 11.06 8.20 -8.08
N LEU A 19 12.33 8.26 -7.71
CA LEU A 19 13.04 7.09 -7.19
C LEU A 19 12.64 6.81 -5.74
N TRP A 20 12.53 5.53 -5.37
CA TRP A 20 12.03 5.16 -4.06
C TRP A 20 13.03 4.34 -3.24
N ASN A 21 13.62 4.99 -2.24
CA ASN A 21 14.43 4.31 -1.24
C ASN A 21 14.15 4.93 0.12
N LEU A 22 13.15 4.39 0.79
CA LEU A 22 12.73 4.91 2.09
C LEU A 22 13.36 4.09 3.20
N ARG A 23 13.45 4.68 4.38
CA ARG A 23 13.94 3.97 5.54
C ARG A 23 12.82 3.84 6.56
N ASN A 24 12.83 2.70 7.27
CA ASN A 24 11.75 2.30 8.18
C ASN A 24 11.18 3.47 8.96
N ALA A 25 10.03 3.93 8.49
CA ALA A 25 9.35 5.05 9.10
C ALA A 25 7.95 4.64 9.51
N ASP A 26 7.20 5.58 10.08
CA ASP A 26 5.83 5.32 10.48
C ASP A 26 5.02 4.82 9.28
N ILE A 27 4.33 3.70 9.50
CA ILE A 27 3.56 3.05 8.45
C ILE A 27 2.54 4.00 7.82
N ARG A 28 1.90 4.85 8.63
CA ARG A 28 0.89 5.75 8.12
C ARG A 28 1.55 6.85 7.29
N ALA A 29 2.82 7.13 7.59
CA ALA A 29 3.57 8.13 6.86
C ALA A 29 3.87 7.63 5.46
N VAL A 30 4.01 6.32 5.34
CA VAL A 30 4.27 5.68 4.06
C VAL A 30 2.96 5.53 3.29
N ILE A 31 1.90 5.17 3.99
CA ILE A 31 0.58 5.04 3.37
C ILE A 31 0.10 6.42 2.89
N ALA A 32 0.54 7.46 3.57
CA ALA A 32 0.27 8.83 3.16
C ALA A 32 1.26 9.26 2.06
N GLU A 33 2.42 8.65 2.05
CA GLU A 33 3.44 8.94 1.04
C GLU A 33 3.02 8.40 -0.31
N VAL A 34 2.62 7.13 -0.32
CA VAL A 34 2.20 6.47 -1.56
C VAL A 34 0.97 7.17 -2.15
N SER A 35 0.03 7.57 -1.29
CA SER A 35 -1.18 8.24 -1.74
C SER A 35 -0.88 9.61 -2.35
N ARG A 36 0.21 10.24 -1.88
CA ARG A 36 0.62 11.53 -2.39
C ARG A 36 0.85 11.48 -3.90
N ILE A 37 1.48 10.39 -4.34
CA ILE A 37 1.80 10.21 -5.75
C ILE A 37 0.68 9.49 -6.49
N THR A 38 0.22 8.37 -5.93
CA THR A 38 -0.77 7.52 -6.59
C THR A 38 -2.12 8.22 -6.75
N GLY A 39 -2.40 9.14 -5.85
CA GLY A 39 -3.67 9.86 -5.89
C GLY A 39 -4.82 8.99 -5.44
N LYS A 40 -4.50 7.95 -4.68
CA LYS A 40 -5.49 6.99 -4.24
C LYS A 40 -5.84 7.21 -2.78
N ASN A 41 -7.05 6.86 -2.40
CA ASN A 41 -7.50 7.06 -1.03
C ASN A 41 -7.23 5.79 -0.22
N PHE A 42 -6.75 5.95 1.00
CA PHE A 42 -6.41 4.80 1.84
C PHE A 42 -7.08 4.89 3.20
N VAL A 43 -7.46 3.73 3.74
CA VAL A 43 -8.08 3.68 5.05
C VAL A 43 -7.24 2.79 5.95
N ILE A 44 -6.68 3.37 6.99
CA ILE A 44 -5.75 2.64 7.85
C ILE A 44 -6.42 2.17 9.14
N ASP A 45 -6.43 0.86 9.35
CA ASP A 45 -6.96 0.29 10.60
C ASP A 45 -6.06 0.70 11.76
N PRO A 46 -6.66 1.01 12.92
CA PRO A 46 -5.92 1.41 14.13
C PRO A 46 -4.86 0.40 14.59
N ARG A 47 -4.95 -0.83 14.09
CA ARG A 47 -3.98 -1.87 14.41
C ARG A 47 -2.76 -1.78 13.49
N VAL A 48 -2.88 -1.01 12.41
CA VAL A 48 -1.78 -0.84 11.48
C VAL A 48 -0.79 0.15 12.06
N GLN A 49 0.16 -0.38 12.82
CA GLN A 49 1.11 0.43 13.56
C GLN A 49 2.49 -0.23 13.53
N GLY A 50 3.39 0.34 12.77
CA GLY A 50 4.71 -0.23 12.62
C GLY A 50 5.59 0.60 11.70
N LYS A 51 6.66 0.00 11.22
CA LYS A 51 7.59 0.69 10.34
C LYS A 51 7.59 0.09 8.94
N VAL A 52 7.67 0.96 7.96
CA VAL A 52 7.72 0.55 6.56
C VAL A 52 8.78 1.35 5.81
N SER A 53 9.48 0.69 4.90
CA SER A 53 10.46 1.34 4.05
C SER A 53 10.35 0.81 2.62
N ILE A 54 9.78 1.60 1.73
CA ILE A 54 9.71 1.24 0.33
C ILE A 54 11.08 1.40 -0.32
N VAL A 55 11.76 0.29 -0.53
CA VAL A 55 13.07 0.30 -1.17
C VAL A 55 13.06 -0.49 -2.46
N SER A 56 13.13 0.22 -3.56
CA SER A 56 13.21 -0.37 -4.88
C SER A 56 13.80 0.67 -5.81
N SER A 57 15.09 0.58 -6.10
CA SER A 57 15.74 1.63 -6.85
C SER A 57 15.32 1.60 -8.32
N THR A 58 14.24 2.32 -8.57
CA THR A 58 13.81 2.75 -9.88
C THR A 58 12.76 3.81 -9.68
N PRO A 59 12.80 4.89 -10.45
CA PRO A 59 11.73 5.88 -10.42
C PRO A 59 10.40 5.24 -10.78
N LEU A 60 9.50 5.26 -9.82
CA LEU A 60 8.24 4.55 -9.93
C LEU A 60 7.11 5.49 -10.28
N SER A 61 6.27 5.06 -11.21
CA SER A 61 5.10 5.82 -11.61
C SER A 61 3.96 5.57 -10.64
N SER A 62 2.81 6.20 -10.89
CA SER A 62 1.65 6.04 -10.03
C SER A 62 1.32 4.57 -9.80
N ARG A 63 1.32 3.79 -10.87
CA ARG A 63 1.00 2.37 -10.76
C ARG A 63 2.16 1.60 -10.14
N GLU A 64 3.37 1.79 -10.68
CA GLU A 64 4.55 1.08 -10.21
C GLU A 64 4.72 1.20 -8.70
N LEU A 65 4.67 2.44 -8.22
CA LEU A 65 4.77 2.73 -6.80
C LEU A 65 3.72 1.96 -6.01
N TYR A 66 2.47 2.08 -6.44
CA TYR A 66 1.36 1.45 -5.75
C TYR A 66 1.56 -0.07 -5.64
N GLN A 67 2.21 -0.66 -6.65
CA GLN A 67 2.42 -2.10 -6.65
C GLN A 67 3.47 -2.49 -5.63
N VAL A 68 4.49 -1.65 -5.50
CA VAL A 68 5.55 -1.88 -4.53
C VAL A 68 5.04 -1.62 -3.11
N PHE A 69 4.13 -0.66 -3.00
CA PHE A 69 3.48 -0.37 -1.72
C PHE A 69 2.73 -1.61 -1.24
N LEU A 70 2.04 -2.25 -2.17
CA LEU A 70 1.31 -3.48 -1.86
C LEU A 70 2.28 -4.57 -1.41
N SER A 71 3.52 -4.47 -1.86
CA SER A 71 4.51 -5.48 -1.54
C SER A 71 5.16 -5.17 -0.20
N VAL A 72 5.41 -3.90 0.06
CA VAL A 72 6.06 -3.47 1.29
C VAL A 72 5.16 -3.75 2.49
N LEU A 73 3.85 -3.66 2.27
CA LEU A 73 2.88 -3.98 3.31
C LEU A 73 3.01 -5.42 3.73
N GLN A 74 3.12 -6.30 2.75
CA GLN A 74 3.22 -7.73 3.01
C GLN A 74 4.50 -8.06 3.76
N VAL A 75 5.47 -7.15 3.67
CA VAL A 75 6.72 -7.28 4.41
C VAL A 75 6.52 -6.84 5.87
N SER A 76 5.75 -5.77 6.04
CA SER A 76 5.51 -5.21 7.37
C SER A 76 4.41 -5.99 8.11
N GLY A 77 3.63 -6.76 7.34
CA GLY A 77 2.57 -7.55 7.93
C GLY A 77 1.19 -6.98 7.70
N TYR A 78 1.00 -6.28 6.58
CA TYR A 78 -0.26 -5.64 6.27
C TYR A 78 -0.64 -5.87 4.81
N ALA A 79 -1.81 -5.39 4.42
CA ALA A 79 -2.27 -5.52 3.06
C ALA A 79 -3.26 -4.41 2.73
N ALA A 80 -3.34 -4.06 1.45
CA ALA A 80 -4.25 -3.01 1.01
C ALA A 80 -5.43 -3.62 0.26
N ILE A 81 -6.62 -3.45 0.82
CA ILE A 81 -7.83 -4.01 0.23
C ILE A 81 -8.73 -2.89 -0.24
N PRO A 82 -8.88 -2.72 -1.57
CA PRO A 82 -9.74 -1.69 -2.15
C PRO A 82 -11.21 -1.90 -1.82
N ASN A 83 -11.74 -0.96 -1.07
CA ASN A 83 -13.15 -0.96 -0.71
C ASN A 83 -13.88 0.08 -1.55
N GLY A 84 -13.96 -0.17 -2.85
CA GLY A 84 -14.48 0.81 -3.77
C GLY A 84 -13.41 1.79 -4.20
N GLU A 85 -13.63 3.08 -3.95
CA GLU A 85 -12.68 4.11 -4.36
C GLU A 85 -11.63 4.32 -3.28
N ILE A 86 -11.90 3.80 -2.10
CA ILE A 86 -10.96 3.86 -0.99
C ILE A 86 -10.30 2.52 -0.79
N ILE A 87 -9.00 2.54 -0.61
CA ILE A 87 -8.25 1.32 -0.38
C ILE A 87 -7.90 1.20 1.10
N LYS A 88 -8.35 0.14 1.74
CA LYS A 88 -8.17 -0.01 3.17
C LYS A 88 -6.97 -0.90 3.49
N ILE A 89 -6.00 -0.33 4.20
CA ILE A 89 -4.82 -1.08 4.61
C ILE A 89 -5.01 -1.62 6.03
N ILE A 90 -4.92 -2.94 6.15
CA ILE A 90 -5.09 -3.59 7.43
C ILE A 90 -3.98 -4.62 7.65
N PRO A 91 -3.77 -5.07 8.90
CA PRO A 91 -2.79 -6.11 9.20
C PRO A 91 -3.30 -7.48 8.75
N ASN A 92 -2.83 -7.92 7.59
CA ASN A 92 -3.29 -9.19 7.02
C ASN A 92 -2.72 -10.40 7.77
N ILE A 93 -2.15 -10.14 8.94
CA ILE A 93 -1.63 -11.19 9.79
C ILE A 93 -2.73 -11.71 10.71
N ASP A 94 -3.90 -11.95 10.11
CA ASP A 94 -5.10 -12.37 10.83
C ASP A 94 -5.61 -11.25 11.74
N ALA A 95 -5.91 -10.11 11.14
CA ALA A 95 -6.42 -8.96 11.89
C ALA A 95 -7.26 -8.06 10.98
N LYS A 96 -8.38 -8.61 10.49
CA LYS A 96 -9.28 -7.86 9.63
C LYS A 96 -10.27 -7.06 10.46
N THR A 97 -10.84 -6.01 9.87
CA THR A 97 -11.77 -5.15 10.58
C THR A 97 -13.20 -5.32 10.07
N GLN A 98 -13.33 -5.80 8.84
CA GLN A 98 -14.64 -6.02 8.25
C GLN A 98 -15.15 -7.41 8.60
N SER A 99 -15.18 -7.71 9.90
CA SER A 99 -15.63 -8.99 10.38
C SER A 99 -16.48 -8.82 11.63
N PRO A 100 -17.77 -8.50 11.45
CA PRO A 100 -18.71 -8.33 12.55
C PRO A 100 -19.39 -9.65 12.92
N ASP A 101 -20.24 -9.59 13.94
CA ASP A 101 -21.01 -10.76 14.34
C ASP A 101 -22.29 -10.82 13.52
N LEU A 102 -22.69 -9.68 12.99
CA LEU A 102 -23.85 -9.60 12.11
C LEU A 102 -23.58 -10.33 10.81
N LEU A 103 -24.37 -11.37 10.57
CA LEU A 103 -24.21 -12.19 9.36
C LEU A 103 -22.82 -12.80 9.29
N SER A 104 -22.47 -13.51 10.35
CA SER A 104 -21.18 -14.19 10.43
C SER A 104 -21.12 -15.34 9.43
N GLY A 105 -20.30 -15.18 8.41
CA GLY A 105 -20.17 -16.20 7.40
C GLY A 105 -20.15 -15.60 6.02
N MET A 106 -20.71 -16.31 5.05
CA MET A 106 -20.74 -15.81 3.68
C MET A 106 -21.87 -14.81 3.51
N LYS A 107 -21.55 -13.54 3.64
CA LYS A 107 -22.52 -12.48 3.40
C LYS A 107 -22.46 -12.02 1.95
N SER A 108 -21.41 -12.46 1.26
CA SER A 108 -21.29 -12.26 -0.18
C SER A 108 -21.07 -13.60 -0.86
N PRO A 109 -22.17 -14.28 -1.26
CA PRO A 109 -22.11 -15.57 -1.96
C PRO A 109 -21.20 -15.58 -3.20
N PRO A 110 -21.33 -14.61 -4.14
CA PRO A 110 -20.42 -14.54 -5.30
C PRO A 110 -19.03 -14.10 -4.88
N ARG A 111 -18.02 -14.84 -5.31
CA ARG A 111 -16.66 -14.53 -4.94
C ARG A 111 -15.78 -14.43 -6.18
N MET A 1 3.86 -21.89 -28.09
CA MET A 1 5.02 -22.26 -27.22
C MET A 1 6.19 -21.31 -27.47
N ALA A 2 6.05 -20.42 -28.44
CA ALA A 2 7.11 -19.48 -28.76
C ALA A 2 6.75 -18.08 -28.28
N HIS A 3 7.78 -17.28 -28.02
CA HIS A 3 7.59 -15.92 -27.56
C HIS A 3 8.77 -15.06 -28.00
N HIS A 4 8.50 -14.06 -28.80
CA HIS A 4 9.54 -13.20 -29.34
C HIS A 4 9.35 -11.77 -28.88
N HIS A 5 10.45 -11.03 -28.79
CA HIS A 5 10.41 -9.66 -28.34
C HIS A 5 10.63 -8.70 -29.51
N HIS A 6 9.57 -8.43 -30.25
CA HIS A 6 9.64 -7.47 -31.34
C HIS A 6 9.15 -6.11 -30.87
N HIS A 7 7.95 -6.07 -30.30
CA HIS A 7 7.40 -4.85 -29.75
C HIS A 7 6.64 -5.13 -28.46
N HIS A 8 7.07 -4.49 -27.38
CA HIS A 8 6.40 -4.60 -26.10
C HIS A 8 5.36 -3.48 -25.97
N VAL A 9 5.28 -2.65 -27.01
CA VAL A 9 4.41 -1.48 -27.04
C VAL A 9 4.96 -0.40 -26.11
N ASP A 10 4.81 -0.63 -24.81
CA ASP A 10 5.36 0.28 -23.82
C ASP A 10 6.68 -0.28 -23.31
N ASP A 11 7.78 0.10 -23.93
CA ASP A 11 9.09 -0.36 -23.49
C ASP A 11 9.53 0.42 -22.27
N ASP A 12 9.02 1.64 -22.16
CA ASP A 12 9.29 2.48 -20.99
C ASP A 12 8.13 2.42 -20.03
N ASP A 13 7.47 1.26 -19.99
CA ASP A 13 6.37 1.03 -19.06
C ASP A 13 6.87 1.18 -17.63
N LYS A 14 8.08 0.67 -17.41
CA LYS A 14 8.75 0.77 -16.14
C LYS A 14 9.74 1.92 -16.15
N MET A 15 9.22 3.11 -16.39
CA MET A 15 10.01 4.32 -16.40
C MET A 15 9.25 5.43 -15.70
N GLY A 16 9.52 5.61 -14.42
CA GLY A 16 8.85 6.62 -13.65
C GLY A 16 9.71 7.84 -13.46
N SER A 17 9.23 8.76 -12.64
CA SER A 17 9.93 10.02 -12.42
C SER A 17 10.35 10.17 -10.97
N LYS A 18 10.20 9.11 -10.19
CA LYS A 18 10.51 9.16 -8.78
C LYS A 18 11.11 7.85 -8.29
N LEU A 19 12.38 7.90 -7.92
CA LEU A 19 13.05 6.77 -7.30
C LEU A 19 12.57 6.61 -5.87
N TRP A 20 12.43 5.38 -5.41
CA TRP A 20 11.93 5.13 -4.06
C TRP A 20 12.95 4.39 -3.20
N ASN A 21 13.47 5.11 -2.22
CA ASN A 21 14.36 4.55 -1.22
C ASN A 21 14.02 5.14 0.13
N LEU A 22 13.11 4.49 0.82
CA LEU A 22 12.69 4.96 2.13
C LEU A 22 13.36 4.14 3.22
N ARG A 23 13.59 4.77 4.35
CA ARG A 23 14.10 4.08 5.51
C ARG A 23 12.99 3.92 6.52
N ASN A 24 13.01 2.80 7.24
CA ASN A 24 11.95 2.41 8.17
C ASN A 24 11.38 3.58 8.95
N ALA A 25 10.25 4.08 8.46
CA ALA A 25 9.55 5.17 9.09
C ALA A 25 8.18 4.70 9.52
N ASP A 26 7.38 5.59 10.08
CA ASP A 26 6.04 5.23 10.49
C ASP A 26 5.23 4.72 9.30
N ILE A 27 4.51 3.63 9.53
CA ILE A 27 3.69 3.00 8.50
C ILE A 27 2.75 4.00 7.83
N ARG A 28 2.09 4.83 8.63
CA ARG A 28 1.07 5.74 8.10
C ARG A 28 1.73 6.91 7.40
N ALA A 29 3.01 7.14 7.70
CA ALA A 29 3.77 8.18 7.04
C ALA A 29 4.10 7.77 5.62
N VAL A 30 4.16 6.45 5.42
CA VAL A 30 4.41 5.90 4.10
C VAL A 30 3.11 5.76 3.33
N ILE A 31 2.08 5.25 4.00
CA ILE A 31 0.77 5.09 3.38
C ILE A 31 0.30 6.43 2.81
N ALA A 32 0.60 7.50 3.53
CA ALA A 32 0.29 8.85 3.08
C ALA A 32 1.23 9.31 1.98
N GLU A 33 2.49 8.88 2.06
CA GLU A 33 3.50 9.23 1.08
C GLU A 33 3.15 8.60 -0.27
N VAL A 34 2.71 7.35 -0.21
CA VAL A 34 2.27 6.62 -1.39
C VAL A 34 1.06 7.30 -2.01
N SER A 35 0.07 7.58 -1.18
CA SER A 35 -1.16 8.26 -1.61
C SER A 35 -0.85 9.58 -2.30
N ARG A 36 0.17 10.25 -1.80
CA ARG A 36 0.62 11.54 -2.32
C ARG A 36 0.92 11.46 -3.83
N ILE A 37 1.60 10.39 -4.24
CA ILE A 37 1.96 10.21 -5.64
C ILE A 37 0.88 9.43 -6.40
N THR A 38 0.39 8.37 -5.80
CA THR A 38 -0.56 7.47 -6.47
C THR A 38 -1.92 8.12 -6.68
N GLY A 39 -2.26 9.05 -5.80
CA GLY A 39 -3.54 9.71 -5.87
C GLY A 39 -4.66 8.82 -5.39
N LYS A 40 -4.32 7.83 -4.58
CA LYS A 40 -5.28 6.85 -4.10
C LYS A 40 -5.62 7.11 -2.66
N ASN A 41 -6.86 6.82 -2.36
CA ASN A 41 -7.42 7.02 -1.06
C ASN A 41 -7.17 5.82 -0.17
N PHE A 42 -6.64 6.05 1.01
CA PHE A 42 -6.30 4.97 1.91
C PHE A 42 -6.98 5.13 3.26
N VAL A 43 -7.45 4.01 3.79
CA VAL A 43 -8.05 3.98 5.11
C VAL A 43 -7.20 3.09 6.01
N ILE A 44 -6.63 3.65 7.05
CA ILE A 44 -5.70 2.91 7.88
C ILE A 44 -6.38 2.40 9.15
N ASP A 45 -6.32 1.09 9.35
CA ASP A 45 -6.87 0.46 10.54
C ASP A 45 -6.03 0.83 11.77
N PRO A 46 -6.68 1.07 12.92
CA PRO A 46 -5.99 1.49 14.16
C PRO A 46 -4.93 0.51 14.64
N ARG A 47 -4.96 -0.72 14.15
CA ARG A 47 -3.98 -1.73 14.55
C ARG A 47 -2.76 -1.67 13.64
N VAL A 48 -2.87 -0.94 12.54
CA VAL A 48 -1.76 -0.78 11.61
C VAL A 48 -0.74 0.20 12.17
N GLN A 49 0.20 -0.35 12.92
CA GLN A 49 1.18 0.45 13.67
C GLN A 49 2.56 -0.20 13.58
N GLY A 50 3.45 0.41 12.84
CA GLY A 50 4.78 -0.17 12.67
C GLY A 50 5.66 0.67 11.76
N LYS A 51 6.73 0.07 11.27
CA LYS A 51 7.66 0.75 10.37
C LYS A 51 7.57 0.18 8.96
N VAL A 52 7.66 1.08 7.99
CA VAL A 52 7.63 0.71 6.58
C VAL A 52 8.70 1.50 5.82
N SER A 53 9.31 0.87 4.83
CA SER A 53 10.29 1.52 3.98
C SER A 53 10.18 1.01 2.54
N ILE A 54 9.53 1.80 1.69
CA ILE A 54 9.39 1.44 0.28
C ILE A 54 10.71 1.66 -0.46
N VAL A 55 11.32 0.56 -0.87
CA VAL A 55 12.53 0.60 -1.68
C VAL A 55 12.33 -0.24 -2.93
N SER A 56 12.80 0.25 -4.06
CA SER A 56 12.56 -0.41 -5.33
C SER A 56 13.61 -0.02 -6.36
N SER A 57 13.54 -0.64 -7.53
CA SER A 57 14.42 -0.33 -8.65
C SER A 57 14.23 1.11 -9.12
N THR A 58 14.94 1.46 -10.20
CA THR A 58 14.89 2.80 -10.79
C THR A 58 13.46 3.40 -10.81
N PRO A 59 13.35 4.74 -10.89
CA PRO A 59 12.11 5.49 -10.64
C PRO A 59 10.83 4.81 -11.11
N LEU A 60 9.84 4.83 -10.22
CA LEU A 60 8.55 4.19 -10.44
C LEU A 60 7.53 5.22 -10.91
N SER A 61 6.55 4.73 -11.66
CA SER A 61 5.40 5.54 -12.03
C SER A 61 4.34 5.43 -10.95
N SER A 62 3.23 6.17 -11.09
CA SER A 62 2.20 6.21 -10.07
C SER A 62 1.69 4.81 -9.71
N ARG A 63 1.35 4.03 -10.73
CA ARG A 63 0.82 2.68 -10.50
C ARG A 63 1.90 1.76 -9.95
N GLU A 64 3.10 1.84 -10.54
CA GLU A 64 4.21 0.97 -10.16
C GLU A 64 4.56 1.16 -8.68
N LEU A 65 4.56 2.40 -8.23
CA LEU A 65 4.76 2.71 -6.83
C LEU A 65 3.77 1.95 -5.96
N TYR A 66 2.50 2.07 -6.29
CA TYR A 66 1.44 1.44 -5.53
C TYR A 66 1.64 -0.07 -5.48
N GLN A 67 2.18 -0.65 -6.54
CA GLN A 67 2.38 -2.10 -6.60
C GLN A 67 3.45 -2.51 -5.59
N VAL A 68 4.42 -1.64 -5.40
CA VAL A 68 5.48 -1.87 -4.42
C VAL A 68 4.97 -1.63 -3.01
N PHE A 69 4.08 -0.65 -2.87
CA PHE A 69 3.43 -0.38 -1.60
C PHE A 69 2.67 -1.62 -1.14
N LEU A 70 2.02 -2.28 -2.07
CA LEU A 70 1.30 -3.51 -1.78
C LEU A 70 2.26 -4.59 -1.29
N SER A 71 3.50 -4.51 -1.73
CA SER A 71 4.48 -5.51 -1.40
C SER A 71 5.18 -5.17 -0.09
N VAL A 72 5.39 -3.88 0.15
CA VAL A 72 6.06 -3.43 1.36
C VAL A 72 5.17 -3.71 2.58
N LEU A 73 3.87 -3.69 2.36
CA LEU A 73 2.91 -4.03 3.40
C LEU A 73 3.03 -5.48 3.78
N GLN A 74 3.18 -6.35 2.80
CA GLN A 74 3.27 -7.78 3.03
C GLN A 74 4.54 -8.13 3.81
N VAL A 75 5.54 -7.25 3.70
CA VAL A 75 6.75 -7.37 4.49
C VAL A 75 6.50 -6.86 5.91
N SER A 76 5.65 -5.84 5.98
CA SER A 76 5.34 -5.17 7.23
C SER A 76 4.29 -5.96 8.04
N GLY A 77 3.53 -6.81 7.37
CA GLY A 77 2.51 -7.59 8.03
C GLY A 77 1.11 -7.05 7.77
N TYR A 78 0.99 -6.26 6.70
CA TYR A 78 -0.26 -5.59 6.38
C TYR A 78 -0.59 -5.80 4.92
N ALA A 79 -1.72 -5.26 4.49
CA ALA A 79 -2.13 -5.33 3.11
C ALA A 79 -3.09 -4.22 2.79
N ALA A 80 -3.12 -3.81 1.54
CA ALA A 80 -4.01 -2.77 1.10
C ALA A 80 -5.27 -3.41 0.57
N ILE A 81 -6.34 -3.30 1.33
CA ILE A 81 -7.60 -3.94 1.01
C ILE A 81 -8.54 -2.94 0.35
N PRO A 82 -8.64 -2.98 -0.97
CA PRO A 82 -9.49 -2.06 -1.71
C PRO A 82 -10.97 -2.26 -1.38
N ASN A 83 -11.60 -1.15 -1.08
CA ASN A 83 -12.98 -1.13 -0.65
C ASN A 83 -13.80 -0.22 -1.58
N GLY A 84 -13.93 -0.65 -2.83
CA GLY A 84 -14.61 0.15 -3.82
C GLY A 84 -13.71 1.23 -4.40
N GLU A 85 -14.12 2.48 -4.26
CA GLU A 85 -13.32 3.58 -4.80
C GLU A 85 -12.17 3.93 -3.86
N ILE A 86 -12.23 3.43 -2.64
CA ILE A 86 -11.19 3.68 -1.65
C ILE A 86 -10.44 2.39 -1.33
N ILE A 87 -9.25 2.53 -0.75
CA ILE A 87 -8.47 1.37 -0.32
C ILE A 87 -8.26 1.44 1.19
N LYS A 88 -8.36 0.30 1.87
CA LYS A 88 -8.15 0.26 3.32
C LYS A 88 -6.98 -0.66 3.68
N ILE A 89 -5.93 -0.09 4.29
CA ILE A 89 -4.76 -0.87 4.68
C ILE A 89 -4.95 -1.45 6.07
N ILE A 90 -4.91 -2.78 6.18
CA ILE A 90 -5.07 -3.44 7.46
C ILE A 90 -3.99 -4.50 7.65
N PRO A 91 -3.81 -4.97 8.90
CA PRO A 91 -2.87 -6.04 9.23
C PRO A 91 -3.38 -7.39 8.75
N ASN A 92 -2.89 -7.83 7.59
CA ASN A 92 -3.37 -9.06 6.96
C ASN A 92 -2.86 -10.31 7.69
N ILE A 93 -2.28 -10.10 8.85
CA ILE A 93 -1.79 -11.19 9.68
C ILE A 93 -2.90 -11.70 10.59
N ASP A 94 -4.00 -10.97 10.59
CA ASP A 94 -5.14 -11.29 11.45
C ASP A 94 -6.44 -10.97 10.72
N ALA A 95 -6.90 -11.93 9.91
CA ALA A 95 -8.14 -11.82 9.14
C ALA A 95 -8.02 -10.75 8.04
N LYS A 96 -7.68 -11.20 6.84
CA LYS A 96 -7.46 -10.31 5.71
C LYS A 96 -8.78 -10.02 4.97
N THR A 97 -9.88 -10.49 5.55
CA THR A 97 -11.20 -10.34 4.93
C THR A 97 -11.80 -8.96 5.23
N GLN A 98 -10.93 -8.01 5.58
CA GLN A 98 -11.34 -6.65 5.91
C GLN A 98 -12.23 -6.63 7.14
N SER A 99 -11.89 -7.49 8.10
CA SER A 99 -12.59 -7.59 9.36
C SER A 99 -11.75 -8.40 10.33
N PRO A 100 -11.07 -7.72 11.27
CA PRO A 100 -10.07 -8.35 12.15
C PRO A 100 -10.67 -9.39 13.09
N ASP A 101 -9.85 -10.32 13.52
CA ASP A 101 -10.29 -11.40 14.39
C ASP A 101 -10.18 -10.95 15.86
N LEU A 102 -10.87 -9.85 16.17
CA LEU A 102 -10.81 -9.29 17.52
C LEU A 102 -11.99 -9.77 18.38
N LEU A 103 -12.63 -10.83 17.91
CA LEU A 103 -13.77 -11.43 18.60
C LEU A 103 -14.97 -10.50 18.57
N SER A 104 -15.63 -10.45 17.41
CA SER A 104 -16.79 -9.60 17.23
C SER A 104 -17.95 -10.10 18.10
N GLY A 105 -17.96 -11.41 18.36
CA GLY A 105 -18.96 -11.98 19.23
C GLY A 105 -18.63 -13.41 19.60
N MET A 106 -18.51 -13.68 20.90
CA MET A 106 -18.25 -15.03 21.36
C MET A 106 -19.55 -15.82 21.41
N LYS A 107 -20.52 -15.29 22.14
CA LYS A 107 -21.84 -15.90 22.22
C LYS A 107 -22.91 -14.86 21.92
N SER A 108 -22.50 -13.61 21.85
CA SER A 108 -23.42 -12.52 21.59
C SER A 108 -23.14 -11.90 20.23
N PRO A 109 -24.02 -12.13 19.23
CA PRO A 109 -23.88 -11.55 17.89
C PRO A 109 -23.89 -10.02 17.93
N PRO A 110 -23.21 -9.36 16.99
CA PRO A 110 -23.14 -7.89 16.92
C PRO A 110 -24.49 -7.25 16.58
N ARG A 111 -25.37 -7.19 17.57
CA ARG A 111 -26.67 -6.56 17.42
C ARG A 111 -27.19 -6.14 18.79
N MET A 1 13.07 36.74 1.66
CA MET A 1 14.34 36.41 0.96
C MET A 1 14.97 35.15 1.52
N ALA A 2 15.22 35.13 2.83
CA ALA A 2 15.91 34.02 3.48
C ALA A 2 15.15 32.70 3.35
N HIS A 3 13.96 32.63 3.94
CA HIS A 3 13.18 31.41 3.90
C HIS A 3 12.34 31.33 2.63
N HIS A 4 12.72 32.12 1.62
CA HIS A 4 12.08 32.06 0.33
C HIS A 4 12.65 30.90 -0.47
N HIS A 5 13.90 30.58 -0.18
CA HIS A 5 14.55 29.43 -0.80
C HIS A 5 13.93 28.16 -0.26
N HIS A 6 13.39 27.34 -1.13
CA HIS A 6 12.71 26.12 -0.72
C HIS A 6 13.74 25.08 -0.27
N HIS A 7 13.94 25.00 1.04
CA HIS A 7 14.93 24.10 1.61
C HIS A 7 14.34 22.71 1.84
N HIS A 8 14.02 22.03 0.76
CA HIS A 8 13.52 20.67 0.82
C HIS A 8 14.11 19.85 -0.32
N VAL A 9 13.79 20.23 -1.54
CA VAL A 9 14.33 19.58 -2.72
C VAL A 9 14.87 20.62 -3.69
N ASP A 10 16.00 21.22 -3.33
CA ASP A 10 16.65 22.20 -4.19
C ASP A 10 17.44 21.47 -5.27
N ASP A 11 18.28 20.54 -4.85
CA ASP A 11 19.02 19.70 -5.78
C ASP A 11 18.11 18.58 -6.26
N ASP A 12 18.14 18.31 -7.56
CA ASP A 12 17.26 17.30 -8.13
C ASP A 12 17.89 15.92 -8.10
N ASP A 13 17.69 15.22 -6.98
CA ASP A 13 18.16 13.85 -6.84
C ASP A 13 17.20 12.89 -7.55
N LYS A 14 16.85 13.26 -8.77
CA LYS A 14 15.86 12.53 -9.55
C LYS A 14 16.53 11.84 -10.73
N MET A 15 15.83 10.88 -11.31
CA MET A 15 16.36 10.14 -12.44
C MET A 15 15.40 10.21 -13.62
N GLY A 16 14.73 11.36 -13.74
CA GLY A 16 13.71 11.53 -14.76
C GLY A 16 12.34 11.13 -14.25
N SER A 17 12.35 10.50 -13.10
CA SER A 17 11.15 10.09 -12.40
C SER A 17 11.48 9.87 -10.93
N LYS A 18 10.49 9.50 -10.14
CA LYS A 18 10.66 9.46 -8.70
C LYS A 18 11.12 8.08 -8.22
N LEU A 19 12.39 8.01 -7.85
CA LEU A 19 12.98 6.81 -7.26
C LEU A 19 12.39 6.56 -5.87
N TRP A 20 12.32 5.29 -5.46
CA TRP A 20 11.76 4.94 -4.18
C TRP A 20 12.74 4.15 -3.32
N ASN A 21 13.36 4.85 -2.39
CA ASN A 21 14.24 4.23 -1.40
C ASN A 21 14.00 4.92 -0.06
N LEU A 22 13.04 4.40 0.68
CA LEU A 22 12.66 4.97 1.96
C LEU A 22 13.30 4.20 3.10
N ARG A 23 13.38 4.83 4.25
CA ARG A 23 13.91 4.18 5.45
C ARG A 23 12.78 3.94 6.44
N ASN A 24 12.89 2.82 7.17
CA ASN A 24 11.86 2.36 8.11
C ASN A 24 11.26 3.51 8.90
N ALA A 25 10.08 3.93 8.48
CA ALA A 25 9.37 5.01 9.13
C ALA A 25 7.98 4.55 9.54
N ASP A 26 7.21 5.45 10.16
CA ASP A 26 5.85 5.14 10.56
C ASP A 26 5.04 4.70 9.35
N ILE A 27 4.39 3.55 9.49
CA ILE A 27 3.62 2.95 8.42
C ILE A 27 2.56 3.91 7.87
N ARG A 28 1.93 4.69 8.73
CA ARG A 28 0.90 5.61 8.29
C ARG A 28 1.50 6.73 7.47
N ALA A 29 2.75 7.06 7.76
CA ALA A 29 3.45 8.11 7.05
C ALA A 29 3.78 7.65 5.63
N VAL A 30 3.99 6.35 5.48
CA VAL A 30 4.28 5.77 4.19
C VAL A 30 3.00 5.59 3.39
N ILE A 31 1.94 5.18 4.05
CA ILE A 31 0.64 5.02 3.41
C ILE A 31 0.12 6.36 2.89
N ALA A 32 0.43 7.42 3.63
CA ALA A 32 0.08 8.77 3.19
C ALA A 32 1.07 9.26 2.14
N GLU A 33 2.30 8.73 2.20
CA GLU A 33 3.33 9.09 1.24
C GLU A 33 2.98 8.53 -0.13
N VAL A 34 2.68 7.24 -0.19
CA VAL A 34 2.29 6.60 -1.43
C VAL A 34 1.00 7.23 -1.98
N SER A 35 0.08 7.58 -1.09
CA SER A 35 -1.17 8.24 -1.47
C SER A 35 -0.88 9.54 -2.22
N ARG A 36 0.18 10.23 -1.81
CA ARG A 36 0.53 11.52 -2.37
C ARG A 36 0.91 11.40 -3.84
N ILE A 37 1.62 10.34 -4.19
CA ILE A 37 2.09 10.15 -5.55
C ILE A 37 1.06 9.39 -6.39
N THR A 38 0.40 8.42 -5.78
CA THR A 38 -0.54 7.58 -6.50
C THR A 38 -1.87 8.29 -6.74
N GLY A 39 -2.24 9.16 -5.81
CA GLY A 39 -3.51 9.85 -5.89
C GLY A 39 -4.65 8.95 -5.49
N LYS A 40 -4.38 8.01 -4.60
CA LYS A 40 -5.36 7.02 -4.19
C LYS A 40 -5.76 7.22 -2.73
N ASN A 41 -7.00 6.87 -2.42
CA ASN A 41 -7.55 7.07 -1.08
C ASN A 41 -7.34 5.84 -0.23
N PHE A 42 -6.55 5.97 0.82
CA PHE A 42 -6.26 4.84 1.68
C PHE A 42 -6.95 4.95 3.02
N VAL A 43 -7.48 3.82 3.48
CA VAL A 43 -8.07 3.72 4.80
C VAL A 43 -7.14 2.90 5.68
N ILE A 44 -6.73 3.46 6.80
CA ILE A 44 -5.80 2.78 7.68
C ILE A 44 -6.47 2.36 8.98
N ASP A 45 -6.42 1.07 9.26
CA ASP A 45 -6.94 0.54 10.52
C ASP A 45 -6.01 0.93 11.66
N PRO A 46 -6.58 1.28 12.83
CA PRO A 46 -5.80 1.61 14.03
C PRO A 46 -4.83 0.50 14.44
N ARG A 47 -5.08 -0.71 13.94
CA ARG A 47 -4.22 -1.86 14.21
C ARG A 47 -2.95 -1.81 13.36
N VAL A 48 -2.96 -1.01 12.31
CA VAL A 48 -1.80 -0.88 11.43
C VAL A 48 -0.75 0.01 12.10
N GLN A 49 0.25 -0.63 12.69
CA GLN A 49 1.21 0.05 13.54
C GLN A 49 2.59 -0.62 13.45
N GLY A 50 3.48 -0.02 12.68
CA GLY A 50 4.80 -0.57 12.53
C GLY A 50 5.66 0.31 11.65
N LYS A 51 6.82 -0.20 11.24
CA LYS A 51 7.73 0.55 10.38
C LYS A 51 7.72 -0.01 8.97
N VAL A 52 7.85 0.89 8.01
CA VAL A 52 7.86 0.54 6.60
C VAL A 52 8.93 1.34 5.85
N SER A 53 9.67 0.66 5.00
CA SER A 53 10.64 1.31 4.13
C SER A 53 10.51 0.81 2.69
N ILE A 54 9.97 1.64 1.82
CA ILE A 54 9.83 1.27 0.43
C ILE A 54 11.14 1.43 -0.32
N VAL A 55 11.84 0.32 -0.51
CA VAL A 55 13.05 0.29 -1.32
C VAL A 55 12.80 -0.53 -2.58
N SER A 56 13.02 0.07 -3.74
CA SER A 56 12.69 -0.59 -4.99
C SER A 56 13.64 -0.19 -6.10
N SER A 57 13.47 -0.84 -7.24
CA SER A 57 14.21 -0.55 -8.47
C SER A 57 13.99 0.90 -8.94
N THR A 58 14.59 1.21 -10.10
CA THR A 58 14.51 2.52 -10.73
C THR A 58 13.12 3.18 -10.60
N PRO A 59 13.09 4.53 -10.68
CA PRO A 59 11.89 5.35 -10.40
C PRO A 59 10.57 4.73 -10.84
N LEU A 60 9.61 4.77 -9.93
CA LEU A 60 8.31 4.18 -10.15
C LEU A 60 7.28 5.26 -10.48
N SER A 61 6.41 4.99 -11.42
CA SER A 61 5.36 5.90 -11.78
C SER A 61 4.15 5.68 -10.87
N SER A 62 3.09 6.45 -11.10
CA SER A 62 1.92 6.48 -10.23
C SER A 62 1.44 5.09 -9.82
N ARG A 63 1.12 4.24 -10.80
CA ARG A 63 0.60 2.91 -10.50
C ARG A 63 1.70 1.96 -10.04
N GLU A 64 2.86 2.06 -10.69
CA GLU A 64 4.01 1.21 -10.38
C GLU A 64 4.36 1.30 -8.90
N LEU A 65 4.34 2.53 -8.38
CA LEU A 65 4.55 2.76 -6.96
C LEU A 65 3.52 2.03 -6.13
N TYR A 66 2.26 2.22 -6.46
CA TYR A 66 1.18 1.58 -5.71
C TYR A 66 1.41 0.07 -5.60
N GLN A 67 2.14 -0.49 -6.56
CA GLN A 67 2.38 -1.92 -6.56
C GLN A 67 3.47 -2.27 -5.56
N VAL A 68 4.44 -1.38 -5.41
CA VAL A 68 5.52 -1.59 -4.45
C VAL A 68 4.99 -1.46 -3.03
N PHE A 69 4.05 -0.54 -2.85
CA PHE A 69 3.38 -0.33 -1.58
C PHE A 69 2.66 -1.61 -1.15
N LEU A 70 2.05 -2.28 -2.13
CA LEU A 70 1.37 -3.54 -1.88
C LEU A 70 2.37 -4.59 -1.43
N SER A 71 3.62 -4.42 -1.82
CA SER A 71 4.65 -5.37 -1.49
C SER A 71 5.23 -5.05 -0.13
N VAL A 72 5.48 -3.77 0.12
CA VAL A 72 6.09 -3.32 1.36
C VAL A 72 5.15 -3.60 2.54
N LEU A 73 3.85 -3.56 2.29
CA LEU A 73 2.87 -3.89 3.30
C LEU A 73 3.01 -5.32 3.73
N GLN A 74 3.09 -6.21 2.76
CA GLN A 74 3.20 -7.64 3.04
C GLN A 74 4.50 -7.94 3.78
N VAL A 75 5.48 -7.06 3.63
CA VAL A 75 6.73 -7.17 4.37
C VAL A 75 6.54 -6.73 5.83
N SER A 76 5.74 -5.69 6.03
CA SER A 76 5.50 -5.18 7.37
C SER A 76 4.40 -5.99 8.08
N GLY A 77 3.62 -6.73 7.29
CA GLY A 77 2.57 -7.57 7.85
C GLY A 77 1.18 -7.01 7.64
N TYR A 78 1.00 -6.23 6.58
CA TYR A 78 -0.27 -5.59 6.28
C TYR A 78 -0.62 -5.80 4.82
N ALA A 79 -1.78 -5.30 4.41
CA ALA A 79 -2.22 -5.44 3.03
C ALA A 79 -3.18 -4.33 2.67
N ALA A 80 -3.18 -3.96 1.39
CA ALA A 80 -4.09 -2.96 0.89
C ALA A 80 -5.26 -3.62 0.17
N ILE A 81 -6.43 -3.52 0.78
CA ILE A 81 -7.63 -4.13 0.22
C ILE A 81 -8.56 -3.04 -0.30
N PRO A 82 -8.68 -2.91 -1.62
CA PRO A 82 -9.57 -1.93 -2.23
C PRO A 82 -11.03 -2.20 -1.90
N ASN A 83 -11.69 -1.16 -1.41
CA ASN A 83 -13.08 -1.25 -1.01
C ASN A 83 -13.92 -0.24 -1.79
N GLY A 84 -14.16 -0.53 -3.05
CA GLY A 84 -14.94 0.36 -3.88
C GLY A 84 -14.10 1.50 -4.43
N GLU A 85 -14.27 2.70 -3.86
CA GLU A 85 -13.58 3.88 -4.35
C GLU A 85 -12.39 4.22 -3.47
N ILE A 86 -12.18 3.38 -2.46
CA ILE A 86 -11.11 3.57 -1.51
C ILE A 86 -10.31 2.29 -1.36
N ILE A 87 -9.16 2.37 -0.74
CA ILE A 87 -8.33 1.21 -0.48
C ILE A 87 -7.97 1.14 1.00
N LYS A 88 -8.33 0.05 1.65
CA LYS A 88 -8.13 -0.09 3.08
C LYS A 88 -6.91 -0.96 3.40
N ILE A 89 -5.95 -0.39 4.11
CA ILE A 89 -4.77 -1.11 4.55
C ILE A 89 -4.99 -1.64 5.96
N ILE A 90 -4.92 -2.95 6.11
CA ILE A 90 -5.09 -3.58 7.40
C ILE A 90 -4.02 -4.64 7.62
N PRO A 91 -3.80 -5.05 8.88
CA PRO A 91 -2.87 -6.11 9.23
C PRO A 91 -3.38 -7.46 8.77
N ASN A 92 -2.82 -7.95 7.67
CA ASN A 92 -3.26 -9.21 7.07
C ASN A 92 -2.56 -10.40 7.71
N ILE A 93 -1.95 -10.17 8.86
CA ILE A 93 -1.23 -11.22 9.59
C ILE A 93 -2.15 -12.42 9.89
N ASP A 94 -1.98 -13.47 9.09
CA ASP A 94 -2.80 -14.68 9.15
C ASP A 94 -4.25 -14.39 8.74
N ALA A 95 -4.99 -13.70 9.60
CA ALA A 95 -6.38 -13.40 9.32
C ALA A 95 -6.55 -11.93 8.97
N LYS A 96 -7.27 -11.67 7.88
CA LYS A 96 -7.56 -10.30 7.47
C LYS A 96 -9.07 -10.06 7.43
N THR A 97 -9.80 -10.93 8.12
CA THR A 97 -11.25 -10.83 8.18
C THR A 97 -11.68 -9.74 9.16
N GLN A 98 -12.84 -9.14 8.90
CA GLN A 98 -13.37 -8.11 9.78
C GLN A 98 -14.06 -8.75 10.97
N SER A 99 -13.26 -9.23 11.91
CA SER A 99 -13.76 -9.85 13.12
C SER A 99 -13.96 -8.80 14.21
N PRO A 100 -15.14 -8.81 14.85
CA PRO A 100 -15.47 -7.84 15.91
C PRO A 100 -14.75 -8.16 17.21
N ASP A 101 -14.55 -7.14 18.03
CA ASP A 101 -13.86 -7.31 19.31
C ASP A 101 -14.84 -7.77 20.39
N LEU A 102 -15.71 -8.70 20.02
CA LEU A 102 -16.68 -9.26 20.95
C LEU A 102 -16.33 -10.70 21.28
N LEU A 103 -16.25 -11.01 22.56
CA LEU A 103 -15.96 -12.35 23.01
C LEU A 103 -17.18 -13.23 22.84
N SER A 104 -16.98 -14.43 22.30
CA SER A 104 -18.08 -15.35 22.01
C SER A 104 -19.08 -14.71 21.06
N GLY A 105 -18.57 -14.03 20.05
CA GLY A 105 -19.43 -13.37 19.09
C GLY A 105 -19.58 -14.17 17.82
N MET A 106 -20.76 -14.76 17.64
CA MET A 106 -21.04 -15.57 16.46
C MET A 106 -21.24 -14.69 15.24
N LYS A 107 -21.89 -13.56 15.44
CA LYS A 107 -22.20 -12.64 14.36
C LYS A 107 -21.19 -11.50 14.29
N SER A 108 -20.76 -11.19 13.08
CA SER A 108 -19.90 -10.05 12.85
C SER A 108 -20.71 -8.91 12.24
N PRO A 109 -21.06 -7.88 13.03
CA PRO A 109 -21.88 -6.76 12.58
C PRO A 109 -21.17 -5.91 11.54
N PRO A 110 -21.66 -5.92 10.28
CA PRO A 110 -21.07 -5.14 9.18
C PRO A 110 -21.35 -3.64 9.31
N ARG A 111 -22.27 -3.29 10.18
CA ARG A 111 -22.63 -1.88 10.41
C ARG A 111 -21.64 -1.25 11.37
N MET A 1 16.10 9.82 -22.50
CA MET A 1 15.92 8.39 -22.89
C MET A 1 15.26 8.29 -24.27
N ALA A 2 15.40 9.32 -25.08
CA ALA A 2 14.77 9.35 -26.39
C ALA A 2 15.75 9.83 -27.47
N HIS A 3 15.68 9.21 -28.64
CA HIS A 3 16.49 9.62 -29.78
C HIS A 3 15.59 9.89 -30.98
N HIS A 4 14.68 8.96 -31.24
CA HIS A 4 13.73 9.10 -32.33
C HIS A 4 12.34 8.68 -31.87
N HIS A 5 11.38 8.69 -32.78
CA HIS A 5 9.99 8.36 -32.48
C HIS A 5 9.40 9.40 -31.53
N HIS A 6 9.22 10.61 -32.06
CA HIS A 6 8.65 11.71 -31.28
C HIS A 6 7.20 11.41 -30.89
N HIS A 7 6.58 10.49 -31.61
CA HIS A 7 5.24 10.04 -31.30
C HIS A 7 5.28 8.53 -31.05
N HIS A 8 5.03 8.14 -29.81
CA HIS A 8 5.13 6.74 -29.42
C HIS A 8 3.87 5.97 -29.78
N VAL A 9 3.82 5.46 -31.00
CA VAL A 9 2.73 4.59 -31.42
C VAL A 9 2.99 3.18 -30.91
N ASP A 10 4.24 2.95 -30.53
CA ASP A 10 4.64 1.69 -29.91
C ASP A 10 4.51 1.81 -28.40
N ASP A 11 4.18 0.71 -27.74
CA ASP A 11 4.03 0.72 -26.29
C ASP A 11 5.33 0.30 -25.62
N ASP A 12 5.78 1.12 -24.67
CA ASP A 12 7.01 0.85 -23.93
C ASP A 12 6.83 1.21 -22.46
N ASP A 13 7.80 0.87 -21.64
CA ASP A 13 7.71 1.10 -20.20
C ASP A 13 7.77 2.59 -19.88
N LYS A 14 6.77 3.05 -19.14
CA LYS A 14 6.73 4.44 -18.70
C LYS A 14 6.97 4.52 -17.20
N MET A 15 8.24 4.60 -16.81
CA MET A 15 8.60 4.72 -15.40
C MET A 15 8.41 6.16 -14.94
N GLY A 16 8.67 6.41 -13.67
CA GLY A 16 8.47 7.73 -13.13
C GLY A 16 9.76 8.52 -13.07
N SER A 17 9.70 9.67 -12.42
CA SER A 17 10.89 10.49 -12.22
C SER A 17 11.20 10.62 -10.73
N LYS A 18 10.66 9.70 -9.96
CA LYS A 18 10.88 9.69 -8.52
C LYS A 18 11.40 8.33 -8.07
N LEU A 19 12.65 8.30 -7.66
CA LEU A 19 13.30 7.08 -7.20
C LEU A 19 12.87 6.76 -5.77
N TRP A 20 12.49 5.51 -5.52
CA TRP A 20 11.95 5.13 -4.23
C TRP A 20 12.90 4.25 -3.42
N ASN A 21 13.66 4.90 -2.55
CA ASN A 21 14.43 4.22 -1.52
C ASN A 21 14.10 4.89 -0.19
N LEU A 22 13.04 4.41 0.43
CA LEU A 22 12.53 5.00 1.66
C LEU A 22 13.09 4.27 2.87
N ARG A 23 13.03 4.91 4.03
CA ARG A 23 13.58 4.34 5.25
C ARG A 23 12.46 3.98 6.22
N ASN A 24 12.70 2.90 6.97
CA ASN A 24 11.73 2.33 7.91
C ASN A 24 11.06 3.42 8.74
N ALA A 25 9.85 3.78 8.35
CA ALA A 25 9.12 4.83 9.01
C ALA A 25 7.73 4.34 9.41
N ASP A 26 6.98 5.21 10.06
CA ASP A 26 5.61 4.91 10.44
C ASP A 26 4.81 4.47 9.21
N ILE A 27 4.17 3.32 9.34
CA ILE A 27 3.43 2.71 8.25
C ILE A 27 2.40 3.67 7.64
N ARG A 28 1.74 4.46 8.47
CA ARG A 28 0.72 5.37 7.97
C ARG A 28 1.35 6.53 7.23
N ALA A 29 2.58 6.84 7.61
CA ALA A 29 3.34 7.88 6.95
C ALA A 29 3.70 7.43 5.55
N VAL A 30 3.84 6.12 5.39
CA VAL A 30 4.13 5.53 4.09
C VAL A 30 2.85 5.34 3.28
N ILE A 31 1.76 5.02 3.96
CA ILE A 31 0.48 4.89 3.29
C ILE A 31 0.00 6.25 2.80
N ALA A 32 0.41 7.31 3.50
CA ALA A 32 0.18 8.67 3.03
C ALA A 32 1.26 9.08 2.04
N GLU A 33 2.42 8.44 2.17
CA GLU A 33 3.56 8.64 1.28
C GLU A 33 3.21 8.17 -0.12
N VAL A 34 2.70 6.95 -0.21
CA VAL A 34 2.30 6.38 -1.49
C VAL A 34 1.12 7.15 -2.10
N SER A 35 0.14 7.52 -1.26
CA SER A 35 -1.04 8.23 -1.75
C SER A 35 -0.70 9.63 -2.22
N ARG A 36 0.41 10.16 -1.71
CA ARG A 36 0.88 11.49 -2.11
C ARG A 36 1.19 11.52 -3.61
N ILE A 37 1.77 10.43 -4.10
CA ILE A 37 2.11 10.31 -5.52
C ILE A 37 0.99 9.64 -6.31
N THR A 38 0.47 8.53 -5.78
CA THR A 38 -0.53 7.73 -6.50
C THR A 38 -1.85 8.47 -6.61
N GLY A 39 -2.16 9.28 -5.61
CA GLY A 39 -3.40 10.04 -5.60
C GLY A 39 -4.59 9.18 -5.25
N LYS A 40 -4.32 8.03 -4.65
CA LYS A 40 -5.38 7.07 -4.31
C LYS A 40 -5.79 7.24 -2.86
N ASN A 41 -7.03 6.91 -2.57
CA ASN A 41 -7.57 7.06 -1.22
C ASN A 41 -7.31 5.81 -0.42
N PHE A 42 -6.86 5.96 0.82
CA PHE A 42 -6.52 4.81 1.66
C PHE A 42 -7.22 4.88 3.01
N VAL A 43 -7.71 3.73 3.44
CA VAL A 43 -8.35 3.59 4.75
C VAL A 43 -7.48 2.71 5.64
N ILE A 44 -6.91 3.30 6.66
CA ILE A 44 -5.99 2.58 7.52
C ILE A 44 -6.66 2.16 8.82
N ASP A 45 -6.63 0.87 9.12
CA ASP A 45 -7.12 0.36 10.39
C ASP A 45 -6.23 0.83 11.53
N PRO A 46 -6.82 1.24 12.67
CA PRO A 46 -6.07 1.74 13.83
C PRO A 46 -5.03 0.76 14.37
N ARG A 47 -5.09 -0.51 13.94
CA ARG A 47 -4.09 -1.49 14.38
C ARG A 47 -2.89 -1.49 13.45
N VAL A 48 -3.01 -0.82 12.31
CA VAL A 48 -1.92 -0.76 11.34
C VAL A 48 -0.84 0.18 11.85
N GLN A 49 0.17 -0.40 12.50
CA GLN A 49 1.29 0.35 13.02
C GLN A 49 2.56 -0.49 12.98
N GLY A 50 3.53 -0.02 12.22
CA GLY A 50 4.77 -0.73 12.04
C GLY A 50 5.72 0.08 11.20
N LYS A 51 6.80 -0.52 10.75
CA LYS A 51 7.78 0.19 9.95
C LYS A 51 7.78 -0.30 8.50
N VAL A 52 7.61 0.64 7.59
CA VAL A 52 7.65 0.35 6.18
C VAL A 52 8.65 1.25 5.48
N SER A 53 9.50 0.65 4.66
CA SER A 53 10.41 1.40 3.82
C SER A 53 10.32 0.90 2.40
N ILE A 54 9.71 1.69 1.54
CA ILE A 54 9.60 1.31 0.14
C ILE A 54 10.96 1.43 -0.53
N VAL A 55 11.62 0.28 -0.69
CA VAL A 55 12.93 0.25 -1.30
C VAL A 55 12.94 -0.63 -2.55
N SER A 56 12.84 0.04 -3.69
CA SER A 56 12.94 -0.61 -4.98
C SER A 56 13.63 0.36 -5.91
N SER A 57 14.91 0.13 -6.21
CA SER A 57 15.68 1.14 -6.92
C SER A 57 15.26 1.23 -8.37
N THR A 58 14.25 2.05 -8.59
CA THR A 58 13.84 2.55 -9.88
C THR A 58 12.88 3.70 -9.64
N PRO A 59 12.98 4.79 -10.39
CA PRO A 59 11.98 5.83 -10.34
C PRO A 59 10.63 5.28 -10.76
N LEU A 60 9.69 5.30 -9.82
CA LEU A 60 8.42 4.64 -10.00
C LEU A 60 7.34 5.66 -10.33
N SER A 61 6.48 5.29 -11.26
CA SER A 61 5.34 6.13 -11.61
C SER A 61 4.20 5.82 -10.65
N SER A 62 3.07 6.51 -10.82
CA SER A 62 1.95 6.40 -9.91
C SER A 62 1.52 4.95 -9.70
N ARG A 63 1.29 4.24 -10.79
CA ARG A 63 0.84 2.85 -10.72
C ARG A 63 1.96 1.97 -10.19
N GLU A 64 3.15 2.13 -10.76
CA GLU A 64 4.31 1.31 -10.41
C GLU A 64 4.59 1.38 -8.91
N LEU A 65 4.57 2.59 -8.38
CA LEU A 65 4.75 2.82 -6.96
C LEU A 65 3.73 2.05 -6.14
N TYR A 66 2.47 2.23 -6.49
CA TYR A 66 1.37 1.59 -5.77
C TYR A 66 1.54 0.07 -5.74
N GLN A 67 2.12 -0.50 -6.80
CA GLN A 67 2.28 -1.94 -6.88
C GLN A 67 3.34 -2.42 -5.90
N VAL A 68 4.38 -1.61 -5.73
CA VAL A 68 5.45 -1.93 -4.79
C VAL A 68 4.95 -1.78 -3.36
N PHE A 69 4.19 -0.71 -3.12
CA PHE A 69 3.59 -0.44 -1.81
C PHE A 69 2.84 -1.67 -1.30
N LEU A 70 2.19 -2.37 -2.21
CA LEU A 70 1.39 -3.54 -1.87
C LEU A 70 2.25 -4.68 -1.37
N SER A 71 3.52 -4.65 -1.73
CA SER A 71 4.45 -5.69 -1.35
C SER A 71 5.13 -5.34 -0.04
N VAL A 72 5.35 -4.04 0.18
CA VAL A 72 6.03 -3.58 1.38
C VAL A 72 5.14 -3.78 2.60
N LEU A 73 3.84 -3.73 2.36
CA LEU A 73 2.86 -4.06 3.39
C LEU A 73 3.06 -5.48 3.86
N GLN A 74 3.33 -6.36 2.92
CA GLN A 74 3.52 -7.77 3.21
C GLN A 74 4.81 -7.98 4.00
N VAL A 75 5.71 -7.02 3.88
CA VAL A 75 6.94 -7.00 4.66
C VAL A 75 6.65 -6.60 6.10
N SER A 76 5.67 -5.70 6.29
CA SER A 76 5.33 -5.23 7.62
C SER A 76 4.23 -6.08 8.25
N GLY A 77 3.47 -6.79 7.41
CA GLY A 77 2.42 -7.66 7.90
C GLY A 77 1.02 -7.08 7.69
N TYR A 78 0.83 -6.36 6.59
CA TYR A 78 -0.45 -5.72 6.31
C TYR A 78 -0.82 -5.95 4.86
N ALA A 79 -2.00 -5.50 4.47
CA ALA A 79 -2.47 -5.67 3.11
C ALA A 79 -3.42 -4.55 2.72
N ALA A 80 -3.37 -4.17 1.45
CA ALA A 80 -4.25 -3.14 0.93
C ALA A 80 -5.43 -3.76 0.18
N ILE A 81 -6.62 -3.59 0.71
CA ILE A 81 -7.81 -4.15 0.10
C ILE A 81 -8.71 -3.04 -0.41
N PRO A 82 -8.80 -2.88 -1.74
CA PRO A 82 -9.64 -1.86 -2.35
C PRO A 82 -11.13 -2.07 -2.04
N ASN A 83 -11.75 -1.01 -1.56
CA ASN A 83 -13.16 -1.02 -1.22
C ASN A 83 -13.86 0.07 -2.00
N GLY A 84 -13.88 -0.08 -3.32
CA GLY A 84 -14.44 0.94 -4.18
C GLY A 84 -13.43 2.05 -4.46
N GLU A 85 -13.82 3.28 -4.16
CA GLU A 85 -12.96 4.44 -4.42
C GLU A 85 -11.86 4.54 -3.38
N ILE A 86 -12.01 3.79 -2.30
CA ILE A 86 -11.06 3.82 -1.20
C ILE A 86 -10.38 2.47 -1.05
N ILE A 87 -9.09 2.48 -0.81
CA ILE A 87 -8.35 1.24 -0.55
C ILE A 87 -8.05 1.11 0.93
N LYS A 88 -8.48 0.02 1.54
CA LYS A 88 -8.33 -0.15 2.98
C LYS A 88 -7.15 -1.06 3.32
N ILE A 89 -6.14 -0.48 3.99
CA ILE A 89 -4.98 -1.24 4.44
C ILE A 89 -5.22 -1.74 5.85
N ILE A 90 -5.17 -3.06 6.01
CA ILE A 90 -5.38 -3.67 7.30
C ILE A 90 -4.30 -4.72 7.58
N PRO A 91 -4.10 -5.08 8.84
CA PRO A 91 -3.13 -6.12 9.21
C PRO A 91 -3.61 -7.51 8.79
N ASN A 92 -2.94 -8.09 7.80
CA ASN A 92 -3.30 -9.41 7.32
C ASN A 92 -2.71 -10.49 8.21
N ILE A 93 -1.97 -10.04 9.22
CA ILE A 93 -1.28 -10.91 10.15
C ILE A 93 -2.22 -11.49 11.21
N ASP A 94 -2.99 -12.50 10.82
CA ASP A 94 -3.88 -13.23 11.73
C ASP A 94 -4.91 -12.32 12.37
N ALA A 95 -5.40 -11.36 11.60
CA ALA A 95 -6.43 -10.45 12.08
C ALA A 95 -7.72 -10.68 11.28
N LYS A 96 -8.77 -9.98 11.67
CA LYS A 96 -10.06 -10.11 10.99
C LYS A 96 -10.03 -9.43 9.64
N THR A 97 -9.94 -10.23 8.59
CA THR A 97 -9.86 -9.73 7.22
C THR A 97 -11.24 -9.62 6.59
N GLN A 98 -11.88 -10.78 6.36
CA GLN A 98 -13.17 -10.82 5.70
C GLN A 98 -14.29 -10.38 6.63
N SER A 99 -14.02 -10.39 7.93
CA SER A 99 -15.01 -10.01 8.92
C SER A 99 -14.43 -9.05 9.95
N PRO A 100 -14.07 -7.82 9.54
CA PRO A 100 -13.49 -6.82 10.45
C PRO A 100 -14.50 -6.38 11.51
N ASP A 101 -15.58 -5.77 11.06
CA ASP A 101 -16.66 -5.37 11.95
C ASP A 101 -17.83 -6.33 11.78
N LEU A 102 -17.71 -7.23 10.82
CA LEU A 102 -18.76 -8.20 10.51
C LEU A 102 -18.68 -9.40 11.44
N LEU A 103 -18.48 -9.12 12.72
CA LEU A 103 -18.39 -10.17 13.73
C LEU A 103 -19.33 -9.84 14.87
N SER A 104 -20.61 -9.79 14.57
CA SER A 104 -21.63 -9.53 15.57
C SER A 104 -22.27 -10.85 16.02
N GLY A 105 -21.81 -11.94 15.43
CA GLY A 105 -22.28 -13.25 15.80
C GLY A 105 -22.91 -13.99 14.64
N MET A 106 -23.17 -15.28 14.84
CA MET A 106 -23.80 -16.09 13.81
C MET A 106 -25.28 -16.27 14.10
N LYS A 107 -25.85 -15.31 14.82
CA LYS A 107 -27.27 -15.31 15.11
C LYS A 107 -27.97 -14.31 14.21
N SER A 108 -29.08 -14.74 13.62
CA SER A 108 -29.87 -13.87 12.76
C SER A 108 -30.87 -13.08 13.59
N PRO A 109 -30.72 -11.74 13.64
CA PRO A 109 -31.61 -10.86 14.42
C PRO A 109 -33.08 -11.05 14.04
N PRO A 110 -33.89 -11.54 14.98
CA PRO A 110 -35.32 -11.80 14.75
C PRO A 110 -36.08 -10.53 14.38
N ARG A 111 -36.74 -10.56 13.23
CA ARG A 111 -37.50 -9.42 12.75
C ARG A 111 -38.98 -9.76 12.70
N MET A 1 -12.91 11.10 -18.98
CA MET A 1 -11.87 10.21 -18.40
C MET A 1 -11.58 9.04 -19.34
N ALA A 2 -12.61 8.27 -19.66
CA ALA A 2 -12.46 7.11 -20.52
C ALA A 2 -12.57 7.49 -21.98
N HIS A 3 -11.60 8.27 -22.46
CA HIS A 3 -11.59 8.71 -23.85
C HIS A 3 -11.07 7.61 -24.77
N HIS A 4 -10.64 6.51 -24.16
CA HIS A 4 -10.13 5.38 -24.92
C HIS A 4 -10.53 4.08 -24.23
N HIS A 5 -10.96 3.10 -25.03
CA HIS A 5 -11.33 1.78 -24.49
C HIS A 5 -10.52 0.70 -25.19
N HIS A 6 -10.36 -0.44 -24.52
CA HIS A 6 -9.50 -1.54 -25.00
C HIS A 6 -8.04 -1.14 -24.93
N HIS A 7 -7.19 -2.05 -24.48
CA HIS A 7 -5.76 -1.79 -24.38
C HIS A 7 -4.96 -2.89 -25.05
N HIS A 8 -4.02 -2.48 -25.89
CA HIS A 8 -3.13 -3.42 -26.56
C HIS A 8 -1.68 -2.99 -26.37
N VAL A 9 -1.06 -3.53 -25.35
CA VAL A 9 0.32 -3.19 -25.02
C VAL A 9 1.10 -4.46 -24.71
N ASP A 10 2.39 -4.47 -25.05
CA ASP A 10 3.23 -5.62 -24.77
C ASP A 10 4.45 -5.21 -23.95
N ASP A 11 5.04 -4.08 -24.30
CA ASP A 11 6.19 -3.57 -23.57
C ASP A 11 5.79 -2.39 -22.71
N ASP A 12 6.20 -2.40 -21.45
CA ASP A 12 5.77 -1.39 -20.49
C ASP A 12 6.81 -0.29 -20.33
N ASP A 13 6.37 0.95 -20.45
CA ASP A 13 7.25 2.10 -20.23
C ASP A 13 6.59 3.11 -19.30
N LYS A 14 5.76 2.62 -18.39
CA LYS A 14 5.03 3.50 -17.49
C LYS A 14 5.88 3.83 -16.25
N MET A 15 7.12 4.22 -16.49
CA MET A 15 8.06 4.54 -15.42
C MET A 15 7.83 5.95 -14.90
N GLY A 16 8.48 6.29 -13.81
CA GLY A 16 8.34 7.61 -13.23
C GLY A 16 9.65 8.35 -13.17
N SER A 17 9.70 9.41 -12.38
CA SER A 17 10.92 10.17 -12.22
C SER A 17 11.36 10.16 -10.75
N LYS A 18 10.52 9.61 -9.89
CA LYS A 18 10.80 9.57 -8.47
C LYS A 18 11.33 8.19 -8.07
N LEU A 19 12.60 8.14 -7.71
CA LEU A 19 13.24 6.91 -7.25
C LEU A 19 12.84 6.63 -5.79
N TRP A 20 12.63 5.36 -5.44
CA TRP A 20 12.10 5.02 -4.13
C TRP A 20 13.06 4.15 -3.31
N ASN A 21 13.65 4.78 -2.31
CA ASN A 21 14.46 4.10 -1.30
C ASN A 21 14.17 4.76 0.05
N LEU A 22 13.13 4.27 0.72
CA LEU A 22 12.68 4.85 1.98
C LEU A 22 13.25 4.07 3.15
N ARG A 23 13.28 4.69 4.31
CA ARG A 23 13.75 4.02 5.52
C ARG A 23 12.60 3.76 6.47
N ASN A 24 12.69 2.61 7.15
CA ASN A 24 11.64 2.13 8.06
C ASN A 24 11.04 3.24 8.90
N ALA A 25 9.89 3.71 8.46
CA ALA A 25 9.20 4.79 9.11
C ALA A 25 7.81 4.36 9.50
N ASP A 26 7.06 5.25 10.14
CA ASP A 26 5.68 4.96 10.52
C ASP A 26 4.88 4.58 9.29
N ILE A 27 4.16 3.46 9.40
CA ILE A 27 3.39 2.90 8.30
C ILE A 27 2.40 3.91 7.72
N ARG A 28 1.78 4.72 8.57
CA ARG A 28 0.82 5.70 8.09
C ARG A 28 1.50 6.79 7.30
N ALA A 29 2.78 7.03 7.63
CA ALA A 29 3.55 8.05 6.95
C ALA A 29 3.87 7.60 5.53
N VAL A 30 4.00 6.29 5.37
CA VAL A 30 4.27 5.71 4.07
C VAL A 30 2.98 5.59 3.26
N ILE A 31 1.89 5.23 3.94
CA ILE A 31 0.59 5.13 3.29
C ILE A 31 0.12 6.52 2.84
N ALA A 32 0.54 7.53 3.58
CA ALA A 32 0.28 8.92 3.19
C ALA A 32 1.28 9.38 2.12
N GLU A 33 2.46 8.79 2.15
CA GLU A 33 3.49 9.09 1.17
C GLU A 33 3.07 8.58 -0.20
N VAL A 34 2.66 7.31 -0.26
CA VAL A 34 2.24 6.69 -1.51
C VAL A 34 1.03 7.41 -2.11
N SER A 35 0.07 7.78 -1.27
CA SER A 35 -1.13 8.47 -1.73
C SER A 35 -0.80 9.85 -2.30
N ARG A 36 0.26 10.44 -1.78
CA ARG A 36 0.71 11.76 -2.22
C ARG A 36 1.07 11.74 -3.71
N ILE A 37 1.75 10.67 -4.12
CA ILE A 37 2.18 10.55 -5.51
C ILE A 37 1.14 9.83 -6.37
N THR A 38 0.52 8.80 -5.82
CA THR A 38 -0.42 7.97 -6.57
C THR A 38 -1.75 8.69 -6.80
N GLY A 39 -2.11 9.55 -5.86
CA GLY A 39 -3.39 10.23 -5.95
C GLY A 39 -4.53 9.32 -5.58
N LYS A 40 -4.24 8.30 -4.80
CA LYS A 40 -5.23 7.30 -4.43
C LYS A 40 -5.61 7.45 -2.96
N ASN A 41 -6.83 7.05 -2.64
CA ASN A 41 -7.34 7.20 -1.29
C ASN A 41 -7.08 5.92 -0.50
N PHE A 42 -6.63 6.05 0.74
CA PHE A 42 -6.34 4.89 1.55
C PHE A 42 -7.09 4.93 2.87
N VAL A 43 -7.48 3.75 3.35
CA VAL A 43 -8.17 3.62 4.62
C VAL A 43 -7.35 2.75 5.55
N ILE A 44 -6.76 3.38 6.56
CA ILE A 44 -5.86 2.68 7.46
C ILE A 44 -6.58 2.20 8.71
N ASP A 45 -6.57 0.89 8.92
CA ASP A 45 -7.13 0.30 10.12
C ASP A 45 -6.29 0.69 11.34
N PRO A 46 -6.94 0.92 12.50
CA PRO A 46 -6.27 1.30 13.75
C PRO A 46 -5.15 0.34 14.16
N ARG A 47 -5.21 -0.91 13.69
CA ARG A 47 -4.20 -1.90 14.02
C ARG A 47 -2.96 -1.77 13.13
N VAL A 48 -3.06 -0.98 12.07
CA VAL A 48 -1.95 -0.81 11.17
C VAL A 48 -0.93 0.16 11.77
N GLN A 49 0.00 -0.40 12.51
CA GLN A 49 1.04 0.37 13.17
C GLN A 49 2.35 -0.40 13.14
N GLY A 50 3.21 -0.02 12.21
CA GLY A 50 4.50 -0.66 12.06
C GLY A 50 5.45 0.19 11.26
N LYS A 51 6.59 -0.38 10.91
CA LYS A 51 7.59 0.34 10.12
C LYS A 51 7.66 -0.18 8.71
N VAL A 52 7.64 0.75 7.76
CA VAL A 52 7.67 0.42 6.35
C VAL A 52 8.77 1.21 5.64
N SER A 53 9.52 0.53 4.78
CA SER A 53 10.54 1.17 3.97
C SER A 53 10.41 0.72 2.51
N ILE A 54 9.82 1.57 1.68
CA ILE A 54 9.71 1.26 0.27
C ILE A 54 11.05 1.50 -0.43
N VAL A 55 11.77 0.42 -0.66
CA VAL A 55 13.03 0.49 -1.37
C VAL A 55 13.00 -0.42 -2.59
N SER A 56 12.82 0.18 -3.73
CA SER A 56 12.88 -0.51 -5.00
C SER A 56 13.54 0.43 -6.00
N SER A 57 14.79 0.15 -6.35
CA SER A 57 15.55 1.11 -7.11
C SER A 57 15.10 1.16 -8.55
N THR A 58 14.10 1.99 -8.77
CA THR A 58 13.70 2.50 -10.07
C THR A 58 12.75 3.65 -9.82
N PRO A 59 12.86 4.74 -10.57
CA PRO A 59 11.90 5.82 -10.50
C PRO A 59 10.50 5.32 -10.87
N LEU A 60 9.59 5.40 -9.90
CA LEU A 60 8.27 4.82 -10.03
C LEU A 60 7.22 5.89 -10.27
N SER A 61 6.27 5.59 -11.15
CA SER A 61 5.17 6.48 -11.43
C SER A 61 4.05 6.24 -10.44
N SER A 62 2.95 6.99 -10.56
CA SER A 62 1.80 6.80 -9.70
C SER A 62 1.34 5.34 -9.70
N ARG A 63 1.42 4.70 -10.85
CA ARG A 63 1.07 3.30 -10.99
C ARG A 63 2.10 2.40 -10.32
N GLU A 64 3.34 2.48 -10.81
CA GLU A 64 4.42 1.59 -10.38
C GLU A 64 4.64 1.68 -8.87
N LEU A 65 4.62 2.90 -8.33
CA LEU A 65 4.76 3.11 -6.91
C LEU A 65 3.72 2.32 -6.13
N TYR A 66 2.47 2.48 -6.53
CA TYR A 66 1.37 1.81 -5.87
C TYR A 66 1.57 0.30 -5.89
N GLN A 67 2.19 -0.22 -6.94
CA GLN A 67 2.41 -1.66 -7.08
C GLN A 67 3.43 -2.14 -6.06
N VAL A 68 4.37 -1.25 -5.72
CA VAL A 68 5.39 -1.59 -4.75
C VAL A 68 4.85 -1.40 -3.33
N PHE A 69 3.99 -0.41 -3.15
CA PHE A 69 3.34 -0.18 -1.87
C PHE A 69 2.55 -1.42 -1.46
N LEU A 70 1.92 -2.06 -2.44
CA LEU A 70 1.16 -3.28 -2.20
C LEU A 70 2.09 -4.40 -1.74
N SER A 71 3.33 -4.34 -2.19
CA SER A 71 4.30 -5.37 -1.90
C SER A 71 4.97 -5.10 -0.56
N VAL A 72 5.22 -3.83 -0.27
CA VAL A 72 5.89 -3.45 0.97
C VAL A 72 5.03 -3.80 2.17
N LEU A 73 3.71 -3.75 1.99
CA LEU A 73 2.78 -4.12 3.03
C LEU A 73 2.89 -5.60 3.32
N GLN A 74 2.97 -6.41 2.28
CA GLN A 74 3.05 -7.86 2.41
C GLN A 74 4.32 -8.25 3.16
N VAL A 75 5.33 -7.41 3.04
CA VAL A 75 6.58 -7.59 3.78
C VAL A 75 6.43 -7.09 5.22
N SER A 76 5.58 -6.08 5.38
CA SER A 76 5.39 -5.44 6.67
C SER A 76 4.37 -6.18 7.53
N GLY A 77 3.53 -7.00 6.90
CA GLY A 77 2.51 -7.73 7.63
C GLY A 77 1.13 -7.12 7.42
N TYR A 78 0.98 -6.38 6.33
CA TYR A 78 -0.25 -5.69 6.03
C TYR A 78 -0.64 -5.93 4.58
N ALA A 79 -1.78 -5.39 4.18
CA ALA A 79 -2.22 -5.51 2.79
C ALA A 79 -3.18 -4.40 2.44
N ALA A 80 -3.13 -3.98 1.18
CA ALA A 80 -4.02 -2.93 0.69
C ALA A 80 -5.14 -3.54 -0.13
N ILE A 81 -6.34 -3.47 0.41
CA ILE A 81 -7.51 -4.02 -0.25
C ILE A 81 -8.36 -2.90 -0.82
N PRO A 82 -8.34 -2.71 -2.15
CA PRO A 82 -9.13 -1.68 -2.80
C PRO A 82 -10.63 -1.90 -2.64
N ASN A 83 -11.28 -0.91 -2.08
CA ASN A 83 -12.72 -0.91 -1.90
C ASN A 83 -13.33 0.18 -2.77
N GLY A 84 -13.36 -0.07 -4.06
CA GLY A 84 -13.77 0.96 -5.01
C GLY A 84 -12.62 1.89 -5.34
N GLU A 85 -12.79 3.17 -5.04
CA GLU A 85 -11.75 4.17 -5.30
C GLU A 85 -10.91 4.38 -4.05
N ILE A 86 -11.41 3.89 -2.92
CA ILE A 86 -10.67 3.94 -1.68
C ILE A 86 -10.02 2.59 -1.42
N ILE A 87 -8.75 2.62 -1.08
CA ILE A 87 -8.01 1.40 -0.82
C ILE A 87 -7.77 1.25 0.67
N LYS A 88 -8.23 0.17 1.26
CA LYS A 88 -8.11 -0.01 2.69
C LYS A 88 -6.91 -0.89 3.05
N ILE A 89 -6.00 -0.34 3.82
CA ILE A 89 -4.81 -1.07 4.26
C ILE A 89 -5.04 -1.62 5.66
N ILE A 90 -4.97 -2.93 5.78
CA ILE A 90 -5.15 -3.59 7.07
C ILE A 90 -4.05 -4.62 7.29
N PRO A 91 -3.86 -5.06 8.54
CA PRO A 91 -2.88 -6.09 8.87
C PRO A 91 -3.35 -7.46 8.39
N ASN A 92 -2.70 -7.98 7.35
CA ASN A 92 -3.09 -9.26 6.76
C ASN A 92 -2.71 -10.39 7.70
N ILE A 93 -2.00 -10.03 8.74
CA ILE A 93 -1.59 -10.97 9.76
C ILE A 93 -2.75 -11.32 10.69
N ASP A 94 -3.68 -12.11 10.18
CA ASP A 94 -4.83 -12.63 10.93
C ASP A 94 -5.92 -11.59 11.17
N ALA A 95 -5.53 -10.32 11.28
CA ALA A 95 -6.47 -9.25 11.54
C ALA A 95 -7.22 -8.84 10.27
N LYS A 96 -7.71 -9.83 9.55
CA LYS A 96 -8.47 -9.59 8.33
C LYS A 96 -9.94 -9.90 8.55
N THR A 97 -10.19 -10.99 9.25
CA THR A 97 -11.54 -11.43 9.55
C THR A 97 -11.55 -12.23 10.84
N GLN A 98 -12.71 -12.33 11.48
CA GLN A 98 -12.86 -13.08 12.73
C GLN A 98 -11.92 -12.56 13.80
N SER A 99 -12.26 -11.42 14.39
CA SER A 99 -11.43 -10.84 15.43
C SER A 99 -12.30 -10.36 16.58
N PRO A 100 -12.58 -11.24 17.55
CA PRO A 100 -13.41 -10.92 18.70
C PRO A 100 -12.70 -10.00 19.69
N ASP A 101 -13.45 -9.07 20.26
CA ASP A 101 -12.89 -8.08 21.18
C ASP A 101 -12.79 -8.65 22.59
N LEU A 102 -12.81 -9.96 22.69
CA LEU A 102 -12.66 -10.65 23.98
C LEU A 102 -11.24 -10.48 24.50
N LEU A 103 -10.31 -10.28 23.58
CA LEU A 103 -8.92 -10.08 23.93
C LEU A 103 -8.61 -8.58 23.92
N SER A 104 -9.50 -7.80 24.55
CA SER A 104 -9.42 -6.34 24.57
C SER A 104 -9.20 -5.78 23.17
N GLY A 105 -10.30 -5.64 22.43
CA GLY A 105 -10.23 -5.18 21.06
C GLY A 105 -9.82 -3.74 20.95
N MET A 106 -8.55 -3.51 20.61
CA MET A 106 -7.99 -2.16 20.40
C MET A 106 -7.95 -1.36 21.70
N LYS A 107 -6.74 -0.96 22.08
CA LYS A 107 -6.53 -0.15 23.28
C LYS A 107 -7.15 1.23 23.11
N SER A 108 -7.33 1.64 21.86
CA SER A 108 -7.93 2.93 21.55
C SER A 108 -9.44 2.86 21.77
N PRO A 109 -9.96 3.62 22.74
CA PRO A 109 -11.38 3.63 23.05
C PRO A 109 -12.15 4.61 22.17
N PRO A 110 -13.30 4.18 21.61
CA PRO A 110 -14.16 5.05 20.82
C PRO A 110 -14.85 6.11 21.69
N ARG A 111 -14.12 7.18 21.97
CA ARG A 111 -14.64 8.29 22.75
C ARG A 111 -14.46 9.60 22.00
N MET A 1 26.43 15.62 -29.11
CA MET A 1 26.96 15.33 -30.47
C MET A 1 28.48 15.23 -30.45
N ALA A 2 29.14 16.25 -29.90
CA ALA A 2 30.60 16.28 -29.83
C ALA A 2 31.12 15.19 -28.91
N HIS A 3 30.48 15.05 -27.76
CA HIS A 3 30.89 14.05 -26.77
C HIS A 3 30.10 12.77 -26.97
N HIS A 4 30.23 12.18 -28.15
CA HIS A 4 29.52 10.94 -28.45
C HIS A 4 30.48 9.76 -28.47
N HIS A 5 31.42 9.77 -29.41
CA HIS A 5 32.38 8.67 -29.56
C HIS A 5 33.22 8.56 -28.30
N HIS A 6 33.60 9.71 -27.75
CA HIS A 6 34.24 9.77 -26.45
C HIS A 6 33.43 10.64 -25.52
N HIS A 7 32.98 10.07 -24.42
CA HIS A 7 32.15 10.78 -23.47
C HIS A 7 32.45 10.33 -22.05
N HIS A 8 32.34 11.25 -21.11
CA HIS A 8 32.61 10.97 -19.71
C HIS A 8 31.49 11.54 -18.85
N VAL A 9 30.30 10.96 -18.98
CA VAL A 9 29.12 11.47 -18.28
C VAL A 9 28.29 10.34 -17.67
N ASP A 10 27.75 10.60 -16.49
CA ASP A 10 26.88 9.65 -15.80
C ASP A 10 25.69 10.41 -15.23
N ASP A 11 24.50 9.88 -15.46
CA ASP A 11 23.27 10.57 -15.07
C ASP A 11 22.98 10.43 -13.58
N ASP A 12 22.68 11.55 -12.92
CA ASP A 12 22.41 11.55 -11.48
C ASP A 12 20.99 12.00 -11.19
N ASP A 13 20.14 11.04 -10.83
CA ASP A 13 18.76 11.31 -10.42
C ASP A 13 17.89 11.80 -11.58
N LYS A 14 16.57 11.71 -11.41
CA LYS A 14 15.60 12.14 -12.41
C LYS A 14 15.68 11.27 -13.66
N MET A 15 16.10 10.03 -13.46
CA MET A 15 16.19 9.07 -14.57
C MET A 15 14.89 8.29 -14.72
N GLY A 16 13.78 8.99 -14.55
CA GLY A 16 12.48 8.39 -14.68
C GLY A 16 11.43 9.20 -13.96
N SER A 17 10.43 8.54 -13.40
CA SER A 17 9.39 9.25 -12.68
C SER A 17 9.84 9.63 -11.27
N LYS A 18 9.80 8.68 -10.35
CA LYS A 18 10.13 8.99 -8.96
C LYS A 18 10.83 7.80 -8.29
N LEU A 19 12.10 8.00 -7.94
CA LEU A 19 12.89 6.97 -7.28
C LEU A 19 12.46 6.81 -5.83
N TRP A 20 12.25 5.57 -5.40
CA TRP A 20 11.78 5.30 -4.05
C TRP A 20 12.82 4.55 -3.24
N ASN A 21 13.40 5.24 -2.27
CA ASN A 21 14.28 4.63 -1.30
C ASN A 21 14.00 5.22 0.06
N LEU A 22 13.05 4.63 0.74
CA LEU A 22 12.63 5.09 2.05
C LEU A 22 13.26 4.24 3.14
N ARG A 23 13.42 4.82 4.30
CA ARG A 23 13.96 4.10 5.44
C ARG A 23 12.83 3.77 6.41
N ASN A 24 12.95 2.62 7.07
CA ASN A 24 11.92 2.09 7.97
C ASN A 24 11.32 3.18 8.85
N ALA A 25 10.12 3.61 8.48
CA ALA A 25 9.44 4.67 9.19
C ALA A 25 8.02 4.24 9.54
N ASP A 26 7.26 5.13 10.16
CA ASP A 26 5.89 4.84 10.53
C ASP A 26 5.05 4.50 9.29
N ILE A 27 4.32 3.40 9.40
CA ILE A 27 3.51 2.89 8.30
C ILE A 27 2.51 3.93 7.78
N ARG A 28 1.92 4.72 8.67
CA ARG A 28 0.92 5.69 8.26
C ARG A 28 1.57 6.84 7.52
N ALA A 29 2.88 7.03 7.75
CA ALA A 29 3.63 8.06 7.07
C ALA A 29 3.96 7.62 5.65
N VAL A 30 3.98 6.32 5.44
CA VAL A 30 4.27 5.76 4.12
C VAL A 30 2.99 5.61 3.32
N ILE A 31 1.92 5.17 3.98
CA ILE A 31 0.63 5.04 3.33
C ILE A 31 0.13 6.41 2.87
N ALA A 32 0.53 7.44 3.59
CA ALA A 32 0.21 8.81 3.19
C ALA A 32 1.21 9.31 2.14
N GLU A 33 2.40 8.74 2.14
CA GLU A 33 3.43 9.10 1.17
C GLU A 33 3.07 8.54 -0.21
N VAL A 34 2.62 7.29 -0.23
CA VAL A 34 2.24 6.63 -1.46
C VAL A 34 0.99 7.27 -2.08
N SER A 35 0.01 7.63 -1.24
CA SER A 35 -1.22 8.26 -1.71
C SER A 35 -0.95 9.63 -2.31
N ARG A 36 0.11 10.26 -1.82
CA ARG A 36 0.57 11.55 -2.31
C ARG A 36 0.89 11.48 -3.80
N ILE A 37 1.54 10.40 -4.22
CA ILE A 37 1.90 10.22 -5.63
C ILE A 37 0.82 9.48 -6.40
N THR A 38 0.33 8.39 -5.82
CA THR A 38 -0.65 7.54 -6.51
C THR A 38 -1.98 8.25 -6.71
N GLY A 39 -2.28 9.19 -5.83
CA GLY A 39 -3.52 9.95 -5.93
C GLY A 39 -4.72 9.13 -5.52
N LYS A 40 -4.50 8.18 -4.64
CA LYS A 40 -5.55 7.25 -4.23
C LYS A 40 -5.83 7.39 -2.75
N ASN A 41 -7.07 7.12 -2.35
CA ASN A 41 -7.46 7.23 -0.95
C ASN A 41 -7.16 5.93 -0.21
N PHE A 42 -6.77 6.05 1.05
CA PHE A 42 -6.42 4.87 1.84
C PHE A 42 -7.07 4.90 3.20
N VAL A 43 -7.71 3.79 3.54
CA VAL A 43 -8.34 3.61 4.83
C VAL A 43 -7.42 2.79 5.72
N ILE A 44 -6.79 3.43 6.68
CA ILE A 44 -5.87 2.72 7.56
C ILE A 44 -6.58 2.27 8.83
N ASP A 45 -6.44 0.99 9.15
CA ASP A 45 -7.00 0.43 10.37
C ASP A 45 -6.12 0.79 11.56
N PRO A 46 -6.74 1.04 12.73
CA PRO A 46 -6.02 1.36 13.97
C PRO A 46 -4.98 0.29 14.37
N ARG A 47 -5.15 -0.93 13.85
CA ARG A 47 -4.20 -2.00 14.14
C ARG A 47 -2.97 -1.92 13.25
N VAL A 48 -3.03 -1.03 12.26
CA VAL A 48 -1.91 -0.86 11.34
C VAL A 48 -0.90 0.13 11.93
N GLN A 49 0.15 -0.42 12.53
CA GLN A 49 1.17 0.39 13.17
C GLN A 49 2.48 -0.39 13.24
N GLY A 50 3.37 -0.06 12.32
CA GLY A 50 4.67 -0.69 12.25
C GLY A 50 5.59 0.13 11.39
N LYS A 51 6.67 -0.48 10.90
CA LYS A 51 7.61 0.22 10.05
C LYS A 51 7.55 -0.28 8.62
N VAL A 52 7.67 0.66 7.69
CA VAL A 52 7.68 0.37 6.26
C VAL A 52 8.74 1.23 5.56
N SER A 53 9.58 0.60 4.76
CA SER A 53 10.55 1.31 3.96
C SER A 53 10.43 0.89 2.50
N ILE A 54 9.86 1.76 1.69
CA ILE A 54 9.72 1.48 0.28
C ILE A 54 11.03 1.71 -0.46
N VAL A 55 11.74 0.63 -0.72
CA VAL A 55 12.96 0.68 -1.51
C VAL A 55 12.76 -0.11 -2.79
N SER A 56 13.17 0.45 -3.91
CA SER A 56 12.96 -0.19 -5.19
C SER A 56 13.99 0.26 -6.21
N SER A 57 13.95 -0.38 -7.37
CA SER A 57 14.77 -0.04 -8.51
C SER A 57 14.43 1.36 -9.06
N THR A 58 15.07 1.71 -10.17
CA THR A 58 14.89 3.01 -10.84
C THR A 58 13.46 3.56 -10.75
N PRO A 59 13.32 4.91 -10.86
CA PRO A 59 12.08 5.64 -10.60
C PRO A 59 10.79 4.93 -11.02
N LEU A 60 9.87 4.85 -10.07
CA LEU A 60 8.58 4.22 -10.29
C LEU A 60 7.56 5.26 -10.71
N SER A 61 6.66 4.86 -11.59
CA SER A 61 5.55 5.71 -11.99
C SER A 61 4.40 5.56 -11.00
N SER A 62 3.31 6.26 -11.25
CA SER A 62 2.18 6.35 -10.31
C SER A 62 1.73 4.97 -9.81
N ARG A 63 1.30 4.11 -10.72
CA ARG A 63 0.80 2.80 -10.34
C ARG A 63 1.95 1.88 -9.95
N GLU A 64 3.07 2.03 -10.64
CA GLU A 64 4.28 1.24 -10.37
C GLU A 64 4.68 1.32 -8.91
N LEU A 65 4.71 2.54 -8.39
CA LEU A 65 4.97 2.79 -6.97
C LEU A 65 4.01 1.99 -6.12
N TYR A 66 2.73 2.12 -6.44
CA TYR A 66 1.67 1.49 -5.69
C TYR A 66 1.84 -0.02 -5.62
N GLN A 67 2.36 -0.61 -6.69
CA GLN A 67 2.53 -2.05 -6.74
C GLN A 67 3.62 -2.50 -5.78
N VAL A 68 4.60 -1.62 -5.58
CA VAL A 68 5.68 -1.87 -4.64
C VAL A 68 5.18 -1.70 -3.21
N PHE A 69 4.40 -0.65 -3.00
CA PHE A 69 3.76 -0.38 -1.71
C PHE A 69 3.01 -1.61 -1.23
N LEU A 70 2.41 -2.33 -2.16
CA LEU A 70 1.64 -3.51 -1.84
C LEU A 70 2.55 -4.64 -1.34
N SER A 71 3.82 -4.58 -1.73
CA SER A 71 4.76 -5.60 -1.33
C SER A 71 5.37 -5.25 0.02
N VAL A 72 5.60 -3.96 0.25
CA VAL A 72 6.21 -3.50 1.50
C VAL A 72 5.25 -3.70 2.65
N LEU A 73 3.97 -3.56 2.37
CA LEU A 73 2.93 -3.84 3.35
C LEU A 73 3.05 -5.26 3.84
N GLN A 74 3.17 -6.18 2.91
CA GLN A 74 3.25 -7.60 3.25
C GLN A 74 4.54 -7.90 3.99
N VAL A 75 5.54 -7.04 3.80
CA VAL A 75 6.77 -7.09 4.58
C VAL A 75 6.48 -6.70 6.03
N SER A 76 5.66 -5.68 6.21
CA SER A 76 5.34 -5.18 7.53
C SER A 76 4.21 -6.01 8.18
N GLY A 77 3.48 -6.74 7.34
CA GLY A 77 2.40 -7.58 7.84
C GLY A 77 1.02 -7.01 7.57
N TYR A 78 0.90 -6.23 6.51
CA TYR A 78 -0.37 -5.59 6.16
C TYR A 78 -0.67 -5.80 4.69
N ALA A 79 -1.82 -5.31 4.26
CA ALA A 79 -2.24 -5.45 2.89
C ALA A 79 -3.22 -4.34 2.51
N ALA A 80 -3.26 -4.01 1.23
CA ALA A 80 -4.14 -2.95 0.76
C ALA A 80 -5.34 -3.55 0.03
N ILE A 81 -6.49 -3.49 0.66
CA ILE A 81 -7.71 -4.05 0.10
C ILE A 81 -8.67 -2.93 -0.27
N PRO A 82 -8.89 -2.72 -1.58
CA PRO A 82 -9.78 -1.68 -2.07
C PRO A 82 -11.22 -1.82 -1.58
N ASN A 83 -11.67 -0.83 -0.83
CA ASN A 83 -13.07 -0.75 -0.43
C ASN A 83 -13.84 0.03 -1.47
N GLY A 84 -13.81 -0.46 -2.71
CA GLY A 84 -14.48 0.21 -3.79
C GLY A 84 -13.71 1.41 -4.30
N GLU A 85 -14.20 2.60 -3.96
CA GLU A 85 -13.58 3.84 -4.40
C GLU A 85 -12.35 4.16 -3.55
N ILE A 86 -12.30 3.57 -2.37
CA ILE A 86 -11.19 3.76 -1.45
C ILE A 86 -10.35 2.49 -1.36
N ILE A 87 -9.24 2.54 -0.63
CA ILE A 87 -8.43 1.35 -0.42
C ILE A 87 -8.05 1.21 1.05
N LYS A 88 -8.41 0.09 1.66
CA LYS A 88 -8.16 -0.11 3.08
C LYS A 88 -6.92 -0.95 3.34
N ILE A 89 -5.96 -0.37 4.03
CA ILE A 89 -4.77 -1.10 4.44
C ILE A 89 -4.98 -1.67 5.83
N ILE A 90 -4.93 -2.98 5.95
CA ILE A 90 -5.14 -3.65 7.22
C ILE A 90 -4.07 -4.72 7.42
N PRO A 91 -3.90 -5.17 8.67
CA PRO A 91 -2.96 -6.25 9.01
C PRO A 91 -3.45 -7.59 8.53
N ASN A 92 -2.91 -8.08 7.41
CA ASN A 92 -3.33 -9.35 6.85
C ASN A 92 -2.70 -10.51 7.63
N ILE A 93 -2.08 -10.17 8.75
CA ILE A 93 -1.51 -11.16 9.66
C ILE A 93 -2.57 -11.64 10.63
N ASP A 94 -3.72 -11.02 10.56
CA ASP A 94 -4.89 -11.42 11.32
C ASP A 94 -6.01 -11.75 10.33
N ALA A 95 -5.69 -12.63 9.39
CA ALA A 95 -6.56 -12.96 8.27
C ALA A 95 -6.86 -11.70 7.46
N LYS A 96 -8.00 -11.07 7.73
CA LYS A 96 -8.33 -9.78 7.17
C LYS A 96 -9.09 -8.96 8.19
N THR A 97 -10.35 -9.34 8.40
CA THR A 97 -11.21 -8.68 9.37
C THR A 97 -12.28 -9.65 9.83
N GLN A 98 -12.19 -10.08 11.09
CA GLN A 98 -13.11 -11.07 11.61
C GLN A 98 -14.25 -10.40 12.35
N SER A 99 -15.47 -10.82 12.03
CA SER A 99 -16.66 -10.34 12.71
C SER A 99 -17.23 -11.45 13.58
N PRO A 100 -16.94 -11.43 14.89
CA PRO A 100 -17.37 -12.49 15.80
C PRO A 100 -18.86 -12.38 16.12
N ASP A 101 -19.55 -13.50 16.05
CA ASP A 101 -20.97 -13.54 16.37
C ASP A 101 -21.15 -13.62 17.88
N LEU A 102 -20.67 -12.60 18.58
CA LEU A 102 -20.77 -12.55 20.04
C LEU A 102 -22.22 -12.47 20.48
N LEU A 103 -23.08 -11.98 19.59
CA LEU A 103 -24.50 -11.88 19.88
C LEU A 103 -25.30 -12.76 18.92
N SER A 104 -24.89 -14.02 18.83
CA SER A 104 -25.56 -14.99 17.97
C SER A 104 -26.93 -15.36 18.54
N GLY A 105 -27.93 -14.54 18.22
CA GLY A 105 -29.26 -14.78 18.73
C GLY A 105 -29.57 -13.90 19.93
N MET A 106 -30.69 -13.20 19.86
CA MET A 106 -31.10 -12.30 20.94
C MET A 106 -31.33 -13.07 22.22
N LYS A 107 -30.66 -12.65 23.28
CA LYS A 107 -30.75 -13.34 24.56
C LYS A 107 -31.81 -12.70 25.43
N SER A 108 -32.00 -13.29 26.62
CA SER A 108 -32.97 -12.80 27.58
C SER A 108 -34.39 -12.85 27.02
N PRO A 109 -34.97 -14.05 26.94
CA PRO A 109 -36.32 -14.26 26.45
C PRO A 109 -37.34 -14.27 27.59
N PRO A 110 -38.07 -13.16 27.77
CA PRO A 110 -39.06 -13.03 28.85
C PRO A 110 -40.37 -13.75 28.53
N ARG A 111 -40.34 -15.06 28.60
CA ARG A 111 -41.55 -15.86 28.39
C ARG A 111 -42.28 -16.02 29.72
N MET A 1 -0.68 18.70 -20.30
CA MET A 1 -0.71 17.26 -19.94
C MET A 1 0.50 16.54 -20.49
N ALA A 2 1.63 16.70 -19.83
CA ALA A 2 2.86 16.04 -20.24
C ALA A 2 3.42 15.17 -19.11
N HIS A 3 2.59 14.89 -18.12
CA HIS A 3 3.03 14.11 -16.98
C HIS A 3 2.63 12.65 -17.13
N HIS A 4 1.60 12.39 -17.93
CA HIS A 4 1.11 11.02 -18.14
C HIS A 4 2.17 10.16 -18.80
N HIS A 5 2.88 10.72 -19.77
CA HIS A 5 3.97 10.01 -20.45
C HIS A 5 3.47 8.75 -21.13
N HIS A 6 2.84 8.92 -22.29
CA HIS A 6 2.41 7.78 -23.10
C HIS A 6 3.47 7.47 -24.15
N HIS A 7 4.60 8.15 -24.03
CA HIS A 7 5.74 7.90 -24.89
C HIS A 7 6.83 7.23 -24.07
N HIS A 8 7.43 6.19 -24.61
CA HIS A 8 8.51 5.49 -23.93
C HIS A 8 9.75 6.38 -23.90
N VAL A 9 10.12 6.82 -22.71
CA VAL A 9 11.29 7.66 -22.53
C VAL A 9 12.55 6.88 -22.84
N ASP A 10 13.38 7.42 -23.71
CA ASP A 10 14.63 6.76 -24.08
C ASP A 10 15.68 6.95 -23.00
N ASP A 11 15.45 6.31 -21.86
CA ASP A 11 16.37 6.35 -20.75
C ASP A 11 16.43 4.97 -20.11
N ASP A 12 17.57 4.62 -19.55
CA ASP A 12 17.80 3.28 -19.04
C ASP A 12 17.58 3.23 -17.53
N ASP A 13 17.24 4.37 -16.95
CA ASP A 13 16.99 4.45 -15.51
C ASP A 13 15.57 4.93 -15.24
N LYS A 14 15.19 6.02 -15.88
CA LYS A 14 13.89 6.63 -15.64
C LYS A 14 12.80 5.92 -16.44
N MET A 15 12.41 4.75 -15.94
CA MET A 15 11.32 3.99 -16.55
C MET A 15 9.99 4.54 -16.09
N GLY A 16 9.96 5.02 -14.86
CA GLY A 16 8.78 5.67 -14.33
C GLY A 16 9.02 7.15 -14.11
N SER A 17 8.86 7.60 -12.87
CA SER A 17 9.06 9.00 -12.55
C SER A 17 9.82 9.19 -11.24
N LYS A 18 9.43 8.47 -10.20
CA LYS A 18 9.98 8.71 -8.87
C LYS A 18 10.70 7.47 -8.33
N LEU A 19 11.97 7.65 -7.97
CA LEU A 19 12.75 6.60 -7.32
C LEU A 19 12.39 6.51 -5.84
N TRP A 20 12.29 5.30 -5.31
CA TRP A 20 11.82 5.10 -3.94
C TRP A 20 12.86 4.40 -3.07
N ASN A 21 13.39 5.15 -2.11
CA ASN A 21 14.32 4.63 -1.11
C ASN A 21 13.99 5.24 0.25
N LEU A 22 13.12 4.57 0.98
CA LEU A 22 12.72 5.03 2.29
C LEU A 22 13.43 4.24 3.37
N ARG A 23 13.51 4.83 4.55
CA ARG A 23 14.01 4.16 5.72
C ARG A 23 12.87 3.97 6.70
N ASN A 24 12.90 2.85 7.42
CA ASN A 24 11.80 2.43 8.30
C ASN A 24 11.20 3.58 9.08
N ALA A 25 10.05 4.04 8.63
CA ALA A 25 9.36 5.16 9.24
C ALA A 25 7.95 4.74 9.63
N ASP A 26 7.18 5.67 10.19
CA ASP A 26 5.82 5.38 10.61
C ASP A 26 5.00 4.89 9.41
N ILE A 27 4.34 3.75 9.60
CA ILE A 27 3.56 3.11 8.55
C ILE A 27 2.51 4.05 7.96
N ARG A 28 1.89 4.86 8.79
CA ARG A 28 0.84 5.76 8.31
C ARG A 28 1.43 6.88 7.48
N ALA A 29 2.69 7.21 7.76
CA ALA A 29 3.37 8.25 7.02
C ALA A 29 3.66 7.76 5.60
N VAL A 30 3.97 6.47 5.50
CA VAL A 30 4.25 5.86 4.20
C VAL A 30 2.97 5.67 3.41
N ILE A 31 1.90 5.25 4.10
CA ILE A 31 0.60 5.06 3.46
C ILE A 31 0.08 6.41 2.93
N ALA A 32 0.40 7.48 3.64
CA ALA A 32 0.04 8.81 3.19
C ALA A 32 1.02 9.31 2.13
N GLU A 33 2.25 8.81 2.20
CA GLU A 33 3.29 9.18 1.24
C GLU A 33 2.96 8.63 -0.14
N VAL A 34 2.65 7.33 -0.21
CA VAL A 34 2.25 6.70 -1.45
C VAL A 34 0.98 7.36 -2.01
N SER A 35 0.07 7.72 -1.12
CA SER A 35 -1.15 8.40 -1.49
C SER A 35 -0.85 9.73 -2.18
N ARG A 36 0.25 10.37 -1.79
CA ARG A 36 0.62 11.66 -2.34
C ARG A 36 0.95 11.54 -3.84
N ILE A 37 1.64 10.47 -4.20
CA ILE A 37 2.06 10.28 -5.59
C ILE A 37 1.00 9.54 -6.41
N THR A 38 0.43 8.49 -5.82
CA THR A 38 -0.57 7.69 -6.52
C THR A 38 -1.89 8.43 -6.64
N GLY A 39 -2.18 9.27 -5.64
CA GLY A 39 -3.42 10.01 -5.61
C GLY A 39 -4.57 9.18 -5.09
N LYS A 40 -4.24 8.01 -4.57
CA LYS A 40 -5.25 7.04 -4.17
C LYS A 40 -5.68 7.25 -2.73
N ASN A 41 -6.92 6.89 -2.45
CA ASN A 41 -7.49 7.05 -1.12
C ASN A 41 -7.19 5.81 -0.28
N PHE A 42 -6.63 6.00 0.90
CA PHE A 42 -6.30 4.88 1.76
C PHE A 42 -6.97 4.99 3.12
N VAL A 43 -7.38 3.86 3.65
CA VAL A 43 -7.97 3.80 4.98
C VAL A 43 -7.09 2.93 5.86
N ILE A 44 -6.62 3.46 6.97
CA ILE A 44 -5.70 2.74 7.82
C ILE A 44 -6.39 2.25 9.09
N ASP A 45 -6.39 0.94 9.26
CA ASP A 45 -6.95 0.33 10.47
C ASP A 45 -6.08 0.73 11.67
N PRO A 46 -6.73 1.04 12.81
CA PRO A 46 -6.04 1.42 14.05
C PRO A 46 -4.96 0.43 14.48
N ARG A 47 -5.04 -0.81 13.99
CA ARG A 47 -4.05 -1.83 14.33
C ARG A 47 -2.80 -1.72 13.47
N VAL A 48 -2.88 -0.92 12.40
CA VAL A 48 -1.75 -0.77 11.49
C VAL A 48 -0.75 0.21 12.09
N GLN A 49 0.18 -0.33 12.87
CA GLN A 49 1.18 0.45 13.59
C GLN A 49 2.53 -0.24 13.50
N GLY A 50 3.45 0.34 12.76
CA GLY A 50 4.76 -0.25 12.57
C GLY A 50 5.65 0.62 11.72
N LYS A 51 6.78 0.06 11.31
CA LYS A 51 7.73 0.79 10.48
C LYS A 51 7.82 0.19 9.09
N VAL A 52 7.72 1.05 8.09
CA VAL A 52 7.77 0.65 6.69
C VAL A 52 8.81 1.48 5.94
N SER A 53 9.55 0.82 5.06
CA SER A 53 10.52 1.50 4.21
C SER A 53 10.41 1.01 2.76
N ILE A 54 9.79 1.82 1.91
CA ILE A 54 9.65 1.46 0.52
C ILE A 54 10.97 1.65 -0.23
N VAL A 55 11.58 0.54 -0.61
CA VAL A 55 12.77 0.55 -1.44
C VAL A 55 12.52 -0.26 -2.70
N SER A 56 12.89 0.31 -3.85
CA SER A 56 12.58 -0.32 -5.12
C SER A 56 13.68 -0.07 -6.14
N SER A 57 13.55 -0.74 -7.28
CA SER A 57 14.40 -0.51 -8.43
C SER A 57 14.20 0.89 -9.01
N THR A 58 14.86 1.15 -10.14
CA THR A 58 14.77 2.43 -10.87
C THR A 58 13.38 3.09 -10.79
N PRO A 59 13.34 4.43 -10.93
CA PRO A 59 12.14 5.25 -10.68
C PRO A 59 10.84 4.59 -11.12
N LEU A 60 9.92 4.51 -10.17
CA LEU A 60 8.61 3.91 -10.39
C LEU A 60 7.63 4.96 -10.91
N SER A 61 6.64 4.51 -11.66
CA SER A 61 5.55 5.37 -12.08
C SER A 61 4.48 5.37 -10.99
N SER A 62 3.43 6.16 -11.17
CA SER A 62 2.36 6.28 -10.18
C SER A 62 1.80 4.90 -9.81
N ARG A 63 1.41 4.14 -10.82
CA ARG A 63 0.84 2.82 -10.59
C ARG A 63 1.90 1.86 -10.05
N GLU A 64 3.08 1.90 -10.64
CA GLU A 64 4.19 1.02 -10.24
C GLU A 64 4.52 1.21 -8.77
N LEU A 65 4.44 2.45 -8.31
CA LEU A 65 4.61 2.76 -6.91
C LEU A 65 3.56 2.06 -6.07
N TYR A 66 2.30 2.25 -6.42
CA TYR A 66 1.23 1.63 -5.67
C TYR A 66 1.45 0.11 -5.55
N GLN A 67 2.18 -0.46 -6.48
CA GLN A 67 2.44 -1.89 -6.48
C GLN A 67 3.53 -2.23 -5.47
N VAL A 68 4.49 -1.33 -5.34
CA VAL A 68 5.57 -1.52 -4.38
C VAL A 68 5.05 -1.37 -2.96
N PHE A 69 4.11 -0.45 -2.80
CA PHE A 69 3.44 -0.23 -1.53
C PHE A 69 2.73 -1.51 -1.10
N LEU A 70 2.09 -2.16 -2.06
CA LEU A 70 1.42 -3.43 -1.80
C LEU A 70 2.43 -4.48 -1.35
N SER A 71 3.66 -4.33 -1.82
CA SER A 71 4.68 -5.32 -1.54
C SER A 71 5.32 -5.06 -0.18
N VAL A 72 5.54 -3.78 0.12
CA VAL A 72 6.16 -3.38 1.37
C VAL A 72 5.24 -3.75 2.55
N LEU A 73 3.93 -3.72 2.29
CA LEU A 73 2.95 -4.10 3.29
C LEU A 73 3.03 -5.58 3.60
N GLN A 74 3.07 -6.40 2.55
CA GLN A 74 3.11 -7.85 2.72
C GLN A 74 4.32 -8.26 3.56
N VAL A 75 5.41 -7.53 3.37
CA VAL A 75 6.62 -7.75 4.15
C VAL A 75 6.43 -7.24 5.58
N SER A 76 5.72 -6.11 5.70
CA SER A 76 5.51 -5.46 6.98
C SER A 76 4.45 -6.19 7.81
N GLY A 77 3.66 -7.03 7.16
CA GLY A 77 2.61 -7.77 7.85
C GLY A 77 1.23 -7.18 7.61
N TYR A 78 1.11 -6.40 6.54
CA TYR A 78 -0.14 -5.70 6.24
C TYR A 78 -0.54 -5.94 4.79
N ALA A 79 -1.69 -5.40 4.41
CA ALA A 79 -2.17 -5.52 3.05
C ALA A 79 -3.16 -4.41 2.73
N ALA A 80 -3.22 -4.04 1.46
CA ALA A 80 -4.11 -2.99 1.01
C ALA A 80 -5.30 -3.58 0.28
N ILE A 81 -6.48 -3.42 0.85
CA ILE A 81 -7.69 -3.98 0.27
C ILE A 81 -8.58 -2.87 -0.29
N PRO A 82 -8.67 -2.75 -1.62
CA PRO A 82 -9.52 -1.76 -2.25
C PRO A 82 -10.99 -2.02 -1.98
N ASN A 83 -11.61 -1.09 -1.28
CA ASN A 83 -13.01 -1.17 -0.93
C ASN A 83 -13.78 -0.06 -1.65
N GLY A 84 -14.18 -0.34 -2.87
CA GLY A 84 -14.85 0.67 -3.66
C GLY A 84 -13.88 1.67 -4.26
N GLU A 85 -13.88 2.89 -3.74
CA GLU A 85 -12.96 3.92 -4.21
C GLU A 85 -11.85 4.16 -3.19
N ILE A 86 -12.02 3.59 -2.01
CA ILE A 86 -11.02 3.70 -0.97
C ILE A 86 -10.26 2.39 -0.83
N ILE A 87 -8.96 2.48 -0.65
CA ILE A 87 -8.16 1.29 -0.40
C ILE A 87 -7.83 1.22 1.08
N LYS A 88 -8.28 0.17 1.75
CA LYS A 88 -8.07 0.06 3.19
C LYS A 88 -6.87 -0.84 3.49
N ILE A 89 -5.90 -0.30 4.20
CA ILE A 89 -4.72 -1.06 4.60
C ILE A 89 -4.92 -1.61 6.00
N ILE A 90 -4.87 -2.93 6.12
CA ILE A 90 -5.04 -3.58 7.41
C ILE A 90 -3.94 -4.63 7.61
N PRO A 91 -3.71 -5.05 8.86
CA PRO A 91 -2.73 -6.09 9.17
C PRO A 91 -3.22 -7.46 8.73
N ASN A 92 -2.71 -7.95 7.60
CA ASN A 92 -3.17 -9.23 7.05
C ASN A 92 -2.65 -10.41 7.87
N ILE A 93 -1.99 -10.10 8.98
CA ILE A 93 -1.57 -11.11 9.95
C ILE A 93 -2.75 -11.47 10.85
N ASP A 94 -3.86 -10.78 10.63
CA ASP A 94 -5.09 -11.00 11.37
C ASP A 94 -5.93 -12.10 10.71
N ALA A 95 -5.45 -12.57 9.55
CA ALA A 95 -6.13 -13.60 8.78
C ALA A 95 -7.46 -13.10 8.23
N LYS A 96 -7.56 -11.79 8.05
CA LYS A 96 -8.75 -11.15 7.51
C LYS A 96 -9.99 -11.51 8.33
N THR A 97 -9.89 -11.32 9.63
CA THR A 97 -11.00 -11.61 10.52
C THR A 97 -11.85 -10.36 10.71
N GLN A 98 -12.62 -10.02 9.68
CA GLN A 98 -13.38 -8.77 9.69
C GLN A 98 -14.85 -9.02 9.42
N SER A 99 -15.35 -10.17 9.86
CA SER A 99 -16.75 -10.50 9.68
C SER A 99 -17.31 -11.10 10.97
N PRO A 100 -17.61 -10.25 11.97
CA PRO A 100 -18.09 -10.70 13.27
C PRO A 100 -19.58 -11.04 13.25
N ASP A 101 -19.99 -11.94 14.15
CA ASP A 101 -21.38 -12.35 14.25
C ASP A 101 -22.05 -11.68 15.44
N LEU A 102 -21.49 -10.52 15.82
CA LEU A 102 -22.00 -9.72 16.92
C LEU A 102 -22.09 -10.52 18.22
N LEU A 103 -21.11 -11.37 18.47
CA LEU A 103 -21.05 -12.12 19.71
C LEU A 103 -20.27 -11.31 20.74
N SER A 104 -19.09 -10.85 20.35
CA SER A 104 -18.26 -10.03 21.22
C SER A 104 -18.53 -8.54 20.96
N GLY A 105 -19.80 -8.22 20.77
CA GLY A 105 -20.18 -6.84 20.50
C GLY A 105 -20.32 -6.55 19.02
N MET A 106 -20.89 -5.40 18.71
CA MET A 106 -21.07 -4.99 17.32
C MET A 106 -19.86 -4.18 16.85
N LYS A 107 -19.37 -4.47 15.67
CA LYS A 107 -18.23 -3.75 15.13
C LYS A 107 -18.69 -2.57 14.28
N SER A 108 -18.16 -1.40 14.60
CA SER A 108 -18.51 -0.17 13.88
C SER A 108 -20.02 0.12 13.95
N PRO A 109 -20.55 0.37 15.15
CA PRO A 109 -21.96 0.73 15.34
C PRO A 109 -22.30 2.07 14.71
N PRO A 110 -23.59 2.31 14.42
CA PRO A 110 -24.04 3.56 13.79
C PRO A 110 -23.98 4.74 14.75
N ARG A 111 -22.76 5.15 15.10
CA ARG A 111 -22.56 6.25 16.03
C ARG A 111 -21.63 7.29 15.42
N MET A 1 35.27 18.13 -19.53
CA MET A 1 36.45 18.45 -20.36
C MET A 1 37.62 17.57 -19.98
N ALA A 2 38.04 17.67 -18.72
CA ALA A 2 39.15 16.87 -18.22
C ALA A 2 38.77 16.18 -16.92
N HIS A 3 39.67 15.34 -16.41
CA HIS A 3 39.44 14.60 -15.16
C HIS A 3 38.18 13.76 -15.26
N HIS A 4 38.06 13.03 -16.38
CA HIS A 4 36.90 12.20 -16.63
C HIS A 4 36.82 11.04 -15.64
N HIS A 5 36.03 11.23 -14.60
CA HIS A 5 35.84 10.19 -13.60
C HIS A 5 34.35 9.96 -13.35
N HIS A 6 33.73 10.89 -12.63
CA HIS A 6 32.33 10.79 -12.24
C HIS A 6 32.06 9.44 -11.57
N HIS A 7 32.84 9.15 -10.54
CA HIS A 7 32.72 7.88 -9.84
C HIS A 7 32.16 8.08 -8.44
N HIS A 8 30.92 8.54 -8.38
CA HIS A 8 30.24 8.73 -7.11
C HIS A 8 28.77 8.36 -7.24
N VAL A 9 28.20 7.83 -6.17
CA VAL A 9 26.79 7.48 -6.15
C VAL A 9 25.99 8.66 -5.58
N ASP A 10 26.45 9.85 -5.93
CA ASP A 10 25.82 11.08 -5.46
C ASP A 10 24.65 11.46 -6.36
N ASP A 11 24.78 11.11 -7.63
CA ASP A 11 23.77 11.42 -8.62
C ASP A 11 22.58 10.47 -8.50
N ASP A 12 21.44 11.01 -8.09
CA ASP A 12 20.21 10.22 -8.02
C ASP A 12 19.59 10.09 -9.41
N ASP A 13 19.75 11.15 -10.22
CA ASP A 13 19.31 11.15 -11.62
C ASP A 13 17.84 10.77 -11.77
N LYS A 14 16.96 11.74 -11.58
CA LYS A 14 15.54 11.52 -11.77
C LYS A 14 15.25 11.36 -13.26
N MET A 15 14.98 10.13 -13.67
CA MET A 15 14.77 9.82 -15.10
C MET A 15 13.33 10.04 -15.51
N GLY A 16 12.73 11.13 -15.04
CA GLY A 16 11.37 11.47 -15.44
C GLY A 16 10.35 10.73 -14.62
N SER A 17 10.81 10.16 -13.52
CA SER A 17 9.96 9.41 -12.63
C SER A 17 10.61 9.40 -11.25
N LYS A 18 9.86 9.04 -10.24
CA LYS A 18 10.32 9.20 -8.87
C LYS A 18 10.97 7.93 -8.34
N LEU A 19 12.25 8.03 -7.99
CA LEU A 19 12.96 6.95 -7.31
C LEU A 19 12.41 6.73 -5.91
N TRP A 20 12.30 5.47 -5.50
CA TRP A 20 11.74 5.13 -4.20
C TRP A 20 12.70 4.28 -3.37
N ASN A 21 13.42 4.95 -2.49
CA ASN A 21 14.24 4.29 -1.49
C ASN A 21 14.01 4.97 -0.16
N LEU A 22 13.02 4.48 0.56
CA LEU A 22 12.61 5.07 1.82
C LEU A 22 13.24 4.31 2.98
N ARG A 23 13.33 4.96 4.13
CA ARG A 23 13.89 4.32 5.32
C ARG A 23 12.80 4.14 6.36
N ASN A 24 12.92 3.04 7.12
CA ASN A 24 11.90 2.58 8.07
C ASN A 24 11.26 3.73 8.84
N ALA A 25 10.09 4.13 8.37
CA ALA A 25 9.32 5.18 9.01
C ALA A 25 7.97 4.60 9.44
N ASP A 26 7.14 5.42 10.06
CA ASP A 26 5.83 4.95 10.48
C ASP A 26 5.01 4.51 9.28
N ILE A 27 4.32 3.40 9.43
CA ILE A 27 3.50 2.84 8.38
C ILE A 27 2.52 3.86 7.78
N ARG A 28 1.88 4.65 8.64
CA ARG A 28 0.85 5.58 8.17
C ARG A 28 1.49 6.79 7.52
N ALA A 29 2.78 6.99 7.78
CA ALA A 29 3.53 8.04 7.12
C ALA A 29 3.80 7.63 5.69
N VAL A 30 3.98 6.32 5.50
CA VAL A 30 4.24 5.75 4.18
C VAL A 30 2.94 5.57 3.41
N ILE A 31 1.86 5.23 4.11
CA ILE A 31 0.56 5.07 3.48
C ILE A 31 0.08 6.42 2.95
N ALA A 32 0.49 7.49 3.63
CA ALA A 32 0.26 8.84 3.14
C ALA A 32 1.30 9.22 2.07
N GLU A 33 2.49 8.67 2.26
CA GLU A 33 3.61 8.87 1.34
C GLU A 33 3.27 8.36 -0.06
N VAL A 34 2.71 7.15 -0.11
CA VAL A 34 2.30 6.55 -1.37
C VAL A 34 1.10 7.27 -1.97
N SER A 35 0.10 7.61 -1.15
CA SER A 35 -1.10 8.28 -1.64
C SER A 35 -0.78 9.68 -2.15
N ARG A 36 0.28 10.27 -1.62
CA ARG A 36 0.75 11.57 -2.06
C ARG A 36 1.02 11.56 -3.57
N ILE A 37 1.69 10.53 -4.06
CA ILE A 37 2.04 10.43 -5.46
C ILE A 37 0.96 9.71 -6.27
N THR A 38 0.40 8.66 -5.69
CA THR A 38 -0.57 7.83 -6.40
C THR A 38 -1.92 8.52 -6.55
N GLY A 39 -2.22 9.44 -5.63
CA GLY A 39 -3.48 10.15 -5.65
C GLY A 39 -4.64 9.27 -5.24
N LYS A 40 -4.32 8.16 -4.57
CA LYS A 40 -5.35 7.19 -4.20
C LYS A 40 -5.77 7.39 -2.74
N ASN A 41 -6.98 6.95 -2.43
CA ASN A 41 -7.51 7.08 -1.09
C ASN A 41 -7.24 5.82 -0.30
N PHE A 42 -6.76 5.97 0.93
CA PHE A 42 -6.45 4.82 1.76
C PHE A 42 -7.16 4.89 3.09
N VAL A 43 -7.51 3.73 3.63
CA VAL A 43 -8.17 3.64 4.91
C VAL A 43 -7.32 2.79 5.84
N ILE A 44 -6.78 3.39 6.88
CA ILE A 44 -5.84 2.69 7.74
C ILE A 44 -6.51 2.21 9.03
N ASP A 45 -6.49 0.90 9.23
CA ASP A 45 -7.00 0.29 10.44
C ASP A 45 -6.13 0.68 11.65
N PRO A 46 -6.74 0.90 12.83
CA PRO A 46 -6.02 1.31 14.04
C PRO A 46 -4.94 0.32 14.49
N ARG A 47 -5.02 -0.92 14.02
CA ARG A 47 -4.02 -1.93 14.38
C ARG A 47 -2.84 -1.87 13.42
N VAL A 48 -2.95 -1.04 12.39
CA VAL A 48 -1.87 -0.87 11.43
C VAL A 48 -0.86 0.16 11.94
N GLN A 49 0.13 -0.32 12.67
CA GLN A 49 1.16 0.55 13.22
C GLN A 49 2.49 -0.22 13.26
N GLY A 50 3.45 0.27 12.49
CA GLY A 50 4.75 -0.36 12.42
C GLY A 50 5.67 0.47 11.56
N LYS A 51 6.80 -0.10 11.16
CA LYS A 51 7.73 0.61 10.29
C LYS A 51 7.71 0.06 8.87
N VAL A 52 7.70 0.97 7.92
CA VAL A 52 7.68 0.64 6.52
C VAL A 52 8.75 1.44 5.76
N SER A 53 9.45 0.79 4.86
CA SER A 53 10.41 1.47 4.00
C SER A 53 10.34 0.92 2.58
N ILE A 54 9.73 1.69 1.69
CA ILE A 54 9.62 1.28 0.30
C ILE A 54 10.95 1.45 -0.41
N VAL A 55 11.61 0.33 -0.67
CA VAL A 55 12.83 0.31 -1.45
C VAL A 55 12.60 -0.49 -2.73
N SER A 56 12.88 0.11 -3.87
CA SER A 56 12.56 -0.49 -5.14
C SER A 56 13.59 -0.17 -6.20
N SER A 57 13.43 -0.78 -7.36
CA SER A 57 14.25 -0.53 -8.54
C SER A 57 14.11 0.92 -9.03
N THR A 58 14.77 1.20 -10.16
CA THR A 58 14.74 2.51 -10.81
C THR A 58 13.37 3.20 -10.74
N PRO A 59 13.34 4.55 -10.88
CA PRO A 59 12.16 5.38 -10.59
C PRO A 59 10.81 4.77 -10.95
N LEU A 60 9.86 4.91 -10.03
CA LEU A 60 8.54 4.32 -10.14
C LEU A 60 7.51 5.38 -10.50
N SER A 61 6.60 5.04 -11.40
CA SER A 61 5.49 5.89 -11.74
C SER A 61 4.40 5.73 -10.67
N SER A 62 3.30 6.46 -10.83
CA SER A 62 2.21 6.45 -9.86
C SER A 62 1.74 5.02 -9.57
N ARG A 63 1.40 4.29 -10.63
CA ARG A 63 0.89 2.93 -10.49
C ARG A 63 2.01 1.99 -10.01
N GLU A 64 3.20 2.14 -10.61
CA GLU A 64 4.36 1.33 -10.24
C GLU A 64 4.60 1.41 -8.73
N LEU A 65 4.63 2.63 -8.23
CA LEU A 65 4.78 2.89 -6.80
C LEU A 65 3.74 2.12 -5.99
N TYR A 66 2.48 2.30 -6.36
CA TYR A 66 1.39 1.67 -5.63
C TYR A 66 1.55 0.15 -5.58
N GLN A 67 2.14 -0.42 -6.63
CA GLN A 67 2.31 -1.86 -6.69
C GLN A 67 3.37 -2.33 -5.69
N VAL A 68 4.35 -1.48 -5.45
CA VAL A 68 5.40 -1.78 -4.48
C VAL A 68 4.90 -1.55 -3.06
N PHE A 69 4.03 -0.55 -2.90
CA PHE A 69 3.39 -0.30 -1.63
C PHE A 69 2.63 -1.53 -1.16
N LEU A 70 2.01 -2.22 -2.11
CA LEU A 70 1.29 -3.44 -1.82
C LEU A 70 2.25 -4.52 -1.31
N SER A 71 3.47 -4.47 -1.80
CA SER A 71 4.47 -5.47 -1.44
C SER A 71 5.11 -5.13 -0.10
N VAL A 72 5.33 -3.84 0.13
CA VAL A 72 5.98 -3.38 1.35
C VAL A 72 5.09 -3.70 2.56
N LEU A 73 3.79 -3.67 2.34
CA LEU A 73 2.83 -4.01 3.38
C LEU A 73 2.95 -5.48 3.75
N GLN A 74 3.07 -6.33 2.75
CA GLN A 74 3.13 -7.77 2.97
C GLN A 74 4.37 -8.14 3.78
N VAL A 75 5.41 -7.32 3.65
CA VAL A 75 6.61 -7.48 4.44
C VAL A 75 6.39 -6.93 5.85
N SER A 76 5.59 -5.88 5.92
CA SER A 76 5.30 -5.22 7.17
C SER A 76 4.27 -5.99 8.00
N GLY A 77 3.49 -6.84 7.32
CA GLY A 77 2.47 -7.63 7.99
C GLY A 77 1.07 -7.08 7.74
N TYR A 78 0.93 -6.31 6.67
CA TYR A 78 -0.32 -5.65 6.36
C TYR A 78 -0.68 -5.87 4.90
N ALA A 79 -1.84 -5.40 4.50
CA ALA A 79 -2.28 -5.54 3.13
C ALA A 79 -3.27 -4.46 2.76
N ALA A 80 -3.30 -4.11 1.49
CA ALA A 80 -4.22 -3.10 1.00
C ALA A 80 -5.39 -3.77 0.28
N ILE A 81 -6.58 -3.55 0.80
CA ILE A 81 -7.79 -4.11 0.20
C ILE A 81 -8.67 -3.00 -0.35
N PRO A 82 -8.74 -2.85 -1.67
CA PRO A 82 -9.56 -1.82 -2.30
C PRO A 82 -11.04 -2.02 -2.06
N ASN A 83 -11.63 -1.09 -1.33
CA ASN A 83 -13.05 -1.08 -1.06
C ASN A 83 -13.70 -0.07 -1.99
N GLY A 84 -13.76 -0.40 -3.27
CA GLY A 84 -14.31 0.51 -4.24
C GLY A 84 -13.30 1.55 -4.66
N GLU A 85 -13.57 2.81 -4.35
CA GLU A 85 -12.68 3.91 -4.71
C GLU A 85 -11.65 4.16 -3.61
N ILE A 86 -11.91 3.59 -2.44
CA ILE A 86 -11.00 3.73 -1.31
C ILE A 86 -10.30 2.42 -1.02
N ILE A 87 -9.00 2.47 -0.79
CA ILE A 87 -8.24 1.27 -0.50
C ILE A 87 -7.94 1.18 0.99
N LYS A 88 -8.34 0.10 1.62
CA LYS A 88 -8.17 -0.04 3.06
C LYS A 88 -6.96 -0.91 3.39
N ILE A 89 -6.02 -0.36 4.14
CA ILE A 89 -4.83 -1.09 4.57
C ILE A 89 -5.05 -1.64 5.97
N ILE A 90 -5.02 -2.95 6.10
CA ILE A 90 -5.22 -3.60 7.39
C ILE A 90 -4.13 -4.64 7.64
N PRO A 91 -3.95 -5.08 8.89
CA PRO A 91 -2.97 -6.09 9.24
C PRO A 91 -3.41 -7.48 8.81
N ASN A 92 -2.88 -7.94 7.68
CA ASN A 92 -3.27 -9.23 7.12
C ASN A 92 -2.84 -10.37 8.03
N ILE A 93 -2.00 -10.02 8.98
CA ILE A 93 -1.52 -10.97 9.98
C ILE A 93 -2.60 -11.26 11.01
N ASP A 94 -3.61 -10.42 11.01
CA ASP A 94 -4.73 -10.56 11.94
C ASP A 94 -6.05 -10.62 11.17
N ALA A 95 -6.15 -9.80 10.14
CA ALA A 95 -7.34 -9.75 9.33
C ALA A 95 -6.98 -9.66 7.84
N LYS A 96 -7.45 -10.64 7.07
CA LYS A 96 -7.26 -10.62 5.62
C LYS A 96 -8.56 -10.28 4.93
N THR A 97 -9.65 -10.85 5.42
CA THR A 97 -10.96 -10.62 4.84
C THR A 97 -11.97 -10.25 5.94
N GLN A 98 -12.19 -11.18 6.87
CA GLN A 98 -13.10 -10.96 8.00
C GLN A 98 -14.53 -10.72 7.52
N SER A 99 -15.21 -11.80 7.16
CA SER A 99 -16.60 -11.73 6.73
C SER A 99 -17.45 -11.10 7.84
N PRO A 100 -18.10 -9.96 7.53
CA PRO A 100 -18.91 -9.23 8.51
C PRO A 100 -20.26 -9.90 8.74
N ASP A 101 -20.95 -9.46 9.78
CA ASP A 101 -22.25 -10.03 10.16
C ASP A 101 -23.34 -9.52 9.22
N LEU A 102 -22.97 -8.65 8.28
CA LEU A 102 -23.89 -8.17 7.26
C LEU A 102 -23.73 -8.99 5.99
N LEU A 103 -23.50 -10.27 6.16
CA LEU A 103 -23.31 -11.17 5.03
C LEU A 103 -24.46 -12.16 4.96
N SER A 104 -25.55 -11.84 5.64
CA SER A 104 -26.72 -12.70 5.68
C SER A 104 -27.73 -12.24 4.64
N GLY A 105 -27.35 -11.24 3.86
CA GLY A 105 -28.24 -10.70 2.86
C GLY A 105 -29.19 -9.68 3.45
N MET A 106 -30.41 -9.67 2.96
CA MET A 106 -31.44 -8.79 3.49
C MET A 106 -32.36 -9.58 4.41
N LYS A 107 -32.55 -10.85 4.09
CA LYS A 107 -33.46 -11.73 4.83
C LYS A 107 -34.89 -11.19 4.79
N SER A 108 -35.62 -11.62 3.78
CA SER A 108 -36.99 -11.18 3.57
C SER A 108 -37.96 -12.30 3.89
N PRO A 109 -38.56 -12.29 5.10
CA PRO A 109 -39.55 -13.29 5.51
C PRO A 109 -40.81 -13.19 4.66
N PRO A 110 -41.33 -14.34 4.17
CA PRO A 110 -42.53 -14.39 3.34
C PRO A 110 -43.76 -13.81 4.06
N ARG A 111 -43.79 -13.98 5.38
CA ARG A 111 -44.88 -13.46 6.18
C ARG A 111 -44.40 -13.23 7.61
N MET A 1 9.50 -17.02 -41.38
CA MET A 1 8.19 -17.60 -41.74
C MET A 1 7.06 -16.68 -41.29
N ALA A 2 6.84 -16.59 -39.98
CA ALA A 2 5.78 -15.75 -39.45
C ALA A 2 6.15 -15.22 -38.07
N HIS A 3 6.85 -16.04 -37.29
CA HIS A 3 7.29 -15.63 -35.97
C HIS A 3 8.50 -14.70 -36.07
N HIS A 4 8.25 -13.40 -36.08
CA HIS A 4 9.31 -12.41 -36.10
C HIS A 4 9.59 -11.91 -34.69
N HIS A 5 10.87 -11.86 -34.32
CA HIS A 5 11.29 -11.32 -33.03
C HIS A 5 10.57 -12.05 -31.88
N HIS A 6 10.95 -13.31 -31.67
CA HIS A 6 10.29 -14.13 -30.67
C HIS A 6 11.30 -14.78 -29.72
N HIS A 7 11.94 -13.95 -28.92
CA HIS A 7 12.83 -14.43 -27.87
C HIS A 7 12.46 -13.81 -26.53
N HIS A 8 11.76 -12.68 -26.59
CA HIS A 8 11.30 -11.96 -25.40
C HIS A 8 12.40 -11.81 -24.36
N VAL A 9 13.37 -10.98 -24.68
CA VAL A 9 14.40 -10.59 -23.73
C VAL A 9 13.90 -9.41 -22.92
N ASP A 10 12.65 -9.05 -23.20
CA ASP A 10 11.97 -7.96 -22.53
C ASP A 10 11.12 -8.52 -21.39
N ASP A 11 11.01 -7.76 -20.31
CA ASP A 11 10.20 -8.17 -19.17
C ASP A 11 9.48 -6.97 -18.56
N ASP A 12 10.24 -6.03 -18.03
CA ASP A 12 9.69 -4.90 -17.31
C ASP A 12 10.56 -3.66 -17.50
N ASP A 13 9.93 -2.54 -17.78
CA ASP A 13 10.65 -1.28 -17.93
C ASP A 13 10.03 -0.20 -17.05
N LYS A 14 10.73 0.16 -16.00
CA LYS A 14 10.27 1.22 -15.10
C LYS A 14 11.22 2.41 -15.15
N MET A 15 10.84 3.44 -15.87
CA MET A 15 11.62 4.66 -15.92
C MET A 15 10.73 5.86 -15.63
N GLY A 16 10.35 6.01 -14.36
CA GLY A 16 9.54 7.14 -13.96
C GLY A 16 10.40 8.36 -13.67
N SER A 17 9.91 9.21 -12.77
CA SER A 17 10.61 10.43 -12.44
C SER A 17 11.09 10.41 -10.99
N LYS A 18 10.52 9.52 -10.18
CA LYS A 18 10.81 9.50 -8.76
C LYS A 18 11.32 8.14 -8.30
N LEU A 19 12.61 8.10 -7.94
CA LEU A 19 13.21 6.92 -7.34
C LEU A 19 12.68 6.70 -5.93
N TRP A 20 12.44 5.44 -5.58
CA TRP A 20 11.90 5.13 -4.27
C TRP A 20 12.91 4.38 -3.40
N ASN A 21 13.49 5.12 -2.48
CA ASN A 21 14.41 4.58 -1.48
C ASN A 21 14.11 5.23 -0.15
N LEU A 22 13.18 4.62 0.58
CA LEU A 22 12.73 5.14 1.85
C LEU A 22 13.36 4.35 2.99
N ARG A 23 13.39 4.93 4.18
CA ARG A 23 13.95 4.27 5.34
C ARG A 23 12.90 4.09 6.42
N ASN A 24 13.01 2.95 7.13
CA ASN A 24 12.03 2.49 8.13
C ASN A 24 11.35 3.63 8.88
N ALA A 25 10.13 3.96 8.46
CA ALA A 25 9.38 5.04 9.08
C ALA A 25 7.99 4.56 9.47
N ASP A 26 7.21 5.45 10.08
CA ASP A 26 5.85 5.13 10.51
C ASP A 26 5.02 4.67 9.32
N ILE A 27 4.28 3.59 9.52
CA ILE A 27 3.48 2.98 8.48
C ILE A 27 2.45 3.95 7.88
N ARG A 28 1.82 4.76 8.72
CA ARG A 28 0.82 5.71 8.23
C ARG A 28 1.49 6.79 7.41
N ALA A 29 2.75 7.05 7.71
CA ALA A 29 3.51 8.06 7.00
C ALA A 29 3.77 7.59 5.58
N VAL A 30 3.95 6.28 5.44
CA VAL A 30 4.22 5.68 4.14
C VAL A 30 2.92 5.48 3.36
N ILE A 31 1.85 5.15 4.06
CA ILE A 31 0.56 4.99 3.43
C ILE A 31 0.09 6.34 2.87
N ALA A 32 0.45 7.41 3.55
CA ALA A 32 0.21 8.76 3.03
C ALA A 32 1.25 9.11 1.97
N GLU A 33 2.46 8.63 2.18
CA GLU A 33 3.58 8.79 1.26
C GLU A 33 3.21 8.29 -0.14
N VAL A 34 2.80 7.03 -0.21
CA VAL A 34 2.37 6.44 -1.47
C VAL A 34 1.15 7.18 -2.03
N SER A 35 0.22 7.53 -1.14
CA SER A 35 -0.99 8.25 -1.53
C SER A 35 -0.64 9.58 -2.19
N ARG A 36 0.42 10.20 -1.70
CA ARG A 36 0.83 11.51 -2.19
C ARG A 36 1.14 11.48 -3.68
N ILE A 37 1.76 10.40 -4.13
CA ILE A 37 2.13 10.25 -5.53
C ILE A 37 1.03 9.55 -6.33
N THR A 38 0.47 8.48 -5.76
CA THR A 38 -0.53 7.67 -6.45
C THR A 38 -1.86 8.42 -6.59
N GLY A 39 -2.16 9.26 -5.60
CA GLY A 39 -3.40 9.99 -5.60
C GLY A 39 -4.56 9.15 -5.13
N LYS A 40 -4.25 8.01 -4.52
CA LYS A 40 -5.27 7.05 -4.11
C LYS A 40 -5.65 7.25 -2.65
N ASN A 41 -6.89 6.92 -2.33
CA ASN A 41 -7.42 7.11 -0.98
C ASN A 41 -7.22 5.86 -0.16
N PHE A 42 -6.73 6.02 1.06
CA PHE A 42 -6.41 4.87 1.89
C PHE A 42 -7.06 4.96 3.26
N VAL A 43 -7.72 3.87 3.65
CA VAL A 43 -8.30 3.74 4.98
C VAL A 43 -7.36 2.89 5.84
N ILE A 44 -6.90 3.45 6.94
CA ILE A 44 -5.93 2.76 7.78
C ILE A 44 -6.57 2.28 9.07
N ASP A 45 -6.63 0.97 9.25
CA ASP A 45 -7.14 0.38 10.49
C ASP A 45 -6.26 0.81 11.67
N PRO A 46 -6.87 1.11 12.82
CA PRO A 46 -6.17 1.51 14.05
C PRO A 46 -5.06 0.54 14.47
N ARG A 47 -5.14 -0.72 14.03
CA ARG A 47 -4.13 -1.71 14.38
C ARG A 47 -2.91 -1.64 13.48
N VAL A 48 -3.02 -0.87 12.39
CA VAL A 48 -1.91 -0.75 11.46
C VAL A 48 -0.84 0.19 12.01
N GLN A 49 0.16 -0.40 12.65
CA GLN A 49 1.22 0.36 13.29
C GLN A 49 2.54 -0.40 13.25
N GLY A 50 3.46 0.08 12.44
CA GLY A 50 4.76 -0.54 12.30
C GLY A 50 5.68 0.32 11.47
N LYS A 51 6.79 -0.24 11.02
CA LYS A 51 7.74 0.51 10.21
C LYS A 51 7.73 0.02 8.77
N VAL A 52 7.69 0.97 7.85
CA VAL A 52 7.66 0.66 6.43
C VAL A 52 8.70 1.50 5.69
N SER A 53 9.38 0.89 4.73
CA SER A 53 10.30 1.61 3.87
C SER A 53 10.22 1.07 2.45
N ILE A 54 9.60 1.83 1.56
CA ILE A 54 9.49 1.44 0.16
C ILE A 54 10.81 1.64 -0.56
N VAL A 55 11.42 0.54 -0.96
CA VAL A 55 12.68 0.57 -1.70
C VAL A 55 12.57 -0.34 -2.92
N SER A 56 12.95 0.16 -4.08
CA SER A 56 12.75 -0.56 -5.32
C SER A 56 13.71 -0.09 -6.42
N SER A 57 13.61 -0.78 -7.56
CA SER A 57 14.35 -0.43 -8.78
C SER A 57 14.15 1.03 -9.21
N THR A 58 14.74 1.37 -10.36
CA THR A 58 14.64 2.70 -10.96
C THR A 58 13.25 3.35 -10.79
N PRO A 59 13.19 4.70 -10.85
CA PRO A 59 12.01 5.50 -10.49
C PRO A 59 10.67 4.88 -10.88
N LEU A 60 9.78 4.87 -9.90
CA LEU A 60 8.47 4.26 -10.04
C LEU A 60 7.42 5.31 -10.36
N SER A 61 6.48 4.94 -11.21
CA SER A 61 5.33 5.77 -11.50
C SER A 61 4.22 5.48 -10.49
N SER A 62 3.08 6.14 -10.61
CA SER A 62 1.99 5.99 -9.65
C SER A 62 1.60 4.52 -9.44
N ARG A 63 1.23 3.85 -10.52
CA ARG A 63 0.85 2.43 -10.44
C ARG A 63 2.03 1.59 -9.94
N GLU A 64 3.16 1.77 -10.60
CA GLU A 64 4.40 1.05 -10.28
C GLU A 64 4.70 1.14 -8.78
N LEU A 65 4.64 2.35 -8.26
CA LEU A 65 4.83 2.60 -6.83
C LEU A 65 3.79 1.86 -6.00
N TYR A 66 2.53 2.04 -6.36
CA TYR A 66 1.43 1.45 -5.62
C TYR A 66 1.56 -0.07 -5.55
N GLN A 67 2.16 -0.68 -6.55
CA GLN A 67 2.32 -2.13 -6.57
C GLN A 67 3.34 -2.54 -5.53
N VAL A 68 4.37 -1.72 -5.36
CA VAL A 68 5.39 -1.96 -4.37
C VAL A 68 4.85 -1.69 -2.98
N PHE A 69 3.99 -0.69 -2.86
CA PHE A 69 3.32 -0.39 -1.61
C PHE A 69 2.54 -1.62 -1.12
N LEU A 70 1.89 -2.29 -2.07
CA LEU A 70 1.17 -3.52 -1.77
C LEU A 70 2.11 -4.57 -1.23
N SER A 71 3.35 -4.53 -1.70
CA SER A 71 4.33 -5.52 -1.32
C SER A 71 4.97 -5.17 0.02
N VAL A 72 5.26 -3.88 0.20
CA VAL A 72 5.89 -3.40 1.42
C VAL A 72 4.98 -3.65 2.62
N LEU A 73 3.67 -3.61 2.37
CA LEU A 73 2.68 -3.91 3.40
C LEU A 73 2.78 -5.37 3.80
N GLN A 74 2.82 -6.26 2.82
CA GLN A 74 2.86 -7.68 3.09
C GLN A 74 4.13 -8.05 3.85
N VAL A 75 5.21 -7.32 3.59
CA VAL A 75 6.44 -7.46 4.35
C VAL A 75 6.24 -6.93 5.77
N SER A 76 5.43 -5.89 5.88
CA SER A 76 5.17 -5.23 7.14
C SER A 76 4.11 -5.99 7.96
N GLY A 77 3.38 -6.89 7.30
CA GLY A 77 2.34 -7.65 7.98
C GLY A 77 0.96 -7.08 7.72
N TYR A 78 0.85 -6.28 6.66
CA TYR A 78 -0.40 -5.60 6.34
C TYR A 78 -0.75 -5.84 4.89
N ALA A 79 -1.89 -5.30 4.46
CA ALA A 79 -2.32 -5.45 3.09
C ALA A 79 -3.26 -4.32 2.69
N ALA A 80 -3.22 -3.96 1.42
CA ALA A 80 -4.10 -2.92 0.91
C ALA A 80 -5.26 -3.54 0.15
N ILE A 81 -6.43 -3.51 0.75
CA ILE A 81 -7.62 -4.10 0.15
C ILE A 81 -8.57 -2.98 -0.26
N PRO A 82 -8.78 -2.81 -1.57
CA PRO A 82 -9.66 -1.77 -2.08
C PRO A 82 -11.09 -1.88 -1.55
N ASN A 83 -11.56 -0.79 -0.98
CA ASN A 83 -12.90 -0.69 -0.42
C ASN A 83 -13.76 0.12 -1.36
N GLY A 84 -13.97 -0.40 -2.56
CA GLY A 84 -14.67 0.36 -3.56
C GLY A 84 -13.72 1.30 -4.29
N GLU A 85 -13.99 2.59 -4.24
CA GLU A 85 -13.13 3.58 -4.88
C GLU A 85 -11.91 3.87 -4.02
N ILE A 86 -12.06 3.68 -2.72
CA ILE A 86 -10.98 3.89 -1.78
C ILE A 86 -10.28 2.56 -1.51
N ILE A 87 -9.14 2.60 -0.83
CA ILE A 87 -8.41 1.37 -0.50
C ILE A 87 -8.17 1.29 0.99
N LYS A 88 -8.43 0.13 1.58
CA LYS A 88 -8.28 -0.04 3.02
C LYS A 88 -7.04 -0.90 3.35
N ILE A 89 -6.12 -0.32 4.12
CA ILE A 89 -4.93 -1.06 4.55
C ILE A 89 -5.15 -1.59 5.96
N ILE A 90 -5.05 -2.90 6.10
CA ILE A 90 -5.24 -3.54 7.39
C ILE A 90 -4.16 -4.58 7.64
N PRO A 91 -3.97 -4.98 8.90
CA PRO A 91 -3.01 -6.03 9.25
C PRO A 91 -3.51 -7.40 8.84
N ASN A 92 -3.00 -7.90 7.71
CA ASN A 92 -3.48 -9.17 7.17
C ASN A 92 -2.93 -10.34 8.00
N ILE A 93 -2.14 -10.00 9.00
CA ILE A 93 -1.64 -10.99 9.95
C ILE A 93 -2.70 -11.28 10.99
N ASP A 94 -3.69 -10.41 11.05
CA ASP A 94 -4.82 -10.56 11.95
C ASP A 94 -6.07 -10.89 11.16
N ALA A 95 -6.22 -10.24 10.01
CA ALA A 95 -7.35 -10.48 9.13
C ALA A 95 -6.99 -10.11 7.71
N LYS A 96 -7.18 -11.06 6.79
CA LYS A 96 -6.89 -10.81 5.38
C LYS A 96 -8.15 -10.32 4.68
N THR A 97 -9.27 -10.94 5.00
CA THR A 97 -10.56 -10.53 4.49
C THR A 97 -11.65 -10.87 5.51
N GLN A 98 -11.56 -10.20 6.67
CA GLN A 98 -12.46 -10.46 7.80
C GLN A 98 -12.23 -11.88 8.34
N SER A 99 -11.56 -11.95 9.48
CA SER A 99 -11.24 -13.24 10.09
C SER A 99 -11.92 -13.37 11.45
N PRO A 100 -13.13 -13.96 11.49
CA PRO A 100 -13.84 -14.19 12.74
C PRO A 100 -13.16 -15.28 13.57
N ASP A 101 -13.30 -15.18 14.89
CA ASP A 101 -12.58 -16.07 15.81
C ASP A 101 -13.23 -17.45 15.92
N LEU A 102 -14.06 -17.79 14.95
CA LEU A 102 -14.63 -19.12 14.86
C LEU A 102 -14.26 -19.75 13.52
N LEU A 103 -13.26 -19.18 12.87
CA LEU A 103 -12.80 -19.68 11.58
C LEU A 103 -11.71 -20.72 11.76
N SER A 104 -10.88 -20.53 12.78
CA SER A 104 -9.79 -21.44 13.07
C SER A 104 -9.65 -21.63 14.58
N GLY A 105 -8.97 -22.68 14.99
CA GLY A 105 -8.79 -22.94 16.40
C GLY A 105 -9.64 -24.08 16.89
N MET A 106 -10.18 -24.86 15.94
CA MET A 106 -11.00 -26.01 16.28
C MET A 106 -10.16 -27.11 16.91
N LYS A 107 -8.96 -27.30 16.38
CA LYS A 107 -8.05 -28.31 16.91
C LYS A 107 -7.36 -27.78 18.16
N SER A 108 -8.08 -27.83 19.27
CA SER A 108 -7.54 -27.37 20.55
C SER A 108 -7.02 -28.55 21.40
N PRO A 109 -7.82 -29.63 21.61
CA PRO A 109 -7.37 -30.75 22.43
C PRO A 109 -6.44 -31.72 21.70
N PRO A 110 -5.32 -32.10 22.33
CA PRO A 110 -4.41 -33.10 21.77
C PRO A 110 -5.01 -34.50 21.89
N ARG A 111 -5.21 -35.16 20.76
CA ARG A 111 -5.85 -36.46 20.74
C ARG A 111 -5.08 -37.42 19.84
N MET A 1 -19.29 -8.65 -18.49
CA MET A 1 -20.58 -9.03 -17.86
C MET A 1 -21.45 -7.80 -17.59
N ALA A 2 -20.90 -6.83 -16.87
CA ALA A 2 -21.65 -5.65 -16.49
C ALA A 2 -21.02 -4.38 -17.10
N HIS A 3 -20.50 -4.52 -18.31
CA HIS A 3 -19.90 -3.38 -19.00
C HIS A 3 -20.43 -3.28 -20.42
N HIS A 4 -21.48 -2.49 -20.59
CA HIS A 4 -22.07 -2.29 -21.90
C HIS A 4 -21.16 -1.39 -22.74
N HIS A 5 -20.34 -0.60 -22.05
CA HIS A 5 -19.38 0.25 -22.72
C HIS A 5 -17.97 -0.27 -22.42
N HIS A 6 -17.56 -1.31 -23.16
CA HIS A 6 -16.24 -1.91 -23.00
C HIS A 6 -15.15 -0.86 -23.11
N HIS A 7 -14.19 -0.92 -22.19
CA HIS A 7 -13.11 0.06 -22.11
C HIS A 7 -13.66 1.44 -21.79
N HIS A 8 -13.86 1.71 -20.51
CA HIS A 8 -14.39 3.00 -20.08
C HIS A 8 -13.43 3.69 -19.13
N VAL A 9 -12.53 2.93 -18.54
CA VAL A 9 -11.56 3.47 -17.59
C VAL A 9 -10.16 2.94 -17.86
N ASP A 10 -9.20 3.85 -17.94
CA ASP A 10 -7.80 3.48 -18.11
C ASP A 10 -7.00 3.91 -16.89
N ASP A 11 -6.80 5.21 -16.74
CA ASP A 11 -6.07 5.77 -15.60
C ASP A 11 -4.66 5.20 -15.51
N ASP A 12 -4.05 4.99 -16.66
CA ASP A 12 -2.67 4.52 -16.70
C ASP A 12 -1.74 5.67 -17.05
N ASP A 13 -0.72 5.87 -16.24
CA ASP A 13 0.23 6.95 -16.46
C ASP A 13 1.63 6.49 -16.12
N LYS A 14 2.52 6.59 -17.10
CA LYS A 14 3.90 6.14 -16.91
C LYS A 14 4.82 7.34 -16.75
N MET A 15 6.11 7.06 -16.57
CA MET A 15 7.12 8.10 -16.38
C MET A 15 6.94 8.78 -15.02
N GLY A 16 7.59 8.23 -14.02
CA GLY A 16 7.58 8.83 -12.71
C GLY A 16 8.99 9.09 -12.22
N SER A 17 9.46 10.32 -12.41
CA SER A 17 10.83 10.68 -12.06
C SER A 17 11.01 10.76 -10.54
N LYS A 18 11.00 9.61 -9.90
CA LYS A 18 11.15 9.52 -8.46
C LYS A 18 11.55 8.11 -8.05
N LEU A 19 12.80 7.94 -7.68
CA LEU A 19 13.29 6.67 -7.15
C LEU A 19 12.78 6.44 -5.73
N TRP A 20 12.57 5.19 -5.38
CA TRP A 20 11.97 4.86 -4.10
C TRP A 20 12.87 3.99 -3.24
N ASN A 21 13.63 4.64 -2.37
CA ASN A 21 14.36 3.95 -1.31
C ASN A 21 14.06 4.64 0.00
N LEU A 22 13.00 4.19 0.63
CA LEU A 22 12.54 4.78 1.88
C LEU A 22 13.12 4.01 3.06
N ARG A 23 13.15 4.67 4.20
CA ARG A 23 13.67 4.06 5.42
C ARG A 23 12.54 3.78 6.39
N ASN A 24 12.68 2.69 7.14
CA ASN A 24 11.66 2.21 8.08
C ASN A 24 11.05 3.35 8.89
N ALA A 25 9.87 3.76 8.48
CA ALA A 25 9.17 4.86 9.10
C ALA A 25 7.77 4.43 9.51
N ASP A 26 7.02 5.35 10.12
CA ASP A 26 5.66 5.06 10.52
C ASP A 26 4.82 4.67 9.31
N ILE A 27 4.14 3.55 9.45
CA ILE A 27 3.33 2.98 8.37
C ILE A 27 2.30 3.98 7.83
N ARG A 28 1.71 4.79 8.70
CA ARG A 28 0.70 5.74 8.26
C ARG A 28 1.34 6.84 7.43
N ALA A 29 2.63 7.09 7.68
CA ALA A 29 3.37 8.08 6.93
C ALA A 29 3.66 7.57 5.53
N VAL A 30 3.79 6.26 5.40
CA VAL A 30 4.07 5.64 4.12
C VAL A 30 2.78 5.48 3.31
N ILE A 31 1.68 5.22 4.01
CA ILE A 31 0.38 5.11 3.34
C ILE A 31 -0.05 6.47 2.81
N ALA A 32 0.45 7.53 3.43
CA ALA A 32 0.27 8.88 2.91
C ALA A 32 1.37 9.22 1.90
N GLU A 33 2.49 8.53 2.06
CA GLU A 33 3.65 8.66 1.16
C GLU A 33 3.29 8.15 -0.23
N VAL A 34 2.66 6.99 -0.28
CA VAL A 34 2.24 6.40 -1.54
C VAL A 34 1.09 7.19 -2.17
N SER A 35 0.11 7.62 -1.36
CA SER A 35 -1.04 8.35 -1.88
C SER A 35 -0.61 9.69 -2.47
N ARG A 36 0.48 10.24 -1.94
CA ARG A 36 1.03 11.50 -2.41
C ARG A 36 1.27 11.45 -3.92
N ILE A 37 1.87 10.36 -4.38
CA ILE A 37 2.20 10.20 -5.79
C ILE A 37 1.07 9.52 -6.55
N THR A 38 0.48 8.49 -5.96
CA THR A 38 -0.53 7.68 -6.64
C THR A 38 -1.84 8.43 -6.82
N GLY A 39 -2.15 9.31 -5.87
CA GLY A 39 -3.39 10.06 -5.91
C GLY A 39 -4.59 9.18 -5.59
N LYS A 40 -4.36 8.19 -4.75
CA LYS A 40 -5.39 7.23 -4.39
C LYS A 40 -5.79 7.41 -2.93
N ASN A 41 -7.02 7.08 -2.62
CA ASN A 41 -7.53 7.23 -1.25
C ASN A 41 -7.26 5.97 -0.45
N PHE A 42 -6.75 6.13 0.76
CA PHE A 42 -6.45 5.00 1.62
C PHE A 42 -7.15 5.11 2.96
N VAL A 43 -7.47 3.96 3.54
CA VAL A 43 -8.08 3.91 4.86
C VAL A 43 -7.22 3.05 5.76
N ILE A 44 -6.83 3.58 6.91
CA ILE A 44 -5.91 2.87 7.79
C ILE A 44 -6.63 2.41 9.06
N ASP A 45 -6.53 1.13 9.36
CA ASP A 45 -7.07 0.59 10.60
C ASP A 45 -6.17 0.97 11.77
N PRO A 46 -6.76 1.29 12.93
CA PRO A 46 -5.99 1.65 14.15
C PRO A 46 -4.98 0.58 14.56
N ARG A 47 -5.12 -0.63 14.05
CA ARG A 47 -4.18 -1.70 14.37
C ARG A 47 -2.98 -1.66 13.44
N VAL A 48 -3.04 -0.81 12.42
CA VAL A 48 -1.94 -0.67 11.47
C VAL A 48 -0.89 0.27 12.01
N GLN A 49 0.07 -0.28 12.73
CA GLN A 49 1.16 0.48 13.31
C GLN A 49 2.44 -0.33 13.28
N GLY A 50 3.39 0.18 12.51
CA GLY A 50 4.67 -0.48 12.36
C GLY A 50 5.56 0.32 11.45
N LYS A 51 6.68 -0.25 11.08
CA LYS A 51 7.62 0.43 10.20
C LYS A 51 7.56 -0.14 8.80
N VAL A 52 7.61 0.76 7.82
CA VAL A 52 7.60 0.41 6.43
C VAL A 52 8.66 1.21 5.67
N SER A 53 9.40 0.52 4.81
CA SER A 53 10.41 1.16 3.99
C SER A 53 10.33 0.64 2.56
N ILE A 54 9.70 1.40 1.68
CA ILE A 54 9.62 1.02 0.27
C ILE A 54 10.98 1.17 -0.39
N VAL A 55 11.59 0.04 -0.75
CA VAL A 55 12.91 0.05 -1.35
C VAL A 55 12.95 -0.68 -2.68
N SER A 56 13.04 0.09 -3.74
CA SER A 56 13.20 -0.42 -5.09
C SER A 56 13.87 0.65 -5.94
N SER A 57 15.18 0.53 -6.15
CA SER A 57 15.89 1.59 -6.85
C SER A 57 15.50 1.66 -8.31
N THR A 58 14.45 2.43 -8.54
CA THR A 58 13.96 2.77 -9.86
C THR A 58 13.00 3.92 -9.69
N PRO A 59 12.75 4.71 -10.72
CA PRO A 59 11.76 5.75 -10.65
C PRO A 59 10.38 5.20 -10.98
N LEU A 60 9.49 5.25 -10.02
CA LEU A 60 8.20 4.58 -10.13
C LEU A 60 7.09 5.57 -10.44
N SER A 61 6.24 5.18 -11.38
CA SER A 61 5.07 5.95 -11.73
C SER A 61 3.95 5.67 -10.74
N SER A 62 2.82 6.34 -10.89
CA SER A 62 1.69 6.21 -9.98
C SER A 62 1.32 4.74 -9.73
N ARG A 63 0.99 4.02 -10.80
CA ARG A 63 0.56 2.63 -10.66
C ARG A 63 1.73 1.75 -10.20
N GLU A 64 2.90 1.97 -10.80
CA GLU A 64 4.10 1.21 -10.46
C GLU A 64 4.40 1.28 -8.98
N LEU A 65 4.38 2.49 -8.44
CA LEU A 65 4.60 2.72 -7.02
C LEU A 65 3.56 1.97 -6.19
N TYR A 66 2.31 2.17 -6.53
CA TYR A 66 1.21 1.56 -5.79
C TYR A 66 1.38 0.04 -5.68
N GLN A 67 1.98 -0.58 -6.69
CA GLN A 67 2.16 -2.02 -6.68
C GLN A 67 3.21 -2.42 -5.66
N VAL A 68 4.22 -1.58 -5.51
CA VAL A 68 5.29 -1.85 -4.54
C VAL A 68 4.79 -1.58 -3.13
N PHE A 69 3.90 -0.61 -2.99
CA PHE A 69 3.27 -0.34 -1.71
C PHE A 69 2.50 -1.56 -1.25
N LEU A 70 1.88 -2.25 -2.20
CA LEU A 70 1.11 -3.45 -1.91
C LEU A 70 2.00 -4.55 -1.37
N SER A 71 3.26 -4.58 -1.81
CA SER A 71 4.16 -5.64 -1.39
C SER A 71 4.92 -5.26 -0.13
N VAL A 72 5.16 -3.97 0.05
CA VAL A 72 5.85 -3.48 1.24
C VAL A 72 4.99 -3.73 2.47
N LEU A 73 3.67 -3.70 2.28
CA LEU A 73 2.73 -4.00 3.33
C LEU A 73 2.86 -5.45 3.75
N GLN A 74 2.98 -6.32 2.78
CA GLN A 74 3.08 -7.75 3.04
C GLN A 74 4.36 -8.06 3.81
N VAL A 75 5.35 -7.19 3.67
CA VAL A 75 6.59 -7.31 4.42
C VAL A 75 6.38 -6.86 5.87
N SER A 76 5.58 -5.82 6.06
CA SER A 76 5.35 -5.28 7.38
C SER A 76 4.23 -6.06 8.10
N GLY A 77 3.43 -6.78 7.33
CA GLY A 77 2.36 -7.58 7.89
C GLY A 77 0.99 -6.96 7.69
N TYR A 78 0.83 -6.21 6.61
CA TYR A 78 -0.44 -5.55 6.31
C TYR A 78 -0.82 -5.80 4.86
N ALA A 79 -1.98 -5.31 4.46
CA ALA A 79 -2.43 -5.45 3.09
C ALA A 79 -3.41 -4.34 2.74
N ALA A 80 -3.42 -3.96 1.48
CA ALA A 80 -4.31 -2.92 1.00
C ALA A 80 -5.50 -3.54 0.29
N ILE A 81 -6.68 -3.34 0.85
CA ILE A 81 -7.90 -3.88 0.27
C ILE A 81 -8.78 -2.76 -0.26
N PRO A 82 -8.82 -2.60 -1.59
CA PRO A 82 -9.67 -1.59 -2.23
C PRO A 82 -11.14 -1.80 -1.95
N ASN A 83 -11.75 -0.80 -1.34
CA ASN A 83 -13.16 -0.79 -1.04
C ASN A 83 -13.87 0.20 -1.95
N GLY A 84 -14.11 -0.21 -3.18
CA GLY A 84 -14.70 0.68 -4.16
C GLY A 84 -13.67 1.59 -4.78
N GLU A 85 -13.53 2.79 -4.22
CA GLU A 85 -12.53 3.73 -4.70
C GLU A 85 -11.47 3.98 -3.62
N ILE A 86 -11.87 3.76 -2.37
CA ILE A 86 -10.95 3.92 -1.25
C ILE A 86 -10.28 2.61 -0.92
N ILE A 87 -8.97 2.64 -0.76
CA ILE A 87 -8.22 1.43 -0.49
C ILE A 87 -7.91 1.36 1.01
N LYS A 88 -8.38 0.31 1.67
CA LYS A 88 -8.19 0.19 3.10
C LYS A 88 -7.03 -0.74 3.44
N ILE A 89 -6.06 -0.22 4.17
CA ILE A 89 -4.90 -0.99 4.60
C ILE A 89 -5.12 -1.52 6.01
N ILE A 90 -5.08 -2.84 6.15
CA ILE A 90 -5.25 -3.47 7.44
C ILE A 90 -4.16 -4.52 7.65
N PRO A 91 -3.94 -4.97 8.89
CA PRO A 91 -2.98 -6.02 9.22
C PRO A 91 -3.44 -7.37 8.69
N ASN A 92 -2.70 -7.91 7.72
CA ASN A 92 -3.06 -9.19 7.11
C ASN A 92 -2.52 -10.33 7.96
N ILE A 93 -1.71 -9.98 8.93
CA ILE A 93 -1.11 -10.95 9.83
C ILE A 93 -2.17 -11.60 10.70
N ASP A 94 -2.46 -12.86 10.39
CA ASP A 94 -3.50 -13.66 11.05
C ASP A 94 -4.91 -13.17 10.68
N ALA A 95 -5.12 -11.87 10.75
CA ALA A 95 -6.41 -11.28 10.41
C ALA A 95 -6.71 -11.46 8.93
N LYS A 96 -7.86 -12.03 8.64
CA LYS A 96 -8.31 -12.26 7.28
C LYS A 96 -8.60 -10.95 6.57
N THR A 97 -8.09 -10.82 5.36
CA THR A 97 -8.35 -9.64 4.54
C THR A 97 -9.71 -9.76 3.85
N GLN A 98 -10.27 -10.96 3.92
CA GLN A 98 -11.62 -11.20 3.42
C GLN A 98 -12.46 -11.84 4.53
N SER A 99 -13.13 -11.00 5.30
CA SER A 99 -13.91 -11.49 6.43
C SER A 99 -15.36 -11.01 6.36
N PRO A 100 -16.18 -11.66 5.50
CA PRO A 100 -17.61 -11.32 5.39
C PRO A 100 -18.37 -11.63 6.66
N ASP A 101 -18.52 -12.92 6.96
CA ASP A 101 -19.16 -13.35 8.19
C ASP A 101 -18.12 -13.68 9.25
N LEU A 102 -16.86 -13.63 8.85
CA LEU A 102 -15.76 -13.92 9.77
C LEU A 102 -15.36 -12.65 10.51
N LEU A 103 -14.91 -12.83 11.76
CA LEU A 103 -14.44 -11.71 12.60
C LEU A 103 -15.58 -10.75 12.93
N SER A 104 -16.81 -11.20 12.73
CA SER A 104 -17.98 -10.38 12.99
C SER A 104 -18.41 -10.49 14.44
N GLY A 105 -18.48 -11.71 14.92
CA GLY A 105 -18.92 -11.96 16.28
C GLY A 105 -17.76 -12.04 17.25
N MET A 106 -17.02 -10.95 17.38
CA MET A 106 -15.93 -10.89 18.35
C MET A 106 -16.51 -10.95 19.75
N LYS A 107 -17.58 -10.19 19.96
CA LYS A 107 -18.35 -10.22 21.21
C LYS A 107 -17.44 -10.00 22.42
N SER A 108 -17.09 -8.74 22.66
CA SER A 108 -16.22 -8.37 23.77
C SER A 108 -16.88 -8.75 25.11
N PRO A 109 -16.34 -9.78 25.79
CA PRO A 109 -16.91 -10.26 27.04
C PRO A 109 -16.42 -9.48 28.25
N PRO A 110 -17.34 -8.93 29.04
CA PRO A 110 -17.02 -8.24 30.30
C PRO A 110 -16.33 -9.17 31.29
N ARG A 111 -16.67 -10.45 31.21
CA ARG A 111 -16.05 -11.46 32.05
C ARG A 111 -15.68 -12.68 31.21
N MET A 1 3.85 -6.13 -22.66
CA MET A 1 3.53 -7.45 -22.04
C MET A 1 4.53 -8.51 -22.49
N ALA A 2 5.52 -8.12 -23.29
CA ALA A 2 6.49 -9.07 -23.82
C ALA A 2 7.54 -9.45 -22.77
N HIS A 3 7.06 -9.94 -21.63
CA HIS A 3 7.94 -10.38 -20.55
C HIS A 3 7.45 -11.72 -20.03
N HIS A 4 6.76 -12.46 -20.91
CA HIS A 4 6.13 -13.71 -20.55
C HIS A 4 5.11 -13.48 -19.44
N HIS A 5 4.80 -14.52 -18.69
CA HIS A 5 3.90 -14.40 -17.52
C HIS A 5 2.55 -13.81 -17.94
N HIS A 6 1.83 -14.53 -18.77
CA HIS A 6 0.55 -14.05 -19.28
C HIS A 6 -0.56 -14.27 -18.26
N HIS A 7 -0.60 -13.40 -17.26
CA HIS A 7 -1.66 -13.44 -16.26
C HIS A 7 -2.56 -12.22 -16.41
N HIS A 8 -1.94 -11.06 -16.59
CA HIS A 8 -2.69 -9.81 -16.76
C HIS A 8 -2.14 -9.05 -17.95
N VAL A 9 -3.04 -8.69 -18.87
CA VAL A 9 -2.66 -7.92 -20.05
C VAL A 9 -1.97 -6.61 -19.68
N ASP A 10 -0.72 -6.49 -20.08
CA ASP A 10 0.06 -5.30 -19.78
C ASP A 10 0.45 -4.59 -21.07
N ASP A 11 -0.44 -3.75 -21.57
CA ASP A 11 -0.18 -3.01 -22.80
C ASP A 11 0.15 -1.55 -22.51
N ASP A 12 0.02 -1.17 -21.26
CA ASP A 12 0.34 0.19 -20.84
C ASP A 12 1.38 0.17 -19.73
N ASP A 13 2.56 0.69 -20.02
CA ASP A 13 3.63 0.75 -19.04
C ASP A 13 4.18 2.17 -18.98
N LYS A 14 4.31 2.69 -17.77
CA LYS A 14 4.78 4.06 -17.59
C LYS A 14 5.95 4.08 -16.62
N MET A 15 7.06 4.63 -17.06
CA MET A 15 8.22 4.81 -16.20
C MET A 15 7.96 6.02 -15.31
N GLY A 16 8.43 5.96 -14.07
CA GLY A 16 8.14 7.01 -13.12
C GLY A 16 9.20 8.08 -13.08
N SER A 17 8.91 9.16 -12.38
CA SER A 17 9.84 10.27 -12.24
C SER A 17 10.14 10.52 -10.77
N LYS A 18 10.23 9.44 -10.01
CA LYS A 18 10.48 9.53 -8.57
C LYS A 18 11.09 8.22 -8.07
N LEU A 19 12.36 8.28 -7.69
CA LEU A 19 13.07 7.12 -7.18
C LEU A 19 12.66 6.83 -5.72
N TRP A 20 12.55 5.56 -5.36
CA TRP A 20 12.05 5.18 -4.05
C TRP A 20 13.04 4.35 -3.23
N ASN A 21 13.62 5.00 -2.23
CA ASN A 21 14.44 4.31 -1.23
C ASN A 21 14.15 4.93 0.13
N LEU A 22 13.15 4.39 0.80
CA LEU A 22 12.72 4.89 2.09
C LEU A 22 13.36 4.07 3.20
N ARG A 23 13.44 4.66 4.39
CA ARG A 23 13.92 3.94 5.56
C ARG A 23 12.81 3.81 6.57
N ASN A 24 12.81 2.68 7.27
CA ASN A 24 11.73 2.26 8.17
C ASN A 24 11.16 3.43 8.96
N ALA A 25 10.01 3.91 8.49
CA ALA A 25 9.32 5.02 9.10
C ALA A 25 7.92 4.61 9.50
N ASP A 26 7.17 5.54 10.07
CA ASP A 26 5.80 5.29 10.47
C ASP A 26 5.00 4.79 9.28
N ILE A 27 4.32 3.67 9.48
CA ILE A 27 3.54 3.03 8.43
C ILE A 27 2.52 3.99 7.80
N ARG A 28 1.89 4.83 8.61
CA ARG A 28 0.88 5.74 8.10
C ARG A 28 1.54 6.84 7.29
N ALA A 29 2.81 7.11 7.58
CA ALA A 29 3.56 8.12 6.86
C ALA A 29 3.86 7.63 5.46
N VAL A 30 4.00 6.31 5.33
CA VAL A 30 4.26 5.69 4.04
C VAL A 30 2.96 5.54 3.27
N ILE A 31 1.90 5.17 3.97
CA ILE A 31 0.59 5.04 3.35
C ILE A 31 0.10 6.42 2.87
N ALA A 32 0.54 7.46 3.57
CA ALA A 32 0.27 8.83 3.15
C ALA A 32 1.26 9.28 2.06
N GLU A 33 2.43 8.65 2.04
CA GLU A 33 3.45 8.96 1.04
C GLU A 33 3.02 8.41 -0.32
N VAL A 34 2.63 7.14 -0.34
CA VAL A 34 2.21 6.50 -1.56
C VAL A 34 0.98 7.19 -2.16
N SER A 35 0.04 7.59 -1.30
CA SER A 35 -1.17 8.28 -1.77
C SER A 35 -0.86 9.64 -2.36
N ARG A 36 0.22 10.26 -1.88
CA ARG A 36 0.64 11.57 -2.39
C ARG A 36 0.88 11.50 -3.90
N ILE A 37 1.50 10.42 -4.35
CA ILE A 37 1.83 10.25 -5.75
C ILE A 37 0.70 9.53 -6.50
N THR A 38 0.25 8.41 -5.94
CA THR A 38 -0.74 7.57 -6.60
C THR A 38 -2.09 8.27 -6.77
N GLY A 39 -2.39 9.20 -5.86
CA GLY A 39 -3.64 9.91 -5.91
C GLY A 39 -4.80 9.04 -5.46
N LYS A 40 -4.47 7.99 -4.71
CA LYS A 40 -5.47 7.02 -4.27
C LYS A 40 -5.82 7.25 -2.81
N ASN A 41 -7.03 6.90 -2.43
CA ASN A 41 -7.50 7.08 -1.07
C ASN A 41 -7.23 5.82 -0.26
N PHE A 42 -6.75 5.98 0.96
CA PHE A 42 -6.41 4.83 1.79
C PHE A 42 -7.08 4.91 3.15
N VAL A 43 -7.47 3.75 3.68
CA VAL A 43 -8.09 3.69 5.00
C VAL A 43 -7.26 2.79 5.90
N ILE A 44 -6.70 3.37 6.94
CA ILE A 44 -5.77 2.64 7.80
C ILE A 44 -6.45 2.17 9.08
N ASP A 45 -6.45 0.86 9.29
CA ASP A 45 -6.99 0.28 10.53
C ASP A 45 -6.10 0.68 11.70
N PRO A 46 -6.69 0.99 12.86
CA PRO A 46 -5.96 1.39 14.07
C PRO A 46 -4.91 0.37 14.53
N ARG A 47 -5.00 -0.86 14.02
CA ARG A 47 -4.02 -1.90 14.34
C ARG A 47 -2.80 -1.80 13.44
N VAL A 48 -2.92 -1.04 12.35
CA VAL A 48 -1.82 -0.87 11.42
C VAL A 48 -0.82 0.13 12.01
N GLN A 49 0.12 -0.40 12.78
CA GLN A 49 1.08 0.41 13.52
C GLN A 49 2.44 -0.26 13.48
N GLY A 50 3.36 0.31 12.73
CA GLY A 50 4.68 -0.27 12.59
C GLY A 50 5.55 0.55 11.67
N LYS A 51 6.63 -0.03 11.19
CA LYS A 51 7.56 0.66 10.32
C LYS A 51 7.56 0.06 8.93
N VAL A 52 7.64 0.94 7.93
CA VAL A 52 7.70 0.53 6.54
C VAL A 52 8.75 1.33 5.79
N SER A 53 9.46 0.67 4.88
CA SER A 53 10.44 1.33 4.04
C SER A 53 10.34 0.80 2.61
N ILE A 54 9.77 1.61 1.73
CA ILE A 54 9.71 1.23 0.32
C ILE A 54 11.08 1.41 -0.32
N VAL A 55 11.76 0.29 -0.54
CA VAL A 55 13.07 0.30 -1.17
C VAL A 55 13.06 -0.49 -2.47
N SER A 56 13.13 0.23 -3.57
CA SER A 56 13.22 -0.35 -4.89
C SER A 56 13.81 0.69 -5.81
N SER A 57 15.10 0.60 -6.10
CA SER A 57 15.75 1.65 -6.86
C SER A 57 15.34 1.63 -8.32
N THR A 58 14.26 2.35 -8.57
CA THR A 58 13.85 2.78 -9.88
C THR A 58 12.78 3.84 -9.68
N PRO A 59 12.83 4.93 -10.45
CA PRO A 59 11.77 5.92 -10.41
C PRO A 59 10.43 5.29 -10.77
N LEU A 60 9.52 5.30 -9.82
CA LEU A 60 8.27 4.59 -9.94
C LEU A 60 7.14 5.54 -10.29
N SER A 61 6.31 5.11 -11.22
CA SER A 61 5.14 5.88 -11.62
C SER A 61 3.99 5.63 -10.65
N SER A 62 2.85 6.26 -10.90
CA SER A 62 1.68 6.10 -10.05
C SER A 62 1.35 4.62 -9.82
N ARG A 63 1.35 3.84 -10.90
CA ARG A 63 1.03 2.42 -10.79
C ARG A 63 2.18 1.65 -10.17
N GLU A 64 3.39 1.84 -10.71
CA GLU A 64 4.58 1.13 -10.24
C GLU A 64 4.74 1.25 -8.73
N LEU A 65 4.69 2.48 -8.25
CA LEU A 65 4.79 2.76 -6.82
C LEU A 65 3.74 2.00 -6.04
N TYR A 66 2.49 2.12 -6.47
CA TYR A 66 1.38 1.49 -5.78
C TYR A 66 1.57 -0.03 -5.68
N GLN A 67 2.22 -0.62 -6.69
CA GLN A 67 2.42 -2.06 -6.70
C GLN A 67 3.48 -2.45 -5.67
N VAL A 68 4.50 -1.61 -5.54
CA VAL A 68 5.56 -1.85 -4.56
C VAL A 68 5.04 -1.60 -3.15
N PHE A 69 4.14 -0.64 -3.03
CA PHE A 69 3.48 -0.35 -1.76
C PHE A 69 2.73 -1.58 -1.29
N LEU A 70 2.04 -2.24 -2.22
CA LEU A 70 1.31 -3.46 -1.91
C LEU A 70 2.27 -4.55 -1.47
N SER A 71 3.51 -4.45 -1.91
CA SER A 71 4.50 -5.46 -1.60
C SER A 71 5.15 -5.17 -0.25
N VAL A 72 5.40 -3.88 0.01
CA VAL A 72 6.04 -3.47 1.24
C VAL A 72 5.14 -3.75 2.45
N LEU A 73 3.84 -3.66 2.22
CA LEU A 73 2.86 -3.97 3.25
C LEU A 73 2.99 -5.42 3.67
N GLN A 74 3.10 -6.30 2.69
CA GLN A 74 3.20 -7.72 2.94
C GLN A 74 4.48 -8.06 3.69
N VAL A 75 5.45 -7.16 3.61
CA VAL A 75 6.70 -7.29 4.37
C VAL A 75 6.48 -6.85 5.81
N SER A 76 5.72 -5.79 6.00
CA SER A 76 5.48 -5.24 7.33
C SER A 76 4.37 -6.01 8.05
N GLY A 77 3.59 -6.77 7.29
CA GLY A 77 2.53 -7.57 7.86
C GLY A 77 1.14 -6.99 7.62
N TYR A 78 0.97 -6.29 6.52
CA TYR A 78 -0.30 -5.64 6.21
C TYR A 78 -0.67 -5.86 4.74
N ALA A 79 -1.83 -5.39 4.35
CA ALA A 79 -2.29 -5.50 2.98
C ALA A 79 -3.28 -4.40 2.66
N ALA A 80 -3.36 -4.04 1.39
CA ALA A 80 -4.25 -2.99 0.94
C ALA A 80 -5.44 -3.59 0.19
N ILE A 81 -6.63 -3.43 0.74
CA ILE A 81 -7.83 -3.97 0.15
C ILE A 81 -8.74 -2.85 -0.32
N PRO A 82 -8.88 -2.67 -1.65
CA PRO A 82 -9.73 -1.65 -2.22
C PRO A 82 -11.21 -1.85 -1.90
N ASN A 83 -11.75 -0.91 -1.15
CA ASN A 83 -13.15 -0.91 -0.79
C ASN A 83 -13.87 0.14 -1.64
N GLY A 84 -13.96 -0.12 -2.93
CA GLY A 84 -14.47 0.87 -3.84
C GLY A 84 -13.40 1.85 -4.26
N GLU A 85 -13.62 3.14 -4.02
CA GLU A 85 -12.66 4.17 -4.42
C GLU A 85 -11.61 4.38 -3.34
N ILE A 86 -11.89 3.84 -2.17
CA ILE A 86 -10.97 3.90 -1.05
C ILE A 86 -10.30 2.56 -0.85
N ILE A 87 -8.99 2.57 -0.67
CA ILE A 87 -8.25 1.35 -0.44
C ILE A 87 -7.92 1.23 1.03
N LYS A 88 -8.36 0.16 1.67
CA LYS A 88 -8.18 0.02 3.10
C LYS A 88 -6.99 -0.88 3.42
N ILE A 89 -6.02 -0.33 4.14
CA ILE A 89 -4.83 -1.07 4.55
C ILE A 89 -5.04 -1.62 5.96
N ILE A 90 -4.94 -2.94 6.09
CA ILE A 90 -5.12 -3.60 7.36
C ILE A 90 -4.01 -4.62 7.58
N PRO A 91 -3.81 -5.08 8.82
CA PRO A 91 -2.84 -6.12 9.13
C PRO A 91 -3.34 -7.49 8.68
N ASN A 92 -2.86 -7.94 7.52
CA ASN A 92 -3.33 -9.19 6.93
C ASN A 92 -2.76 -10.40 7.68
N ILE A 93 -2.20 -10.15 8.84
CA ILE A 93 -1.68 -11.20 9.70
C ILE A 93 -2.78 -11.73 10.61
N ASP A 94 -3.96 -11.96 10.01
CA ASP A 94 -5.16 -12.38 10.73
C ASP A 94 -5.65 -11.27 11.65
N ALA A 95 -5.96 -10.12 11.05
CA ALA A 95 -6.48 -8.97 11.78
C ALA A 95 -7.31 -8.07 10.88
N LYS A 96 -8.42 -8.61 10.39
CA LYS A 96 -9.33 -7.86 9.53
C LYS A 96 -10.32 -7.06 10.36
N THR A 97 -10.88 -6.01 9.77
CA THR A 97 -11.81 -5.15 10.49
C THR A 97 -13.23 -5.31 9.97
N GLN A 98 -13.37 -5.79 8.74
CA GLN A 98 -14.68 -6.01 8.15
C GLN A 98 -15.18 -7.40 8.49
N SER A 99 -15.22 -7.70 9.78
CA SER A 99 -15.68 -8.98 10.26
C SER A 99 -16.54 -8.81 11.51
N PRO A 100 -17.82 -8.49 11.32
CA PRO A 100 -18.76 -8.33 12.43
C PRO A 100 -19.45 -9.64 12.79
N ASP A 101 -20.30 -9.59 13.81
CA ASP A 101 -21.07 -10.76 14.20
C ASP A 101 -22.35 -10.81 13.38
N LEU A 102 -22.74 -9.67 12.85
CA LEU A 102 -23.90 -9.58 11.97
C LEU A 102 -23.63 -10.31 10.67
N LEU A 103 -24.41 -11.35 10.41
CA LEU A 103 -24.27 -12.16 9.20
C LEU A 103 -22.88 -12.78 9.14
N SER A 104 -22.52 -13.50 10.19
CA SER A 104 -21.24 -14.17 10.27
C SER A 104 -21.18 -15.32 9.27
N GLY A 105 -20.35 -15.16 8.26
CA GLY A 105 -20.22 -16.18 7.24
C GLY A 105 -20.20 -15.57 5.86
N MET A 106 -20.75 -16.27 4.89
CA MET A 106 -20.78 -15.77 3.53
C MET A 106 -21.92 -14.78 3.34
N LYS A 107 -21.59 -13.49 3.49
CA LYS A 107 -22.56 -12.44 3.24
C LYS A 107 -22.49 -11.97 1.79
N SER A 108 -21.45 -12.41 1.10
CA SER A 108 -21.32 -12.20 -0.32
C SER A 108 -21.09 -13.54 -1.02
N PRO A 109 -22.19 -14.21 -1.42
CA PRO A 109 -22.13 -15.51 -2.12
C PRO A 109 -21.22 -15.51 -3.36
N PRO A 110 -21.35 -14.54 -4.30
CA PRO A 110 -20.45 -14.47 -5.45
C PRO A 110 -19.04 -14.03 -5.03
N ARG A 111 -18.04 -14.77 -5.45
CA ARG A 111 -16.67 -14.47 -5.08
C ARG A 111 -15.79 -14.36 -6.33
N MET A 1 3.90 -21.78 -28.20
CA MET A 1 5.04 -22.14 -27.34
C MET A 1 6.22 -21.20 -27.57
N ALA A 2 6.09 -20.31 -28.54
CA ALA A 2 7.15 -19.37 -28.86
C ALA A 2 6.79 -17.97 -28.39
N HIS A 3 7.82 -17.17 -28.11
CA HIS A 3 7.63 -15.81 -27.64
C HIS A 3 8.82 -14.95 -28.07
N HIS A 4 8.54 -13.94 -28.87
CA HIS A 4 9.60 -13.09 -29.41
C HIS A 4 9.40 -11.66 -28.94
N HIS A 5 10.50 -10.92 -28.85
CA HIS A 5 10.46 -9.55 -28.39
C HIS A 5 10.69 -8.59 -29.55
N HIS A 6 9.63 -8.31 -30.30
CA HIS A 6 9.71 -7.34 -31.39
C HIS A 6 9.22 -5.99 -30.91
N HIS A 7 8.02 -5.95 -30.35
CA HIS A 7 7.46 -4.73 -29.79
C HIS A 7 6.70 -5.02 -28.50
N HIS A 8 7.13 -4.37 -27.42
CA HIS A 8 6.45 -4.49 -26.15
C HIS A 8 5.41 -3.37 -26.02
N VAL A 9 5.35 -2.54 -27.06
CA VAL A 9 4.48 -1.36 -27.09
C VAL A 9 5.02 -0.29 -26.14
N ASP A 10 4.87 -0.52 -24.84
CA ASP A 10 5.42 0.38 -23.85
C ASP A 10 6.74 -0.19 -23.33
N ASP A 11 7.84 0.20 -23.95
CA ASP A 11 9.15 -0.27 -23.52
C ASP A 11 9.59 0.52 -22.28
N ASP A 12 9.08 1.73 -22.16
CA ASP A 12 9.35 2.56 -21.00
C ASP A 12 8.18 2.50 -20.04
N ASP A 13 7.52 1.35 -20.01
CA ASP A 13 6.42 1.10 -19.08
C ASP A 13 6.92 1.25 -17.65
N LYS A 14 8.12 0.74 -17.44
CA LYS A 14 8.78 0.83 -16.15
C LYS A 14 9.78 1.98 -16.17
N MET A 15 9.26 3.17 -16.39
CA MET A 15 10.06 4.39 -16.41
C MET A 15 9.29 5.50 -15.70
N GLY A 16 9.57 5.67 -14.42
CA GLY A 16 8.89 6.68 -13.66
C GLY A 16 9.75 7.90 -13.44
N SER A 17 9.28 8.82 -12.62
CA SER A 17 9.98 10.07 -12.41
C SER A 17 10.40 10.22 -10.94
N LYS A 18 10.23 9.15 -10.17
CA LYS A 18 10.54 9.21 -8.76
C LYS A 18 11.14 7.88 -8.27
N LEU A 19 12.41 7.92 -7.90
CA LEU A 19 13.07 6.79 -7.28
C LEU A 19 12.59 6.63 -5.85
N TRP A 20 12.45 5.39 -5.40
CA TRP A 20 11.95 5.14 -4.06
C TRP A 20 12.96 4.40 -3.19
N ASN A 21 13.47 5.12 -2.21
CA ASN A 21 14.38 4.56 -1.21
C ASN A 21 14.03 5.13 0.15
N LEU A 22 13.11 4.49 0.83
CA LEU A 22 12.68 4.94 2.14
C LEU A 22 13.35 4.12 3.22
N ARG A 23 13.59 4.75 4.36
CA ARG A 23 14.09 4.06 5.52
C ARG A 23 12.97 3.90 6.52
N ASN A 24 12.99 2.77 7.24
CA ASN A 24 11.93 2.37 8.16
C ASN A 24 11.35 3.54 8.94
N ALA A 25 10.24 4.04 8.45
CA ALA A 25 9.54 5.14 9.09
C ALA A 25 8.16 4.67 9.50
N ASP A 26 7.36 5.56 10.07
CA ASP A 26 6.02 5.20 10.49
C ASP A 26 5.21 4.69 9.29
N ILE A 27 4.49 3.60 9.51
CA ILE A 27 3.67 2.98 8.48
C ILE A 27 2.72 3.99 7.82
N ARG A 28 2.06 4.82 8.61
CA ARG A 28 1.06 5.72 8.08
C ARG A 28 1.72 6.89 7.39
N ALA A 29 3.00 7.12 7.69
CA ALA A 29 3.76 8.17 7.04
C ALA A 29 4.10 7.76 5.62
N VAL A 30 4.16 6.45 5.41
CA VAL A 30 4.41 5.90 4.09
C VAL A 30 3.11 5.76 3.31
N ILE A 31 2.07 5.25 3.98
CA ILE A 31 0.76 5.09 3.36
C ILE A 31 0.30 6.44 2.79
N ALA A 32 0.61 7.51 3.51
CA ALA A 32 0.28 8.86 3.07
C ALA A 32 1.24 9.32 1.97
N GLU A 33 2.50 8.88 2.06
CA GLU A 33 3.51 9.24 1.07
C GLU A 33 3.15 8.61 -0.27
N VAL A 34 2.72 7.36 -0.22
CA VAL A 34 2.28 6.64 -1.40
C VAL A 34 1.07 7.33 -2.03
N SER A 35 0.07 7.60 -1.20
CA SER A 35 -1.14 8.28 -1.63
C SER A 35 -0.83 9.61 -2.31
N ARG A 36 0.20 10.27 -1.80
CA ARG A 36 0.64 11.56 -2.33
C ARG A 36 0.94 11.48 -3.83
N ILE A 37 1.62 10.42 -4.24
CA ILE A 37 1.99 10.25 -5.64
C ILE A 37 0.92 9.48 -6.41
N THR A 38 0.41 8.41 -5.81
CA THR A 38 -0.53 7.53 -6.49
C THR A 38 -1.89 8.18 -6.70
N GLY A 39 -2.23 9.10 -5.81
CA GLY A 39 -3.51 9.77 -5.89
C GLY A 39 -4.64 8.86 -5.41
N LYS A 40 -4.30 7.88 -4.61
CA LYS A 40 -5.26 6.90 -4.14
C LYS A 40 -5.61 7.16 -2.70
N ASN A 41 -6.84 6.85 -2.39
CA ASN A 41 -7.41 7.06 -1.10
C ASN A 41 -7.17 5.85 -0.22
N PHE A 42 -6.63 6.08 0.97
CA PHE A 42 -6.30 4.99 1.86
C PHE A 42 -6.99 5.15 3.21
N VAL A 43 -7.46 4.03 3.75
CA VAL A 43 -8.06 3.99 5.07
C VAL A 43 -7.22 3.09 5.95
N ILE A 44 -6.65 3.65 7.00
CA ILE A 44 -5.72 2.91 7.83
C ILE A 44 -6.41 2.40 9.10
N ASP A 45 -6.34 1.08 9.29
CA ASP A 45 -6.90 0.45 10.49
C ASP A 45 -6.06 0.81 11.71
N PRO A 46 -6.71 1.05 12.86
CA PRO A 46 -6.04 1.47 14.10
C PRO A 46 -4.97 0.48 14.59
N ARG A 47 -5.00 -0.75 14.09
CA ARG A 47 -4.03 -1.75 14.49
C ARG A 47 -2.80 -1.70 13.58
N VAL A 48 -2.91 -0.96 12.48
CA VAL A 48 -1.81 -0.80 11.56
C VAL A 48 -0.78 0.17 12.13
N GLN A 49 0.16 -0.38 12.89
CA GLN A 49 1.13 0.41 13.63
C GLN A 49 2.51 -0.24 13.55
N GLY A 50 3.42 0.37 12.80
CA GLY A 50 4.74 -0.20 12.63
C GLY A 50 5.62 0.63 11.74
N LYS A 51 6.71 0.04 11.26
CA LYS A 51 7.63 0.72 10.36
C LYS A 51 7.55 0.16 8.94
N VAL A 52 7.64 1.06 7.97
CA VAL A 52 7.61 0.69 6.56
C VAL A 52 8.68 1.48 5.80
N SER A 53 9.30 0.85 4.81
CA SER A 53 10.28 1.50 3.96
C SER A 53 10.17 1.00 2.53
N ILE A 54 9.53 1.79 1.68
CA ILE A 54 9.39 1.44 0.27
C ILE A 54 10.71 1.66 -0.47
N VAL A 55 11.32 0.56 -0.88
CA VAL A 55 12.52 0.60 -1.68
C VAL A 55 12.33 -0.23 -2.94
N SER A 56 12.81 0.26 -4.07
CA SER A 56 12.58 -0.40 -5.34
C SER A 56 13.62 0.01 -6.37
N SER A 57 13.56 -0.61 -7.53
CA SER A 57 14.44 -0.30 -8.65
C SER A 57 14.26 1.14 -9.12
N THR A 58 14.97 1.50 -10.20
CA THR A 58 14.91 2.84 -10.79
C THR A 58 13.49 3.44 -10.81
N PRO A 59 13.39 4.78 -10.88
CA PRO A 59 12.14 5.52 -10.62
C PRO A 59 10.86 4.85 -11.10
N LEU A 60 9.87 4.87 -10.22
CA LEU A 60 8.58 4.25 -10.45
C LEU A 60 7.56 5.26 -10.91
N SER A 61 6.58 4.79 -11.67
CA SER A 61 5.45 5.59 -12.04
C SER A 61 4.37 5.48 -10.96
N SER A 62 3.27 6.22 -11.11
CA SER A 62 2.23 6.27 -10.08
C SER A 62 1.72 4.86 -9.73
N ARG A 63 1.37 4.08 -10.75
CA ARG A 63 0.85 2.75 -10.54
C ARG A 63 1.93 1.82 -9.98
N GLU A 64 3.12 1.89 -10.57
CA GLU A 64 4.24 1.03 -10.19
C GLU A 64 4.57 1.19 -8.72
N LEU A 65 4.57 2.45 -8.26
CA LEU A 65 4.77 2.76 -6.85
C LEU A 65 3.79 1.99 -5.98
N TYR A 66 2.52 2.12 -6.32
CA TYR A 66 1.46 1.48 -5.56
C TYR A 66 1.65 -0.04 -5.51
N GLN A 67 2.19 -0.61 -6.58
CA GLN A 67 2.40 -2.06 -6.64
C GLN A 67 3.45 -2.47 -5.63
N VAL A 68 4.43 -1.60 -5.43
CA VAL A 68 5.49 -1.84 -4.46
C VAL A 68 4.97 -1.60 -3.05
N PHE A 69 4.08 -0.63 -2.91
CA PHE A 69 3.42 -0.36 -1.64
C PHE A 69 2.67 -1.60 -1.18
N LEU A 70 2.02 -2.27 -2.12
CA LEU A 70 1.29 -3.49 -1.84
C LEU A 70 2.24 -4.57 -1.34
N SER A 71 3.49 -4.48 -1.78
CA SER A 71 4.48 -5.50 -1.45
C SER A 71 5.16 -5.16 -0.13
N VAL A 72 5.38 -3.88 0.10
CA VAL A 72 6.04 -3.42 1.32
C VAL A 72 5.16 -3.71 2.54
N LEU A 73 3.85 -3.69 2.31
CA LEU A 73 2.89 -4.02 3.36
C LEU A 73 3.00 -5.49 3.73
N GLN A 74 3.16 -6.34 2.73
CA GLN A 74 3.24 -7.78 2.96
C GLN A 74 4.52 -8.13 3.74
N VAL A 75 5.51 -7.26 3.64
CA VAL A 75 6.73 -7.38 4.44
C VAL A 75 6.46 -6.87 5.85
N SER A 76 5.63 -5.85 5.93
CA SER A 76 5.30 -5.20 7.18
C SER A 76 4.26 -5.98 7.98
N GLY A 77 3.50 -6.83 7.30
CA GLY A 77 2.46 -7.60 7.97
C GLY A 77 1.08 -7.05 7.70
N TYR A 78 0.96 -6.27 6.64
CA TYR A 78 -0.29 -5.60 6.31
C TYR A 78 -0.61 -5.79 4.85
N ALA A 79 -1.74 -5.25 4.43
CA ALA A 79 -2.14 -5.33 3.04
C ALA A 79 -3.11 -4.20 2.73
N ALA A 80 -3.12 -3.79 1.48
CA ALA A 80 -4.03 -2.75 1.04
C ALA A 80 -5.29 -3.39 0.49
N ILE A 81 -6.35 -3.27 1.26
CA ILE A 81 -7.62 -3.92 0.94
C ILE A 81 -8.56 -2.91 0.28
N PRO A 82 -8.65 -2.94 -1.05
CA PRO A 82 -9.49 -2.02 -1.79
C PRO A 82 -10.97 -2.21 -1.46
N ASN A 83 -11.61 -1.11 -1.16
CA ASN A 83 -12.99 -1.09 -0.74
C ASN A 83 -13.80 -0.17 -1.66
N GLY A 84 -13.92 -0.60 -2.91
CA GLY A 84 -14.61 0.22 -3.89
C GLY A 84 -13.70 1.29 -4.46
N GLU A 85 -14.09 2.54 -4.34
CA GLU A 85 -13.31 3.64 -4.87
C GLU A 85 -12.16 3.98 -3.94
N ILE A 86 -12.23 3.47 -2.71
CA ILE A 86 -11.18 3.72 -1.71
C ILE A 86 -10.43 2.43 -1.39
N ILE A 87 -9.25 2.56 -0.81
CA ILE A 87 -8.47 1.40 -0.38
C ILE A 87 -8.27 1.45 1.13
N LYS A 88 -8.36 0.32 1.81
CA LYS A 88 -8.17 0.28 3.25
C LYS A 88 -7.00 -0.64 3.62
N ILE A 89 -5.95 -0.08 4.22
CA ILE A 89 -4.77 -0.86 4.61
C ILE A 89 -4.97 -1.44 6.01
N ILE A 90 -4.93 -2.78 6.11
CA ILE A 90 -5.11 -3.44 7.39
C ILE A 90 -4.03 -4.51 7.59
N PRO A 91 -3.85 -4.97 8.83
CA PRO A 91 -2.91 -6.06 9.16
C PRO A 91 -3.41 -7.40 8.66
N ASN A 92 -2.93 -7.83 7.50
CA ASN A 92 -3.41 -9.06 6.87
C ASN A 92 -2.90 -10.30 7.59
N ILE A 93 -2.32 -10.11 8.76
CA ILE A 93 -1.84 -11.21 9.58
C ILE A 93 -2.95 -11.71 10.49
N ASP A 94 -4.05 -10.98 10.50
CA ASP A 94 -5.19 -11.31 11.34
C ASP A 94 -6.50 -10.98 10.62
N ALA A 95 -6.95 -11.94 9.81
CA ALA A 95 -8.18 -11.82 9.02
C ALA A 95 -8.07 -10.75 7.94
N LYS A 96 -7.72 -11.19 6.74
CA LYS A 96 -7.50 -10.30 5.61
C LYS A 96 -8.81 -10.01 4.87
N THR A 97 -9.92 -10.47 5.44
CA THR A 97 -11.23 -10.33 4.81
C THR A 97 -11.84 -8.94 5.12
N GLN A 98 -10.97 -7.99 5.48
CA GLN A 98 -11.38 -6.63 5.80
C GLN A 98 -12.27 -6.63 7.05
N SER A 99 -11.93 -7.48 8.00
CA SER A 99 -12.64 -7.59 9.26
C SER A 99 -11.80 -8.40 10.23
N PRO A 100 -11.11 -7.73 11.17
CA PRO A 100 -10.11 -8.36 12.05
C PRO A 100 -10.73 -9.40 12.98
N ASP A 101 -9.90 -10.34 13.41
CA ASP A 101 -10.36 -11.42 14.28
C ASP A 101 -10.25 -10.97 15.74
N LEU A 102 -10.93 -9.88 16.07
CA LEU A 102 -10.87 -9.32 17.42
C LEU A 102 -12.05 -9.80 18.26
N LEU A 103 -12.70 -10.86 17.80
CA LEU A 103 -13.84 -11.46 18.47
C LEU A 103 -15.04 -10.52 18.44
N SER A 104 -15.69 -10.47 17.29
CA SER A 104 -16.86 -9.63 17.10
C SER A 104 -18.01 -10.12 17.96
N GLY A 105 -18.04 -11.42 18.22
CA GLY A 105 -19.04 -12.00 19.09
C GLY A 105 -18.71 -13.43 19.45
N MET A 106 -18.59 -13.70 20.75
CA MET A 106 -18.34 -15.06 21.22
C MET A 106 -19.63 -15.85 21.26
N LYS A 107 -20.61 -15.32 21.98
CA LYS A 107 -21.93 -15.93 22.06
C LYS A 107 -23.00 -14.89 21.75
N SER A 108 -22.59 -13.64 21.69
CA SER A 108 -23.51 -12.55 21.43
C SER A 108 -23.21 -11.91 20.06
N PRO A 109 -24.10 -12.15 19.08
CA PRO A 109 -23.95 -11.56 17.74
C PRO A 109 -23.96 -10.03 17.79
N PRO A 110 -23.27 -9.36 16.84
CA PRO A 110 -23.20 -7.90 16.79
C PRO A 110 -24.55 -7.26 16.45
N ARG A 111 -25.42 -7.20 17.43
CA ARG A 111 -26.72 -6.56 17.28
C ARG A 111 -27.26 -6.14 18.65
N MET A 1 13.11 36.73 1.78
CA MET A 1 14.38 36.41 1.10
C MET A 1 15.02 35.13 1.66
N ALA A 2 15.26 35.11 2.97
CA ALA A 2 15.95 34.00 3.62
C ALA A 2 15.19 32.69 3.47
N HIS A 3 14.00 32.61 4.05
CA HIS A 3 13.21 31.39 4.01
C HIS A 3 12.37 31.32 2.73
N HIS A 4 12.77 32.11 1.74
CA HIS A 4 12.13 32.06 0.43
C HIS A 4 12.70 30.90 -0.36
N HIS A 5 13.95 30.57 -0.07
CA HIS A 5 14.60 29.43 -0.70
C HIS A 5 13.97 28.16 -0.16
N HIS A 6 13.43 27.34 -1.04
CA HIS A 6 12.76 26.12 -0.63
C HIS A 6 13.77 25.08 -0.18
N HIS A 7 13.98 24.99 1.13
CA HIS A 7 14.96 24.09 1.70
C HIS A 7 14.37 22.70 1.92
N HIS A 8 14.05 22.03 0.83
CA HIS A 8 13.55 20.66 0.89
C HIS A 8 14.14 19.84 -0.25
N VAL A 9 13.82 20.23 -1.47
CA VAL A 9 14.37 19.59 -2.65
C VAL A 9 14.92 20.63 -3.61
N ASP A 10 16.04 21.22 -3.24
CA ASP A 10 16.69 22.20 -4.10
C ASP A 10 17.49 21.48 -5.18
N ASP A 11 18.33 20.55 -4.76
CA ASP A 11 19.05 19.71 -5.70
C ASP A 11 18.15 18.60 -6.19
N ASP A 12 18.18 18.32 -7.48
CA ASP A 12 17.30 17.33 -8.07
C ASP A 12 17.93 15.94 -8.03
N ASP A 13 17.73 15.24 -6.92
CA ASP A 13 18.19 13.86 -6.78
C ASP A 13 17.23 12.92 -7.50
N LYS A 14 16.89 13.28 -8.72
CA LYS A 14 15.91 12.57 -9.50
C LYS A 14 16.57 11.87 -10.69
N MET A 15 15.88 10.91 -11.27
CA MET A 15 16.41 10.17 -12.41
C MET A 15 15.44 10.26 -13.58
N GLY A 16 14.77 11.41 -13.70
CA GLY A 16 13.77 11.57 -14.73
C GLY A 16 12.40 11.18 -14.23
N SER A 17 12.40 10.55 -13.06
CA SER A 17 11.18 10.13 -12.39
C SER A 17 11.52 9.92 -10.92
N LYS A 18 10.53 9.54 -10.12
CA LYS A 18 10.70 9.50 -8.68
C LYS A 18 11.14 8.12 -8.20
N LEU A 19 12.42 8.03 -7.84
CA LEU A 19 13.00 6.84 -7.23
C LEU A 19 12.41 6.57 -5.85
N TRP A 20 12.34 5.31 -5.45
CA TRP A 20 11.78 4.95 -4.17
C TRP A 20 12.75 4.16 -3.32
N ASN A 21 13.37 4.86 -2.38
CA ASN A 21 14.24 4.24 -1.39
C ASN A 21 14.01 4.92 -0.05
N LEU A 22 13.05 4.39 0.69
CA LEU A 22 12.66 4.96 1.97
C LEU A 22 13.28 4.18 3.11
N ARG A 23 13.38 4.80 4.26
CA ARG A 23 13.89 4.15 5.46
C ARG A 23 12.76 3.91 6.44
N ASN A 24 12.87 2.80 7.16
CA ASN A 24 11.84 2.33 8.10
C ASN A 24 11.24 3.48 8.89
N ALA A 25 10.06 3.89 8.48
CA ALA A 25 9.35 4.98 9.12
C ALA A 25 7.96 4.52 9.54
N ASP A 26 7.20 5.41 10.15
CA ASP A 26 5.82 5.12 10.55
C ASP A 26 5.02 4.68 9.34
N ILE A 27 4.37 3.53 9.48
CA ILE A 27 3.59 2.93 8.39
C ILE A 27 2.54 3.89 7.84
N ARG A 28 1.92 4.67 8.71
CA ARG A 28 0.87 5.60 8.28
C ARG A 28 1.49 6.72 7.46
N ALA A 29 2.74 7.05 7.75
CA ALA A 29 3.44 8.09 7.04
C ALA A 29 3.77 7.64 5.63
N VAL A 30 3.97 6.34 5.47
CA VAL A 30 4.28 5.77 4.18
C VAL A 30 3.00 5.60 3.37
N ILE A 31 1.93 5.18 4.04
CA ILE A 31 0.63 5.01 3.38
C ILE A 31 0.12 6.36 2.87
N ALA A 32 0.43 7.43 3.62
CA ALA A 32 0.09 8.77 3.18
C ALA A 32 1.08 9.26 2.13
N GLU A 33 2.29 8.74 2.19
CA GLU A 33 3.34 9.09 1.24
C GLU A 33 2.99 8.54 -0.13
N VAL A 34 2.69 7.25 -0.20
CA VAL A 34 2.29 6.62 -1.45
C VAL A 34 1.02 7.26 -2.00
N SER A 35 0.09 7.60 -1.11
CA SER A 35 -1.15 8.27 -1.49
C SER A 35 -0.87 9.57 -2.23
N ARG A 36 0.19 10.25 -1.82
CA ARG A 36 0.55 11.55 -2.37
C ARG A 36 0.93 11.44 -3.84
N ILE A 37 1.64 10.38 -4.18
CA ILE A 37 2.12 10.19 -5.55
C ILE A 37 1.09 9.44 -6.39
N THR A 38 0.42 8.46 -5.79
CA THR A 38 -0.52 7.62 -6.52
C THR A 38 -1.85 8.33 -6.75
N GLY A 39 -2.21 9.21 -5.83
CA GLY A 39 -3.48 9.90 -5.91
C GLY A 39 -4.63 9.00 -5.51
N LYS A 40 -4.36 8.05 -4.62
CA LYS A 40 -5.34 7.07 -4.22
C LYS A 40 -5.75 7.26 -2.76
N ASN A 41 -6.99 6.90 -2.45
CA ASN A 41 -7.55 7.11 -1.12
C ASN A 41 -7.33 5.87 -0.27
N PHE A 42 -6.55 5.99 0.78
CA PHE A 42 -6.25 4.85 1.64
C PHE A 42 -6.96 4.96 2.98
N VAL A 43 -7.49 3.84 3.43
CA VAL A 43 -8.08 3.73 4.74
C VAL A 43 -7.16 2.91 5.63
N ILE A 44 -6.75 3.46 6.76
CA ILE A 44 -5.81 2.78 7.63
C ILE A 44 -6.49 2.35 8.92
N ASP A 45 -6.45 1.06 9.21
CA ASP A 45 -6.97 0.53 10.45
C ASP A 45 -6.04 0.92 11.60
N PRO A 46 -6.61 1.26 12.77
CA PRO A 46 -5.84 1.58 13.98
C PRO A 46 -4.87 0.48 14.39
N ARG A 47 -5.12 -0.73 13.88
CA ARG A 47 -4.26 -1.88 14.16
C ARG A 47 -2.98 -1.83 13.31
N VAL A 48 -3.00 -1.03 12.26
CA VAL A 48 -1.84 -0.90 11.38
C VAL A 48 -0.78 -0.02 12.05
N GLN A 49 0.21 -0.67 12.64
CA GLN A 49 1.17 0.01 13.50
C GLN A 49 2.54 -0.66 13.42
N GLY A 50 3.43 -0.05 12.65
CA GLY A 50 4.76 -0.61 12.49
C GLY A 50 5.63 0.28 11.62
N LYS A 51 6.78 -0.23 11.21
CA LYS A 51 7.70 0.51 10.36
C LYS A 51 7.69 -0.04 8.95
N VAL A 52 7.83 0.87 8.00
CA VAL A 52 7.84 0.52 6.59
C VAL A 52 8.91 1.32 5.83
N SER A 53 9.66 0.65 4.98
CA SER A 53 10.63 1.30 4.12
C SER A 53 10.50 0.80 2.69
N ILE A 54 9.97 1.64 1.80
CA ILE A 54 9.82 1.27 0.41
C ILE A 54 11.14 1.43 -0.32
N VAL A 55 11.83 0.32 -0.53
CA VAL A 55 13.04 0.29 -1.33
C VAL A 55 12.80 -0.52 -2.59
N SER A 56 13.02 0.08 -3.74
CA SER A 56 12.69 -0.58 -5.00
C SER A 56 13.65 -0.16 -6.11
N SER A 57 13.49 -0.81 -7.25
CA SER A 57 14.22 -0.52 -8.47
C SER A 57 14.01 0.93 -8.95
N THR A 58 14.61 1.24 -10.11
CA THR A 58 14.53 2.56 -10.72
C THR A 58 13.15 3.22 -10.60
N PRO A 59 13.12 4.57 -10.67
CA PRO A 59 11.93 5.39 -10.39
C PRO A 59 10.61 4.78 -10.84
N LEU A 60 9.64 4.81 -9.93
CA LEU A 60 8.33 4.23 -10.17
C LEU A 60 7.32 5.31 -10.48
N SER A 61 6.45 5.03 -11.43
CA SER A 61 5.39 5.96 -11.79
C SER A 61 4.18 5.74 -10.88
N SER A 62 3.13 6.51 -11.11
CA SER A 62 1.95 6.54 -10.25
C SER A 62 1.47 5.14 -9.84
N ARG A 63 1.16 4.30 -10.82
CA ARG A 63 0.62 2.97 -10.52
C ARG A 63 1.72 2.02 -10.07
N GLU A 64 2.89 2.11 -10.72
CA GLU A 64 4.04 1.27 -10.40
C GLU A 64 4.39 1.35 -8.93
N LEU A 65 4.36 2.57 -8.41
CA LEU A 65 4.57 2.80 -6.98
C LEU A 65 3.53 2.06 -6.16
N TYR A 66 2.27 2.25 -6.49
CA TYR A 66 1.19 1.62 -5.73
C TYR A 66 1.42 0.10 -5.64
N GLN A 67 2.14 -0.45 -6.60
CA GLN A 67 2.39 -1.88 -6.61
C GLN A 67 3.47 -2.24 -5.60
N VAL A 68 4.44 -1.34 -5.45
CA VAL A 68 5.52 -1.55 -4.48
C VAL A 68 4.99 -1.44 -3.07
N PHE A 69 4.05 -0.52 -2.89
CA PHE A 69 3.38 -0.31 -1.62
C PHE A 69 2.66 -1.60 -1.20
N LEU A 70 2.05 -2.25 -2.17
CA LEU A 70 1.37 -3.52 -1.93
C LEU A 70 2.36 -4.57 -1.49
N SER A 71 3.62 -4.40 -1.88
CA SER A 71 4.65 -5.35 -1.55
C SER A 71 5.22 -5.05 -0.18
N VAL A 72 5.47 -3.75 0.07
CA VAL A 72 6.07 -3.31 1.33
C VAL A 72 5.14 -3.60 2.49
N LEU A 73 3.83 -3.56 2.24
CA LEU A 73 2.84 -3.89 3.24
C LEU A 73 2.99 -5.32 3.67
N GLN A 74 3.07 -6.21 2.70
CA GLN A 74 3.17 -7.63 2.97
C GLN A 74 4.47 -7.95 3.72
N VAL A 75 5.45 -7.06 3.57
CA VAL A 75 6.70 -7.17 4.32
C VAL A 75 6.51 -6.74 5.77
N SER A 76 5.71 -5.71 5.99
CA SER A 76 5.47 -5.20 7.33
C SER A 76 4.37 -6.01 8.03
N GLY A 77 3.59 -6.75 7.23
CA GLY A 77 2.53 -7.59 7.78
C GLY A 77 1.13 -7.02 7.56
N TYR A 78 0.97 -6.23 6.52
CA TYR A 78 -0.30 -5.59 6.22
C TYR A 78 -0.65 -5.80 4.76
N ALA A 79 -1.80 -5.29 4.34
CA ALA A 79 -2.24 -5.42 2.97
C ALA A 79 -3.20 -4.32 2.60
N ALA A 80 -3.20 -3.94 1.33
CA ALA A 80 -4.11 -2.93 0.82
C ALA A 80 -5.27 -3.59 0.10
N ILE A 81 -6.44 -3.50 0.70
CA ILE A 81 -7.64 -4.09 0.14
C ILE A 81 -8.57 -3.01 -0.38
N PRO A 82 -8.68 -2.87 -1.70
CA PRO A 82 -9.58 -1.88 -2.30
C PRO A 82 -11.03 -2.15 -1.97
N ASN A 83 -11.70 -1.12 -1.49
CA ASN A 83 -13.08 -1.21 -1.10
C ASN A 83 -13.91 -0.19 -1.87
N GLY A 84 -14.15 -0.48 -3.13
CA GLY A 84 -14.93 0.42 -3.97
C GLY A 84 -14.10 1.56 -4.51
N GLU A 85 -14.26 2.75 -3.94
CA GLU A 85 -13.57 3.94 -4.42
C GLU A 85 -12.38 4.27 -3.53
N ILE A 86 -12.18 3.43 -2.53
CA ILE A 86 -11.11 3.61 -1.56
C ILE A 86 -10.31 2.33 -1.43
N ILE A 87 -9.15 2.42 -0.80
CA ILE A 87 -8.33 1.24 -0.54
C ILE A 87 -7.98 1.16 0.93
N LYS A 88 -8.34 0.07 1.58
CA LYS A 88 -8.14 -0.07 3.02
C LYS A 88 -6.92 -0.94 3.33
N ILE A 89 -5.97 -0.37 4.05
CA ILE A 89 -4.79 -1.10 4.49
C ILE A 89 -5.01 -1.63 5.90
N ILE A 90 -4.94 -2.95 6.04
CA ILE A 90 -5.12 -3.58 7.34
C ILE A 90 -4.05 -4.65 7.56
N PRO A 91 -3.85 -5.05 8.81
CA PRO A 91 -2.90 -6.12 9.15
C PRO A 91 -3.41 -7.47 8.68
N ASN A 92 -2.85 -7.96 7.58
CA ASN A 92 -3.30 -9.21 6.99
C ASN A 92 -2.60 -10.40 7.62
N ILE A 93 -1.99 -10.19 8.78
CA ILE A 93 -1.28 -11.25 9.49
C ILE A 93 -2.20 -12.43 9.79
N ASP A 94 -2.04 -13.48 8.99
CA ASP A 94 -2.86 -14.69 9.04
C ASP A 94 -4.30 -14.40 8.63
N ALA A 95 -5.04 -13.71 9.48
CA ALA A 95 -6.44 -13.41 9.21
C ALA A 95 -6.61 -11.93 8.87
N LYS A 96 -7.32 -11.66 7.78
CA LYS A 96 -7.60 -10.30 7.37
C LYS A 96 -9.11 -10.06 7.32
N THR A 97 -9.84 -10.92 8.01
CA THR A 97 -11.30 -10.82 8.07
C THR A 97 -11.73 -9.74 9.05
N GLN A 98 -12.88 -9.13 8.79
CA GLN A 98 -13.42 -8.11 9.67
C GLN A 98 -14.12 -8.75 10.86
N SER A 99 -13.31 -9.23 11.80
CA SER A 99 -13.81 -9.86 13.00
C SER A 99 -14.02 -8.81 14.09
N PRO A 100 -15.20 -8.81 14.73
CA PRO A 100 -15.53 -7.85 15.78
C PRO A 100 -14.82 -8.18 17.09
N ASP A 101 -14.61 -7.17 17.92
CA ASP A 101 -13.93 -7.34 19.20
C ASP A 101 -14.91 -7.80 20.28
N LEU A 102 -15.78 -8.73 19.90
CA LEU A 102 -16.76 -9.29 20.83
C LEU A 102 -16.41 -10.73 21.15
N LEU A 103 -16.33 -11.04 22.43
CA LEU A 103 -16.04 -12.40 22.87
C LEU A 103 -17.27 -13.27 22.70
N SER A 104 -17.07 -14.47 22.15
CA SER A 104 -18.16 -15.39 21.86
C SER A 104 -19.17 -14.75 20.91
N GLY A 105 -18.65 -14.05 19.90
CA GLY A 105 -19.50 -13.39 18.94
C GLY A 105 -19.66 -14.18 17.67
N MET A 106 -20.83 -14.78 17.49
CA MET A 106 -21.11 -15.58 16.30
C MET A 106 -21.31 -14.69 15.08
N LYS A 107 -21.95 -13.56 15.29
CA LYS A 107 -22.27 -12.64 14.21
C LYS A 107 -21.25 -11.51 14.15
N SER A 108 -20.81 -11.19 12.94
CA SER A 108 -19.95 -10.05 12.71
C SER A 108 -20.76 -8.90 12.10
N PRO A 109 -21.10 -7.88 12.91
CA PRO A 109 -21.93 -6.76 12.44
C PRO A 109 -21.21 -5.89 11.41
N PRO A 110 -21.70 -5.90 10.15
CA PRO A 110 -21.11 -5.12 9.06
C PRO A 110 -21.38 -3.62 9.19
N ARG A 111 -22.32 -3.27 10.07
CA ARG A 111 -22.66 -1.87 10.29
C ARG A 111 -21.67 -1.23 11.26
N MET A 1 16.18 9.89 -22.46
CA MET A 1 15.99 8.48 -22.86
C MET A 1 15.34 8.37 -24.24
N ALA A 2 15.48 9.41 -25.05
CA ALA A 2 14.85 9.44 -26.37
C ALA A 2 15.83 9.92 -27.43
N HIS A 3 15.77 9.31 -28.61
CA HIS A 3 16.58 9.72 -29.75
C HIS A 3 15.70 10.00 -30.95
N HIS A 4 14.77 9.08 -31.21
CA HIS A 4 13.82 9.23 -32.30
C HIS A 4 12.43 8.80 -31.84
N HIS A 5 11.48 8.80 -32.76
CA HIS A 5 10.09 8.49 -32.47
C HIS A 5 9.49 9.53 -31.52
N HIS A 6 9.31 10.74 -32.04
CA HIS A 6 8.74 11.83 -31.26
C HIS A 6 7.29 11.54 -30.87
N HIS A 7 6.68 10.62 -31.60
CA HIS A 7 5.33 10.17 -31.29
C HIS A 7 5.37 8.66 -31.04
N HIS A 8 5.11 8.27 -29.81
CA HIS A 8 5.21 6.86 -29.43
C HIS A 8 3.95 6.10 -29.79
N VAL A 9 3.90 5.59 -31.01
CA VAL A 9 2.81 4.73 -31.44
C VAL A 9 3.08 3.31 -30.94
N ASP A 10 4.32 3.07 -30.55
CA ASP A 10 4.71 1.81 -29.93
C ASP A 10 4.58 1.93 -28.42
N ASP A 11 4.25 0.82 -27.77
CA ASP A 11 4.09 0.83 -26.32
C ASP A 11 5.39 0.41 -25.64
N ASP A 12 5.84 1.22 -24.69
CA ASP A 12 7.07 0.95 -23.96
C ASP A 12 6.87 1.31 -22.48
N ASP A 13 7.86 0.96 -21.66
CA ASP A 13 7.76 1.18 -20.22
C ASP A 13 7.81 2.67 -19.89
N LYS A 14 6.82 3.13 -19.15
CA LYS A 14 6.79 4.51 -18.70
C LYS A 14 7.02 4.60 -17.20
N MET A 15 8.29 4.67 -16.82
CA MET A 15 8.65 4.78 -15.41
C MET A 15 8.45 6.22 -14.95
N GLY A 16 8.72 6.46 -13.67
CA GLY A 16 8.52 7.79 -13.13
C GLY A 16 9.80 8.57 -13.05
N SER A 17 9.75 9.72 -12.41
CA SER A 17 10.93 10.54 -12.20
C SER A 17 11.23 10.67 -10.71
N LYS A 18 10.71 9.73 -9.93
CA LYS A 18 10.90 9.72 -8.50
C LYS A 18 11.43 8.36 -8.05
N LEU A 19 12.68 8.33 -7.64
CA LEU A 19 13.33 7.11 -7.18
C LEU A 19 12.90 6.78 -5.75
N TRP A 20 12.51 5.53 -5.51
CA TRP A 20 11.96 5.14 -4.22
C TRP A 20 12.91 4.26 -3.41
N ASN A 21 13.67 4.91 -2.54
CA ASN A 21 14.43 4.22 -1.51
C ASN A 21 14.11 4.89 -0.18
N LEU A 22 13.05 4.41 0.44
CA LEU A 22 12.53 5.00 1.67
C LEU A 22 13.08 4.26 2.88
N ARG A 23 13.02 4.89 4.04
CA ARG A 23 13.57 4.31 5.25
C ARG A 23 12.46 3.95 6.22
N ASN A 24 12.68 2.86 6.96
CA ASN A 24 11.70 2.31 7.91
C ASN A 24 11.04 3.38 8.74
N ALA A 25 9.84 3.75 8.35
CA ALA A 25 9.10 4.79 9.01
C ALA A 25 7.72 4.31 9.41
N ASP A 26 6.95 5.18 10.06
CA ASP A 26 5.58 4.87 10.43
C ASP A 26 4.79 4.45 9.20
N ILE A 27 4.15 3.30 9.32
CA ILE A 27 3.40 2.69 8.23
C ILE A 27 2.38 3.65 7.61
N ARG A 28 1.72 4.45 8.44
CA ARG A 28 0.69 5.35 7.94
C ARG A 28 1.34 6.52 7.22
N ALA A 29 2.57 6.82 7.60
CA ALA A 29 3.33 7.87 6.94
C ALA A 29 3.69 7.42 5.54
N VAL A 30 3.82 6.11 5.37
CA VAL A 30 4.12 5.52 4.08
C VAL A 30 2.84 5.35 3.26
N ILE A 31 1.75 5.02 3.94
CA ILE A 31 0.47 4.89 3.26
C ILE A 31 0.00 6.27 2.78
N ALA A 32 0.41 7.32 3.48
CA ALA A 32 0.18 8.68 3.02
C ALA A 32 1.26 9.09 2.03
N GLU A 33 2.42 8.46 2.17
CA GLU A 33 3.57 8.65 1.28
C GLU A 33 3.22 8.19 -0.13
N VAL A 34 2.71 6.97 -0.22
CA VAL A 34 2.31 6.40 -1.50
C VAL A 34 1.13 7.17 -2.11
N SER A 35 0.15 7.54 -1.29
CA SER A 35 -1.03 8.25 -1.78
C SER A 35 -0.68 9.66 -2.23
N ARG A 36 0.43 10.19 -1.72
CA ARG A 36 0.90 11.51 -2.11
C ARG A 36 1.21 11.54 -3.60
N ILE A 37 1.80 10.46 -4.11
CA ILE A 37 2.14 10.35 -5.52
C ILE A 37 1.01 9.68 -6.31
N THR A 38 0.50 8.56 -5.79
CA THR A 38 -0.50 7.78 -6.51
C THR A 38 -1.82 8.53 -6.63
N GLY A 39 -2.14 9.33 -5.63
CA GLY A 39 -3.37 10.09 -5.61
C GLY A 39 -4.57 9.23 -5.28
N LYS A 40 -4.30 8.07 -4.67
CA LYS A 40 -5.35 7.12 -4.35
C LYS A 40 -5.78 7.28 -2.89
N ASN A 41 -7.03 6.96 -2.60
CA ASN A 41 -7.56 7.10 -1.25
C ASN A 41 -7.30 5.83 -0.46
N PHE A 42 -6.85 5.98 0.78
CA PHE A 42 -6.52 4.84 1.62
C PHE A 42 -7.23 4.91 2.96
N VAL A 43 -7.73 3.76 3.39
CA VAL A 43 -8.36 3.61 4.69
C VAL A 43 -7.50 2.73 5.58
N ILE A 44 -6.93 3.31 6.62
CA ILE A 44 -6.01 2.58 7.48
C ILE A 44 -6.69 2.16 8.77
N ASP A 45 -6.65 0.87 9.06
CA ASP A 45 -7.16 0.35 10.33
C ASP A 45 -6.26 0.82 11.48
N PRO A 46 -6.86 1.22 12.60
CA PRO A 46 -6.12 1.72 13.77
C PRO A 46 -5.07 0.74 14.31
N ARG A 47 -5.13 -0.53 13.88
CA ARG A 47 -4.14 -1.51 14.32
C ARG A 47 -2.93 -1.53 13.39
N VAL A 48 -3.05 -0.85 12.26
CA VAL A 48 -1.96 -0.79 11.30
C VAL A 48 -0.87 0.16 11.80
N GLN A 49 0.13 -0.43 12.45
CA GLN A 49 1.26 0.33 12.99
C GLN A 49 2.52 -0.53 12.95
N GLY A 50 3.49 -0.05 12.19
CA GLY A 50 4.73 -0.77 12.00
C GLY A 50 5.68 0.05 11.17
N LYS A 51 6.77 -0.56 10.72
CA LYS A 51 7.75 0.16 9.92
C LYS A 51 7.76 -0.32 8.49
N VAL A 52 7.59 0.62 7.57
CA VAL A 52 7.62 0.33 6.15
C VAL A 52 8.64 1.24 5.46
N SER A 53 9.49 0.64 4.65
CA SER A 53 10.40 1.39 3.81
C SER A 53 10.32 0.90 2.38
N ILE A 54 9.70 1.69 1.52
CA ILE A 54 9.60 1.32 0.12
C ILE A 54 10.96 1.43 -0.54
N VAL A 55 11.61 0.29 -0.70
CA VAL A 55 12.93 0.25 -1.31
C VAL A 55 12.93 -0.62 -2.57
N SER A 56 12.85 0.05 -3.70
CA SER A 56 12.95 -0.59 -4.99
C SER A 56 13.65 0.38 -5.92
N SER A 57 14.92 0.15 -6.21
CA SER A 57 15.69 1.16 -6.91
C SER A 57 15.27 1.25 -8.37
N THR A 58 14.27 2.07 -8.58
CA THR A 58 13.87 2.59 -9.88
C THR A 58 12.91 3.73 -9.63
N PRO A 59 13.01 4.82 -10.39
CA PRO A 59 12.02 5.88 -10.32
C PRO A 59 10.66 5.32 -10.75
N LEU A 60 9.73 5.34 -9.81
CA LEU A 60 8.44 4.68 -10.00
C LEU A 60 7.37 5.71 -10.34
N SER A 61 6.51 5.35 -11.27
CA SER A 61 5.39 6.19 -11.61
C SER A 61 4.23 5.88 -10.66
N SER A 62 3.12 6.56 -10.84
CA SER A 62 1.98 6.46 -9.92
C SER A 62 1.55 5.00 -9.72
N ARG A 63 1.32 4.29 -10.82
CA ARG A 63 0.87 2.92 -10.75
C ARG A 63 1.99 2.02 -10.22
N GLU A 64 3.18 2.18 -10.78
CA GLU A 64 4.34 1.37 -10.44
C GLU A 64 4.61 1.43 -8.94
N LEU A 65 4.59 2.63 -8.40
CA LEU A 65 4.77 2.86 -6.98
C LEU A 65 3.74 2.09 -6.17
N TYR A 66 2.48 2.26 -6.52
CA TYR A 66 1.39 1.63 -5.81
C TYR A 66 1.54 0.11 -5.78
N GLN A 67 2.13 -0.45 -6.84
CA GLN A 67 2.29 -1.89 -6.92
C GLN A 67 3.34 -2.38 -5.94
N VAL A 68 4.39 -1.58 -5.77
CA VAL A 68 5.45 -1.91 -4.83
C VAL A 68 4.95 -1.75 -3.40
N PHE A 69 4.19 -0.69 -3.15
CA PHE A 69 3.58 -0.42 -1.85
C PHE A 69 2.83 -1.65 -1.34
N LEU A 70 2.19 -2.35 -2.26
CA LEU A 70 1.38 -3.51 -1.91
C LEU A 70 2.25 -4.66 -1.43
N SER A 71 3.51 -4.62 -1.78
CA SER A 71 4.44 -5.68 -1.40
C SER A 71 5.11 -5.32 -0.08
N VAL A 72 5.33 -4.03 0.13
CA VAL A 72 6.02 -3.57 1.33
C VAL A 72 5.12 -3.78 2.55
N LEU A 73 3.82 -3.72 2.32
CA LEU A 73 2.84 -4.05 3.35
C LEU A 73 3.03 -5.48 3.81
N GLN A 74 3.31 -6.37 2.86
CA GLN A 74 3.50 -7.78 3.14
C GLN A 74 4.78 -7.98 3.94
N VAL A 75 5.69 -7.01 3.83
CA VAL A 75 6.91 -7.01 4.61
C VAL A 75 6.62 -6.62 6.06
N SER A 76 5.64 -5.73 6.24
CA SER A 76 5.30 -5.24 7.56
C SER A 76 4.20 -6.10 8.19
N GLY A 77 3.45 -6.80 7.35
CA GLY A 77 2.38 -7.67 7.83
C GLY A 77 0.99 -7.09 7.62
N TYR A 78 0.80 -6.37 6.53
CA TYR A 78 -0.48 -5.73 6.24
C TYR A 78 -0.85 -5.94 4.78
N ALA A 79 -2.02 -5.50 4.40
CA ALA A 79 -2.49 -5.66 3.03
C ALA A 79 -3.43 -4.54 2.65
N ALA A 80 -3.39 -4.15 1.38
CA ALA A 80 -4.27 -3.11 0.86
C ALA A 80 -5.44 -3.73 0.11
N ILE A 81 -6.63 -3.56 0.65
CA ILE A 81 -7.82 -4.12 0.02
C ILE A 81 -8.72 -3.00 -0.49
N PRO A 82 -8.80 -2.83 -1.82
CA PRO A 82 -9.65 -1.82 -2.42
C PRO A 82 -11.13 -2.03 -2.13
N ASN A 83 -11.75 -0.98 -1.64
CA ASN A 83 -13.16 -0.98 -1.30
C ASN A 83 -13.87 0.13 -2.09
N GLY A 84 -13.88 -0.02 -3.40
CA GLY A 84 -14.42 1.00 -4.26
C GLY A 84 -13.42 2.11 -4.54
N GLU A 85 -13.80 3.33 -4.23
CA GLU A 85 -12.95 4.50 -4.49
C GLU A 85 -11.84 4.59 -3.44
N ILE A 86 -12.01 3.85 -2.35
CA ILE A 86 -11.06 3.86 -1.26
C ILE A 86 -10.38 2.51 -1.11
N ILE A 87 -9.09 2.51 -0.87
CA ILE A 87 -8.35 1.28 -0.62
C ILE A 87 -8.05 1.14 0.87
N LYS A 88 -8.49 0.05 1.47
CA LYS A 88 -8.34 -0.12 2.91
C LYS A 88 -7.16 -1.03 3.25
N ILE A 89 -6.16 -0.47 3.92
CA ILE A 89 -5.00 -1.22 4.37
C ILE A 89 -5.24 -1.74 5.79
N ILE A 90 -5.20 -3.05 5.93
CA ILE A 90 -5.41 -3.68 7.24
C ILE A 90 -4.33 -4.72 7.50
N PRO A 91 -4.13 -5.10 8.77
CA PRO A 91 -3.17 -6.14 9.14
C PRO A 91 -3.64 -7.52 8.71
N ASN A 92 -2.98 -8.09 7.72
CA ASN A 92 -3.35 -9.41 7.23
C ASN A 92 -2.75 -10.49 8.13
N ILE A 93 -2.03 -10.04 9.13
CA ILE A 93 -1.34 -10.93 10.07
C ILE A 93 -2.27 -11.51 11.12
N ASP A 94 -3.05 -12.52 10.72
CA ASP A 94 -3.93 -13.25 11.62
C ASP A 94 -4.97 -12.33 12.27
N ALA A 95 -5.45 -11.38 11.50
CA ALA A 95 -6.49 -10.47 11.97
C ALA A 95 -7.77 -10.69 11.18
N LYS A 96 -8.83 -9.99 11.57
CA LYS A 96 -10.11 -10.12 10.89
C LYS A 96 -10.07 -9.42 9.52
N THR A 97 -9.99 -10.23 8.48
CA THR A 97 -9.90 -9.72 7.12
C THR A 97 -11.28 -9.62 6.48
N GLN A 98 -11.92 -10.76 6.25
CA GLN A 98 -13.21 -10.79 5.58
C GLN A 98 -14.34 -10.36 6.52
N SER A 99 -14.06 -10.38 7.80
CA SER A 99 -15.06 -10.01 8.79
C SER A 99 -14.47 -9.05 9.84
N PRO A 100 -14.11 -7.81 9.43
CA PRO A 100 -13.54 -6.82 10.34
C PRO A 100 -14.54 -6.39 11.40
N ASP A 101 -15.63 -5.76 10.95
CA ASP A 101 -16.71 -5.36 11.84
C ASP A 101 -17.89 -6.32 11.67
N LEU A 102 -17.75 -7.22 10.70
CA LEU A 102 -18.80 -8.18 10.39
C LEU A 102 -18.73 -9.39 11.31
N LEU A 103 -18.53 -9.12 12.60
CA LEU A 103 -18.45 -10.18 13.59
C LEU A 103 -19.39 -9.83 14.74
N SER A 104 -20.68 -9.79 14.43
CA SER A 104 -21.69 -9.54 15.43
C SER A 104 -22.33 -10.85 15.88
N GLY A 105 -21.87 -11.94 15.29
CA GLY A 105 -22.36 -13.26 15.65
C GLY A 105 -22.98 -13.98 14.48
N MET A 106 -23.24 -15.27 14.67
CA MET A 106 -23.86 -16.09 13.64
C MET A 106 -25.35 -16.25 13.93
N LYS A 107 -25.91 -15.30 14.65
CA LYS A 107 -27.34 -15.30 14.93
C LYS A 107 -28.04 -14.30 14.03
N SER A 108 -29.15 -14.72 13.44
CA SER A 108 -29.92 -13.85 12.59
C SER A 108 -30.93 -13.05 13.42
N PRO A 109 -30.78 -11.72 13.47
CA PRO A 109 -31.67 -10.85 14.24
C PRO A 109 -33.14 -11.03 13.86
N PRO A 110 -33.96 -11.53 14.80
CA PRO A 110 -35.39 -11.78 14.56
C PRO A 110 -36.14 -10.51 14.20
N ARG A 111 -36.79 -10.53 13.05
CA ARG A 111 -37.55 -9.38 12.58
C ARG A 111 -39.03 -9.73 12.51
N MET A 1 -12.84 11.21 -19.03
CA MET A 1 -11.80 10.32 -18.44
C MET A 1 -11.52 9.15 -19.38
N ALA A 2 -12.55 8.38 -19.70
CA ALA A 2 -12.39 7.23 -20.57
C ALA A 2 -12.50 7.62 -22.04
N HIS A 3 -11.54 8.39 -22.51
CA HIS A 3 -11.51 8.85 -23.89
C HIS A 3 -11.00 7.74 -24.81
N HIS A 4 -10.58 6.64 -24.22
CA HIS A 4 -10.06 5.51 -24.97
C HIS A 4 -10.46 4.20 -24.29
N HIS A 5 -10.89 3.23 -25.08
CA HIS A 5 -11.27 1.92 -24.57
C HIS A 5 -10.45 0.83 -25.26
N HIS A 6 -10.30 -0.31 -24.60
CA HIS A 6 -9.44 -1.41 -25.07
C HIS A 6 -7.97 -1.01 -25.01
N HIS A 7 -7.14 -1.93 -24.55
CA HIS A 7 -5.71 -1.67 -24.44
C HIS A 7 -4.91 -2.77 -25.12
N HIS A 8 -3.96 -2.37 -25.96
CA HIS A 8 -3.07 -3.30 -26.62
C HIS A 8 -1.62 -2.88 -26.44
N VAL A 9 -1.00 -3.41 -25.41
CA VAL A 9 0.37 -3.08 -25.07
C VAL A 9 1.16 -4.35 -24.78
N ASP A 10 2.44 -4.36 -25.10
CA ASP A 10 3.29 -5.51 -24.83
C ASP A 10 4.49 -5.11 -24.00
N ASP A 11 5.09 -3.98 -24.34
CA ASP A 11 6.24 -3.48 -23.62
C ASP A 11 5.84 -2.29 -22.74
N ASP A 12 6.25 -2.31 -21.48
CA ASP A 12 5.82 -1.30 -20.52
C ASP A 12 6.86 -0.21 -20.36
N ASP A 13 6.43 1.04 -20.47
CA ASP A 13 7.31 2.18 -20.25
C ASP A 13 6.64 3.19 -19.31
N LYS A 14 5.81 2.71 -18.42
CA LYS A 14 5.09 3.58 -17.50
C LYS A 14 5.92 3.90 -16.27
N MET A 15 7.17 4.29 -16.50
CA MET A 15 8.10 4.60 -15.43
C MET A 15 7.88 6.01 -14.91
N GLY A 16 8.53 6.34 -13.80
CA GLY A 16 8.38 7.66 -13.22
C GLY A 16 9.70 8.40 -13.16
N SER A 17 9.75 9.46 -12.37
CA SER A 17 10.96 10.22 -12.19
C SER A 17 11.40 10.20 -10.73
N LYS A 18 10.55 9.65 -9.88
CA LYS A 18 10.83 9.60 -8.44
C LYS A 18 11.37 8.22 -8.06
N LEU A 19 12.64 8.17 -7.69
CA LEU A 19 13.27 6.94 -7.23
C LEU A 19 12.87 6.66 -5.78
N TRP A 20 12.65 5.38 -5.44
CA TRP A 20 12.11 5.04 -4.12
C TRP A 20 13.07 4.16 -3.30
N ASN A 21 13.67 4.79 -2.29
CA ASN A 21 14.46 4.10 -1.29
C ASN A 21 14.17 4.75 0.07
N LEU A 22 13.14 4.26 0.72
CA LEU A 22 12.68 4.84 1.98
C LEU A 22 13.25 4.05 3.16
N ARG A 23 13.27 4.67 4.32
CA ARG A 23 13.74 4.00 5.52
C ARG A 23 12.59 3.74 6.47
N ASN A 24 12.67 2.59 7.15
CA ASN A 24 11.61 2.10 8.05
C ASN A 24 11.02 3.20 8.90
N ALA A 25 9.87 3.68 8.46
CA ALA A 25 9.18 4.77 9.11
C ALA A 25 7.78 4.33 9.50
N ASP A 26 7.04 5.21 10.14
CA ASP A 26 5.65 4.94 10.50
C ASP A 26 4.86 4.55 9.27
N ILE A 27 4.14 3.44 9.38
CA ILE A 27 3.37 2.88 8.28
C ILE A 27 2.39 3.89 7.70
N ARG A 28 1.77 4.70 8.55
CA ARG A 28 0.79 5.68 8.07
C ARG A 28 1.49 6.78 7.29
N ALA A 29 2.76 7.02 7.62
CA ALA A 29 3.54 8.04 6.94
C ALA A 29 3.86 7.59 5.53
N VAL A 30 3.99 6.29 5.36
CA VAL A 30 4.27 5.71 4.06
C VAL A 30 2.97 5.59 3.25
N ILE A 31 1.88 5.23 3.92
CA ILE A 31 0.58 5.13 3.27
C ILE A 31 0.11 6.52 2.82
N ALA A 32 0.54 7.54 3.56
CA ALA A 32 0.28 8.92 3.18
C ALA A 32 1.29 9.39 2.12
N GLU A 33 2.47 8.79 2.15
CA GLU A 33 3.51 9.09 1.16
C GLU A 33 3.08 8.60 -0.22
N VAL A 34 2.67 7.33 -0.27
CA VAL A 34 2.25 6.72 -1.52
C VAL A 34 1.05 7.44 -2.12
N SER A 35 0.08 7.81 -1.28
CA SER A 35 -1.12 8.50 -1.74
C SER A 35 -0.79 9.88 -2.31
N ARG A 36 0.28 10.47 -1.78
CA ARG A 36 0.73 11.79 -2.22
C ARG A 36 1.10 11.77 -3.70
N ILE A 37 1.78 10.70 -4.13
CA ILE A 37 2.21 10.59 -5.51
C ILE A 37 1.17 9.87 -6.37
N THR A 38 0.54 8.84 -5.82
CA THR A 38 -0.39 8.02 -6.59
C THR A 38 -1.72 8.73 -6.82
N GLY A 39 -2.09 9.59 -5.87
CA GLY A 39 -3.36 10.28 -5.96
C GLY A 39 -4.51 9.38 -5.60
N LYS A 40 -4.22 8.34 -4.82
CA LYS A 40 -5.20 7.34 -4.46
C LYS A 40 -5.59 7.50 -2.99
N ASN A 41 -6.81 7.09 -2.68
CA ASN A 41 -7.32 7.24 -1.32
C ASN A 41 -7.08 5.95 -0.55
N PHE A 42 -6.63 6.09 0.70
CA PHE A 42 -6.33 4.91 1.51
C PHE A 42 -7.10 4.94 2.83
N VAL A 43 -7.50 3.77 3.30
CA VAL A 43 -8.19 3.64 4.56
C VAL A 43 -7.37 2.77 5.50
N ILE A 44 -6.77 3.38 6.51
CA ILE A 44 -5.87 2.67 7.41
C ILE A 44 -6.61 2.20 8.66
N ASP A 45 -6.60 0.89 8.86
CA ASP A 45 -7.16 0.29 10.07
C ASP A 45 -6.33 0.68 11.29
N PRO A 46 -6.98 0.90 12.44
CA PRO A 46 -6.30 1.28 13.69
C PRO A 46 -5.18 0.32 14.10
N ARG A 47 -5.26 -0.93 13.62
CA ARG A 47 -4.24 -1.93 13.96
C ARG A 47 -3.01 -1.80 13.08
N VAL A 48 -3.11 -1.00 12.02
CA VAL A 48 -1.99 -0.83 11.11
C VAL A 48 -0.96 0.13 11.72
N GLN A 49 -0.04 -0.43 12.46
CA GLN A 49 1.00 0.34 13.14
C GLN A 49 2.32 -0.43 13.11
N GLY A 50 3.17 -0.05 12.17
CA GLY A 50 4.45 -0.69 12.03
C GLY A 50 5.41 0.15 11.24
N LYS A 51 6.56 -0.41 10.87
CA LYS A 51 7.55 0.31 10.11
C LYS A 51 7.63 -0.21 8.68
N VAL A 52 7.62 0.72 7.74
CA VAL A 52 7.65 0.40 6.33
C VAL A 52 8.76 1.19 5.63
N SER A 53 9.51 0.51 4.77
CA SER A 53 10.53 1.16 3.96
C SER A 53 10.40 0.71 2.50
N ILE A 54 9.82 1.56 1.67
CA ILE A 54 9.71 1.27 0.26
C ILE A 54 11.04 1.50 -0.44
N VAL A 55 11.77 0.42 -0.67
CA VAL A 55 13.03 0.50 -1.38
C VAL A 55 13.01 -0.42 -2.60
N SER A 56 12.82 0.20 -3.74
CA SER A 56 12.89 -0.49 -5.02
C SER A 56 13.56 0.45 -6.00
N SER A 57 14.81 0.17 -6.35
CA SER A 57 15.57 1.13 -7.10
C SER A 57 15.12 1.18 -8.55
N THR A 58 14.12 2.01 -8.77
CA THR A 58 13.73 2.54 -10.06
C THR A 58 12.77 3.69 -9.81
N PRO A 59 12.89 4.78 -10.57
CA PRO A 59 11.92 5.86 -10.49
C PRO A 59 10.53 5.36 -10.86
N LEU A 60 9.62 5.44 -9.90
CA LEU A 60 8.30 4.86 -10.03
C LEU A 60 7.26 5.93 -10.28
N SER A 61 6.31 5.63 -11.16
CA SER A 61 5.22 6.54 -11.44
C SER A 61 4.08 6.30 -10.45
N SER A 62 2.99 7.04 -10.58
CA SER A 62 1.83 6.86 -9.71
C SER A 62 1.37 5.39 -9.72
N ARG A 63 1.45 4.76 -10.87
CA ARG A 63 1.09 3.36 -11.02
C ARG A 63 2.13 2.45 -10.35
N GLU A 64 3.37 2.53 -10.83
CA GLU A 64 4.44 1.65 -10.40
C GLU A 64 4.66 1.73 -8.89
N LEU A 65 4.64 2.93 -8.36
CA LEU A 65 4.79 3.15 -6.93
C LEU A 65 3.74 2.35 -6.16
N TYR A 66 2.49 2.53 -6.56
CA TYR A 66 1.38 1.85 -5.91
C TYR A 66 1.58 0.34 -5.93
N GLN A 67 2.21 -0.17 -6.98
CA GLN A 67 2.42 -1.61 -7.12
C GLN A 67 3.45 -2.10 -6.10
N VAL A 68 4.38 -1.23 -5.76
CA VAL A 68 5.40 -1.55 -4.78
C VAL A 68 4.86 -1.39 -3.36
N PHE A 69 3.99 -0.39 -3.19
CA PHE A 69 3.34 -0.16 -1.91
C PHE A 69 2.55 -1.40 -1.50
N LEU A 70 1.92 -2.03 -2.49
CA LEU A 70 1.15 -3.25 -2.25
C LEU A 70 2.08 -4.37 -1.80
N SER A 71 3.33 -4.31 -2.24
CA SER A 71 4.29 -5.35 -1.95
C SER A 71 4.96 -5.09 -0.61
N VAL A 72 5.22 -3.82 -0.32
CA VAL A 72 5.89 -3.44 0.92
C VAL A 72 5.01 -3.80 2.13
N LEU A 73 3.70 -3.73 1.94
CA LEU A 73 2.76 -4.12 2.98
C LEU A 73 2.86 -5.60 3.27
N GLN A 74 2.96 -6.40 2.21
CA GLN A 74 3.02 -7.85 2.35
C GLN A 74 4.30 -8.26 3.09
N VAL A 75 5.32 -7.41 2.98
CA VAL A 75 6.55 -7.60 3.72
C VAL A 75 6.39 -7.10 5.16
N SER A 76 5.55 -6.09 5.33
CA SER A 76 5.35 -5.45 6.61
C SER A 76 4.33 -6.20 7.48
N GLY A 77 3.51 -7.02 6.84
CA GLY A 77 2.47 -7.74 7.57
C GLY A 77 1.10 -7.14 7.35
N TYR A 78 0.95 -6.39 6.27
CA TYR A 78 -0.29 -5.69 5.96
C TYR A 78 -0.67 -5.92 4.51
N ALA A 79 -1.81 -5.39 4.10
CA ALA A 79 -2.25 -5.50 2.73
C ALA A 79 -3.20 -4.37 2.36
N ALA A 80 -3.15 -3.96 1.11
CA ALA A 80 -4.03 -2.91 0.62
C ALA A 80 -5.14 -3.51 -0.20
N ILE A 81 -6.35 -3.45 0.34
CA ILE A 81 -7.52 -3.99 -0.34
C ILE A 81 -8.36 -2.86 -0.89
N PRO A 82 -8.33 -2.66 -2.21
CA PRO A 82 -9.13 -1.63 -2.88
C PRO A 82 -10.63 -1.85 -2.72
N ASN A 83 -11.28 -0.86 -2.16
CA ASN A 83 -12.72 -0.86 -1.98
C ASN A 83 -13.32 0.24 -2.85
N GLY A 84 -13.35 -0.01 -4.14
CA GLY A 84 -13.76 1.02 -5.08
C GLY A 84 -12.61 1.95 -5.40
N GLU A 85 -12.77 3.24 -5.11
CA GLU A 85 -11.73 4.22 -5.36
C GLU A 85 -10.89 4.44 -4.11
N ILE A 86 -11.40 3.95 -2.98
CA ILE A 86 -10.66 3.98 -1.74
C ILE A 86 -10.01 2.64 -1.48
N ILE A 87 -8.74 2.66 -1.14
CA ILE A 87 -8.00 1.43 -0.89
C ILE A 87 -7.77 1.28 0.61
N LYS A 88 -8.24 0.19 1.19
CA LYS A 88 -8.13 0.01 2.63
C LYS A 88 -6.93 -0.87 2.98
N ILE A 89 -6.01 -0.32 3.76
CA ILE A 89 -4.82 -1.06 4.20
C ILE A 89 -5.06 -1.61 5.59
N ILE A 90 -4.99 -2.93 5.72
CA ILE A 90 -5.19 -3.59 6.99
C ILE A 90 -4.09 -4.62 7.22
N PRO A 91 -3.90 -5.06 8.47
CA PRO A 91 -2.93 -6.10 8.80
C PRO A 91 -3.39 -7.47 8.31
N ASN A 92 -2.74 -7.98 7.27
CA ASN A 92 -3.13 -9.26 6.67
C ASN A 92 -2.75 -10.40 7.60
N ILE A 93 -2.05 -10.05 8.65
CA ILE A 93 -1.63 -10.99 9.68
C ILE A 93 -2.80 -11.33 10.60
N ASP A 94 -3.73 -12.12 10.07
CA ASP A 94 -4.88 -12.65 10.83
C ASP A 94 -5.97 -11.60 11.06
N ALA A 95 -5.57 -10.34 11.18
CA ALA A 95 -6.53 -9.26 11.44
C ALA A 95 -7.27 -8.85 10.18
N LYS A 96 -7.76 -9.84 9.44
CA LYS A 96 -8.51 -9.59 8.22
C LYS A 96 -9.98 -9.90 8.44
N THR A 97 -10.24 -11.00 9.15
CA THR A 97 -11.59 -11.42 9.44
C THR A 97 -11.60 -12.23 10.73
N GLN A 98 -12.76 -12.33 11.36
CA GLN A 98 -12.93 -13.09 12.60
C GLN A 98 -11.99 -12.57 13.68
N SER A 99 -12.32 -11.44 14.27
CA SER A 99 -11.49 -10.86 15.32
C SER A 99 -12.37 -10.38 16.47
N PRO A 100 -12.65 -11.27 17.42
CA PRO A 100 -13.49 -10.95 18.58
C PRO A 100 -12.78 -10.03 19.57
N ASP A 101 -13.53 -9.10 20.14
CA ASP A 101 -12.96 -8.12 21.06
C ASP A 101 -12.86 -8.69 22.48
N LEU A 102 -12.90 -10.01 22.59
CA LEU A 102 -12.75 -10.70 23.86
C LEU A 102 -11.33 -10.54 24.38
N LEU A 103 -10.40 -10.33 23.47
CA LEU A 103 -9.00 -10.13 23.83
C LEU A 103 -8.69 -8.64 23.82
N SER A 104 -9.58 -7.87 24.46
CA SER A 104 -9.49 -6.40 24.48
C SER A 104 -9.28 -5.83 23.08
N GLY A 105 -10.37 -5.70 22.34
CA GLY A 105 -10.30 -5.23 20.97
C GLY A 105 -9.88 -3.77 20.87
N MET A 106 -8.62 -3.55 20.52
CA MET A 106 -8.06 -2.21 20.33
C MET A 106 -8.02 -1.41 21.63
N LYS A 107 -6.80 -1.00 22.01
CA LYS A 107 -6.59 -0.21 23.22
C LYS A 107 -7.22 1.18 23.05
N SER A 108 -7.38 1.60 21.81
CA SER A 108 -8.00 2.87 21.50
C SER A 108 -9.50 2.81 21.72
N PRO A 109 -10.02 3.57 22.68
CA PRO A 109 -11.44 3.59 22.99
C PRO A 109 -12.21 4.57 22.11
N PRO A 110 -13.35 4.14 21.55
CA PRO A 110 -14.22 5.02 20.76
C PRO A 110 -14.90 6.08 21.62
N ARG A 111 -14.18 7.14 21.91
CA ARG A 111 -14.70 8.25 22.70
C ARG A 111 -14.51 9.56 21.96
N MET A 1 26.52 15.71 -29.03
CA MET A 1 27.07 15.42 -30.38
C MET A 1 28.58 15.32 -30.36
N ALA A 2 29.24 16.33 -29.81
CA ALA A 2 30.69 16.36 -29.73
C ALA A 2 31.22 15.27 -28.81
N HIS A 3 30.58 15.12 -27.67
CA HIS A 3 30.99 14.13 -26.68
C HIS A 3 30.19 12.84 -26.89
N HIS A 4 30.33 12.24 -28.06
CA HIS A 4 29.60 11.02 -28.38
C HIS A 4 30.56 9.83 -28.40
N HIS A 5 31.51 9.85 -29.34
CA HIS A 5 32.46 8.75 -29.47
C HIS A 5 33.31 8.64 -28.22
N HIS A 6 33.69 9.78 -27.67
CA HIS A 6 34.32 9.83 -26.37
C HIS A 6 33.51 10.71 -25.44
N HIS A 7 33.06 10.13 -24.34
CA HIS A 7 32.23 10.84 -23.38
C HIS A 7 32.52 10.38 -21.97
N HIS A 8 32.41 11.30 -21.02
CA HIS A 8 32.67 11.01 -19.62
C HIS A 8 31.55 11.57 -18.77
N VAL A 9 30.35 11.00 -18.90
CA VAL A 9 29.18 11.51 -18.21
C VAL A 9 28.35 10.39 -17.60
N ASP A 10 27.81 10.64 -16.43
CA ASP A 10 26.94 9.69 -15.74
C ASP A 10 25.74 10.44 -15.16
N ASP A 11 24.55 9.93 -15.39
CA ASP A 11 23.32 10.61 -15.02
C ASP A 11 23.04 10.47 -13.52
N ASP A 12 22.73 11.58 -12.86
CA ASP A 12 22.46 11.57 -11.43
C ASP A 12 21.04 12.02 -11.13
N ASP A 13 20.18 11.06 -10.78
CA ASP A 13 18.80 11.33 -10.37
C ASP A 13 17.94 11.83 -11.53
N LYS A 14 16.62 11.75 -11.36
CA LYS A 14 15.65 12.18 -12.36
C LYS A 14 15.73 11.31 -13.62
N MET A 15 16.15 10.07 -13.43
CA MET A 15 16.24 9.11 -14.54
C MET A 15 14.93 8.35 -14.69
N GLY A 16 13.82 9.05 -14.52
CA GLY A 16 12.52 8.45 -14.65
C GLY A 16 11.48 9.26 -13.94
N SER A 17 10.47 8.59 -13.39
CA SER A 17 9.43 9.30 -12.66
C SER A 17 9.87 9.68 -11.25
N LYS A 18 9.84 8.73 -10.33
CA LYS A 18 10.16 9.02 -8.94
C LYS A 18 10.87 7.84 -8.29
N LEU A 19 12.12 8.03 -7.92
CA LEU A 19 12.92 7.00 -7.26
C LEU A 19 12.48 6.83 -5.81
N TRP A 20 12.27 5.60 -5.40
CA TRP A 20 11.79 5.33 -4.04
C TRP A 20 12.83 4.56 -3.23
N ASN A 21 13.41 5.25 -2.26
CA ASN A 21 14.30 4.63 -1.29
C ASN A 21 14.00 5.22 0.07
N LEU A 22 13.05 4.62 0.75
CA LEU A 22 12.63 5.09 2.06
C LEU A 22 13.26 4.23 3.14
N ARG A 23 13.42 4.80 4.31
CA ARG A 23 13.94 4.07 5.46
C ARG A 23 12.81 3.75 6.41
N ASN A 24 12.92 2.59 7.06
CA ASN A 24 11.90 2.05 7.96
C ASN A 24 11.30 3.14 8.84
N ALA A 25 10.11 3.58 8.46
CA ALA A 25 9.42 4.64 9.18
C ALA A 25 8.00 4.21 9.52
N ASP A 26 7.24 5.11 10.15
CA ASP A 26 5.86 4.81 10.53
C ASP A 26 5.04 4.48 9.28
N ILE A 27 4.30 3.38 9.38
CA ILE A 27 3.49 2.88 8.28
C ILE A 27 2.49 3.91 7.76
N ARG A 28 1.90 4.70 8.66
CA ARG A 28 0.90 5.68 8.24
C ARG A 28 1.56 6.83 7.51
N ALA A 29 2.86 7.01 7.74
CA ALA A 29 3.62 8.05 7.06
C ALA A 29 3.95 7.63 5.65
N VAL A 30 3.98 6.31 5.43
CA VAL A 30 4.27 5.76 4.12
C VAL A 30 2.99 5.61 3.31
N ILE A 31 1.92 5.18 3.96
CA ILE A 31 0.62 5.04 3.31
C ILE A 31 0.12 6.41 2.85
N ALA A 32 0.53 7.45 3.57
CA ALA A 32 0.22 8.82 3.18
C ALA A 32 1.21 9.33 2.13
N GLU A 33 2.40 8.75 2.13
CA GLU A 33 3.43 9.12 1.17
C GLU A 33 3.08 8.55 -0.21
N VAL A 34 2.63 7.30 -0.24
CA VAL A 34 2.24 6.65 -1.49
C VAL A 34 1.00 7.29 -2.09
N SER A 35 0.03 7.65 -1.26
CA SER A 35 -1.21 8.27 -1.73
C SER A 35 -0.93 9.66 -2.32
N ARG A 36 0.13 10.28 -1.82
CA ARG A 36 0.59 11.57 -2.30
C ARG A 36 0.91 11.51 -3.80
N ILE A 37 1.56 10.44 -4.22
CA ILE A 37 1.93 10.26 -5.63
C ILE A 37 0.85 9.52 -6.41
N THR A 38 0.35 8.42 -5.84
CA THR A 38 -0.63 7.58 -6.52
C THR A 38 -1.95 8.30 -6.74
N GLY A 39 -2.25 9.24 -5.86
CA GLY A 39 -3.48 9.99 -5.95
C GLY A 39 -4.69 9.18 -5.55
N LYS A 40 -4.47 8.21 -4.66
CA LYS A 40 -5.52 7.29 -4.26
C LYS A 40 -5.82 7.43 -2.78
N ASN A 41 -7.05 7.16 -2.39
CA ASN A 41 -7.46 7.27 -0.99
C ASN A 41 -7.16 5.97 -0.25
N PHE A 42 -6.76 6.08 1.00
CA PHE A 42 -6.41 4.90 1.79
C PHE A 42 -7.08 4.91 3.16
N VAL A 43 -7.71 3.81 3.49
CA VAL A 43 -8.35 3.62 4.78
C VAL A 43 -7.43 2.79 5.67
N ILE A 44 -6.80 3.43 6.64
CA ILE A 44 -5.89 2.72 7.51
C ILE A 44 -6.60 2.26 8.77
N ASP A 45 -6.46 0.98 9.09
CA ASP A 45 -7.04 0.42 10.30
C ASP A 45 -6.15 0.77 11.51
N PRO A 46 -6.77 1.02 12.67
CA PRO A 46 -6.05 1.33 13.92
C PRO A 46 -5.03 0.27 14.31
N ARG A 47 -5.19 -0.95 13.79
CA ARG A 47 -4.26 -2.03 14.08
C ARG A 47 -3.02 -1.94 13.18
N VAL A 48 -3.06 -1.06 12.20
CA VAL A 48 -1.94 -0.88 11.29
C VAL A 48 -0.93 0.11 11.88
N GLN A 49 0.11 -0.44 12.48
CA GLN A 49 1.13 0.35 13.14
C GLN A 49 2.45 -0.42 13.21
N GLY A 50 3.33 -0.10 12.28
CA GLY A 50 4.63 -0.72 12.22
C GLY A 50 5.56 0.10 11.35
N LYS A 51 6.63 -0.51 10.87
CA LYS A 51 7.58 0.19 10.02
C LYS A 51 7.53 -0.30 8.59
N VAL A 52 7.64 0.64 7.67
CA VAL A 52 7.66 0.35 6.24
C VAL A 52 8.72 1.21 5.55
N SER A 53 9.56 0.57 4.75
CA SER A 53 10.54 1.29 3.95
C SER A 53 10.43 0.89 2.49
N ILE A 54 9.86 1.75 1.68
CA ILE A 54 9.71 1.48 0.26
C ILE A 54 11.04 1.72 -0.46
N VAL A 55 11.74 0.63 -0.73
CA VAL A 55 12.96 0.68 -1.52
C VAL A 55 12.77 -0.10 -2.79
N SER A 56 13.19 0.47 -3.91
CA SER A 56 12.97 -0.17 -5.19
C SER A 56 14.00 0.28 -6.22
N SER A 57 13.96 -0.36 -7.38
CA SER A 57 14.79 -0.01 -8.52
C SER A 57 14.46 1.38 -9.05
N THR A 58 15.09 1.75 -10.17
CA THR A 58 14.92 3.04 -10.85
C THR A 58 13.49 3.60 -10.75
N PRO A 59 13.36 4.94 -10.85
CA PRO A 59 12.11 5.69 -10.59
C PRO A 59 10.83 4.97 -11.01
N LEU A 60 9.90 4.89 -10.07
CA LEU A 60 8.61 4.27 -10.29
C LEU A 60 7.59 5.31 -10.72
N SER A 61 6.69 4.91 -11.60
CA SER A 61 5.59 5.76 -12.00
C SER A 61 4.44 5.61 -11.01
N SER A 62 3.34 6.32 -11.26
CA SER A 62 2.22 6.41 -10.32
C SER A 62 1.76 5.03 -9.82
N ARG A 63 1.33 4.16 -10.75
CA ARG A 63 0.83 2.85 -10.38
C ARG A 63 1.98 1.93 -9.98
N GLU A 64 3.11 2.09 -10.66
CA GLU A 64 4.29 1.29 -10.40
C GLU A 64 4.71 1.36 -8.94
N LEU A 65 4.73 2.58 -8.41
CA LEU A 65 4.99 2.82 -6.99
C LEU A 65 4.02 2.03 -6.15
N TYR A 66 2.75 2.17 -6.47
CA TYR A 66 1.68 1.54 -5.72
C TYR A 66 1.85 0.02 -5.66
N GLN A 67 2.37 -0.57 -6.73
CA GLN A 67 2.53 -2.02 -6.78
C GLN A 67 3.62 -2.46 -5.82
N VAL A 68 4.60 -1.58 -5.62
CA VAL A 68 5.68 -1.85 -4.68
C VAL A 68 5.18 -1.67 -3.25
N PHE A 69 4.40 -0.62 -3.04
CA PHE A 69 3.76 -0.36 -1.75
C PHE A 69 3.01 -1.60 -1.27
N LEU A 70 2.40 -2.30 -2.21
CA LEU A 70 1.63 -3.50 -1.89
C LEU A 70 2.54 -4.62 -1.40
N SER A 71 3.81 -4.56 -1.77
CA SER A 71 4.76 -5.58 -1.38
C SER A 71 5.35 -5.24 -0.02
N VAL A 72 5.59 -3.96 0.20
CA VAL A 72 6.19 -3.50 1.45
C VAL A 72 5.23 -3.69 2.61
N LEU A 73 3.95 -3.55 2.32
CA LEU A 73 2.91 -3.83 3.29
C LEU A 73 3.02 -5.26 3.79
N GLN A 74 3.15 -6.19 2.85
CA GLN A 74 3.22 -7.60 3.19
C GLN A 74 4.51 -7.90 3.93
N VAL A 75 5.52 -7.04 3.74
CA VAL A 75 6.74 -7.10 4.53
C VAL A 75 6.45 -6.72 5.97
N SER A 76 5.63 -5.69 6.16
CA SER A 76 5.31 -5.19 7.48
C SER A 76 4.18 -6.03 8.12
N GLY A 77 3.44 -6.75 7.29
CA GLY A 77 2.36 -7.60 7.77
C GLY A 77 0.98 -7.03 7.50
N TYR A 78 0.87 -6.23 6.44
CA TYR A 78 -0.39 -5.59 6.10
C TYR A 78 -0.70 -5.80 4.63
N ALA A 79 -1.84 -5.30 4.19
CA ALA A 79 -2.26 -5.44 2.82
C ALA A 79 -3.23 -4.33 2.44
N ALA A 80 -3.28 -3.99 1.16
CA ALA A 80 -4.16 -2.93 0.69
C ALA A 80 -5.35 -3.51 -0.05
N ILE A 81 -6.50 -3.46 0.59
CA ILE A 81 -7.73 -4.01 0.03
C ILE A 81 -8.69 -2.89 -0.35
N PRO A 82 -8.89 -2.67 -1.66
CA PRO A 82 -9.78 -1.63 -2.15
C PRO A 82 -11.21 -1.78 -1.66
N ASN A 83 -11.68 -0.79 -0.91
CA ASN A 83 -13.07 -0.70 -0.51
C ASN A 83 -13.85 0.08 -1.56
N GLY A 84 -13.81 -0.41 -2.79
CA GLY A 84 -14.48 0.27 -3.88
C GLY A 84 -13.70 1.47 -4.37
N GLU A 85 -14.19 2.66 -4.04
CA GLU A 85 -13.55 3.90 -4.46
C GLU A 85 -12.33 4.21 -3.61
N ILE A 86 -12.29 3.62 -2.43
CA ILE A 86 -11.19 3.80 -1.50
C ILE A 86 -10.35 2.54 -1.42
N ILE A 87 -9.24 2.58 -0.69
CA ILE A 87 -8.43 1.38 -0.48
C ILE A 87 -8.05 1.24 0.98
N LYS A 88 -8.42 0.12 1.60
CA LYS A 88 -8.18 -0.09 3.02
C LYS A 88 -6.93 -0.93 3.27
N ILE A 89 -5.97 -0.35 3.97
CA ILE A 89 -4.78 -1.09 4.38
C ILE A 89 -5.01 -1.66 5.77
N ILE A 90 -4.95 -2.97 5.88
CA ILE A 90 -5.16 -3.65 7.15
C ILE A 90 -4.10 -4.73 7.36
N PRO A 91 -3.93 -5.18 8.60
CA PRO A 91 -2.99 -6.25 8.93
C PRO A 91 -3.49 -7.60 8.45
N ASN A 92 -2.94 -8.07 7.33
CA ASN A 92 -3.37 -9.36 6.77
C ASN A 92 -2.74 -10.52 7.54
N ILE A 93 -2.12 -10.18 8.67
CA ILE A 93 -1.55 -11.17 9.58
C ILE A 93 -2.62 -11.67 10.54
N ASP A 94 -3.78 -11.03 10.46
CA ASP A 94 -4.95 -11.44 11.22
C ASP A 94 -6.07 -11.76 10.23
N ALA A 95 -5.73 -12.64 9.28
CA ALA A 95 -6.60 -12.96 8.15
C ALA A 95 -6.91 -11.70 7.34
N LYS A 96 -8.05 -11.07 7.63
CA LYS A 96 -8.37 -9.77 7.06
C LYS A 96 -9.14 -8.95 8.09
N THR A 97 -10.39 -9.33 8.29
CA THR A 97 -11.25 -8.68 9.26
C THR A 97 -12.33 -9.65 9.72
N GLN A 98 -12.24 -10.08 10.97
CA GLN A 98 -13.16 -11.07 11.49
C GLN A 98 -14.32 -10.41 12.23
N SER A 99 -15.52 -10.82 11.91
CA SER A 99 -16.71 -10.34 12.58
C SER A 99 -17.28 -11.46 13.44
N PRO A 100 -17.00 -11.44 14.76
CA PRO A 100 -17.44 -12.50 15.66
C PRO A 100 -18.93 -12.39 15.98
N ASP A 101 -19.61 -13.51 15.91
CA ASP A 101 -21.04 -13.55 16.22
C ASP A 101 -21.22 -13.63 17.73
N LEU A 102 -20.75 -12.61 18.44
CA LEU A 102 -20.84 -12.57 19.89
C LEU A 102 -22.30 -12.49 20.33
N LEU A 103 -23.15 -12.00 19.44
CA LEU A 103 -24.57 -11.90 19.72
C LEU A 103 -25.37 -12.77 18.76
N SER A 104 -24.97 -14.03 18.66
CA SER A 104 -25.64 -14.99 17.80
C SER A 104 -27.02 -15.37 18.36
N GLY A 105 -28.01 -14.55 18.05
CA GLY A 105 -29.34 -14.78 18.55
C GLY A 105 -29.65 -13.91 19.75
N MET A 106 -30.78 -13.20 19.69
CA MET A 106 -31.18 -12.31 20.76
C MET A 106 -31.42 -13.09 22.05
N LYS A 107 -30.75 -12.68 23.10
CA LYS A 107 -30.83 -13.36 24.38
C LYS A 107 -31.90 -12.73 25.26
N SER A 108 -32.10 -13.32 26.43
CA SER A 108 -33.06 -12.82 27.41
C SER A 108 -34.48 -12.87 26.83
N PRO A 109 -35.06 -14.07 26.75
CA PRO A 109 -36.41 -14.28 26.26
C PRO A 109 -37.45 -14.29 27.39
N PRO A 110 -38.18 -13.18 27.57
CA PRO A 110 -39.15 -13.05 28.65
C PRO A 110 -40.47 -13.76 28.33
N ARG A 111 -40.45 -15.09 28.39
CA ARG A 111 -41.65 -15.88 28.19
C ARG A 111 -42.40 -16.04 29.50
N MET A 1 -0.61 18.79 -20.27
CA MET A 1 -0.64 17.36 -19.91
C MET A 1 0.57 16.64 -20.48
N ALA A 2 1.71 16.79 -19.81
CA ALA A 2 2.94 16.13 -20.22
C ALA A 2 3.50 15.26 -19.09
N HIS A 3 2.67 14.98 -18.10
CA HIS A 3 3.10 14.19 -16.95
C HIS A 3 2.70 12.73 -17.12
N HIS A 4 1.66 12.48 -17.92
CA HIS A 4 1.17 11.11 -18.14
C HIS A 4 2.24 10.25 -18.79
N HIS A 5 2.95 10.81 -19.76
CA HIS A 5 4.03 10.10 -20.45
C HIS A 5 3.53 8.84 -21.14
N HIS A 6 2.90 9.02 -22.28
CA HIS A 6 2.47 7.89 -23.10
C HIS A 6 3.54 7.57 -24.15
N HIS A 7 4.67 8.25 -24.02
CA HIS A 7 5.81 8.00 -24.89
C HIS A 7 6.91 7.34 -24.07
N HIS A 8 7.51 6.29 -24.62
CA HIS A 8 8.58 5.59 -23.93
C HIS A 8 9.83 6.47 -23.89
N VAL A 9 10.19 6.91 -22.70
CA VAL A 9 11.35 7.75 -22.52
C VAL A 9 12.62 6.96 -22.81
N ASP A 10 13.46 7.51 -23.69
CA ASP A 10 14.71 6.85 -24.06
C ASP A 10 15.75 7.02 -22.98
N ASP A 11 15.50 6.38 -21.85
CA ASP A 11 16.43 6.42 -20.72
C ASP A 11 16.49 5.04 -20.09
N ASP A 12 17.63 4.69 -19.53
CA ASP A 12 17.85 3.34 -19.02
C ASP A 12 17.63 3.28 -17.52
N ASP A 13 17.28 4.42 -16.93
CA ASP A 13 17.03 4.50 -15.50
C ASP A 13 15.62 4.98 -15.22
N LYS A 14 15.24 6.08 -15.86
CA LYS A 14 13.94 6.69 -15.63
C LYS A 14 12.85 5.97 -16.43
N MET A 15 12.46 4.81 -15.93
CA MET A 15 11.38 4.06 -16.55
C MET A 15 10.03 4.60 -16.10
N GLY A 16 10.01 5.08 -14.86
CA GLY A 16 8.82 5.73 -14.33
C GLY A 16 9.06 7.20 -14.10
N SER A 17 8.90 7.65 -12.86
CA SER A 17 9.10 9.05 -12.53
C SER A 17 9.86 9.24 -11.22
N LYS A 18 9.47 8.51 -10.18
CA LYS A 18 10.01 8.74 -8.86
C LYS A 18 10.73 7.50 -8.31
N LEU A 19 12.00 7.67 -7.95
CA LEU A 19 12.77 6.62 -7.30
C LEU A 19 12.42 6.54 -5.82
N TRP A 20 12.31 5.32 -5.30
CA TRP A 20 11.84 5.11 -3.94
C TRP A 20 12.87 4.41 -3.06
N ASN A 21 13.39 5.16 -2.10
CA ASN A 21 14.32 4.63 -1.11
C ASN A 21 14.00 5.24 0.25
N LEU A 22 13.13 4.56 0.98
CA LEU A 22 12.72 5.03 2.30
C LEU A 22 13.42 4.22 3.38
N ARG A 23 13.51 4.82 4.55
CA ARG A 23 14.00 4.13 5.73
C ARG A 23 12.85 3.95 6.70
N ASN A 24 12.87 2.82 7.42
CA ASN A 24 11.78 2.40 8.29
C ASN A 24 11.18 3.55 9.08
N ALA A 25 10.02 4.02 8.62
CA ALA A 25 9.33 5.13 9.24
C ALA A 25 7.93 4.71 9.63
N ASP A 26 7.16 5.63 10.19
CA ASP A 26 5.79 5.35 10.60
C ASP A 26 4.98 4.87 9.40
N ILE A 27 4.31 3.73 9.58
CA ILE A 27 3.54 3.09 8.52
C ILE A 27 2.49 4.03 7.94
N ARG A 28 1.86 4.84 8.77
CA ARG A 28 0.81 5.75 8.30
C ARG A 28 1.41 6.86 7.47
N ALA A 29 2.67 7.19 7.75
CA ALA A 29 3.36 8.24 7.01
C ALA A 29 3.66 7.75 5.61
N VAL A 30 3.96 6.47 5.48
CA VAL A 30 4.25 5.86 4.19
C VAL A 30 2.96 5.68 3.39
N ILE A 31 1.90 5.25 4.08
CA ILE A 31 0.60 5.07 3.43
C ILE A 31 0.08 6.42 2.91
N ALA A 32 0.40 7.48 3.62
CA ALA A 32 0.04 8.83 3.18
C ALA A 32 1.02 9.32 2.13
N GLU A 33 2.25 8.81 2.18
CA GLU A 33 3.30 9.19 1.24
C GLU A 33 2.97 8.63 -0.15
N VAL A 34 2.66 7.34 -0.21
CA VAL A 34 2.26 6.72 -1.47
C VAL A 34 1.00 7.38 -2.03
N SER A 35 0.08 7.74 -1.13
CA SER A 35 -1.14 8.43 -1.50
C SER A 35 -0.83 9.76 -2.20
N ARG A 36 0.26 10.39 -1.79
CA ARG A 36 0.64 11.69 -2.34
C ARG A 36 0.98 11.58 -3.83
N ILE A 37 1.66 10.50 -4.21
CA ILE A 37 2.09 10.31 -5.59
C ILE A 37 1.03 9.58 -6.41
N THR A 38 0.45 8.53 -5.83
CA THR A 38 -0.54 7.74 -6.54
C THR A 38 -1.87 8.48 -6.66
N GLY A 39 -2.15 9.31 -5.66
CA GLY A 39 -3.39 10.07 -5.62
C GLY A 39 -4.55 9.23 -5.11
N LYS A 40 -4.22 8.04 -4.59
CA LYS A 40 -5.23 7.08 -4.21
C LYS A 40 -5.67 7.28 -2.76
N ASN A 41 -6.91 6.92 -2.48
CA ASN A 41 -7.48 7.08 -1.16
C ASN A 41 -7.18 5.85 -0.33
N PHE A 42 -6.63 6.03 0.86
CA PHE A 42 -6.30 4.90 1.72
C PHE A 42 -6.97 5.02 3.08
N VAL A 43 -7.40 3.87 3.60
CA VAL A 43 -7.98 3.81 4.93
C VAL A 43 -7.11 2.94 5.81
N ILE A 44 -6.64 3.47 6.92
CA ILE A 44 -5.72 2.75 7.77
C ILE A 44 -6.41 2.25 9.03
N ASP A 45 -6.42 0.93 9.21
CA ASP A 45 -6.97 0.32 10.41
C ASP A 45 -6.12 0.72 11.61
N PRO A 46 -6.76 1.02 12.75
CA PRO A 46 -6.07 1.40 13.99
C PRO A 46 -4.99 0.40 14.42
N ARG A 47 -5.08 -0.83 13.94
CA ARG A 47 -4.10 -1.85 14.27
C ARG A 47 -2.85 -1.74 13.40
N VAL A 48 -2.93 -0.94 12.35
CA VAL A 48 -1.79 -0.78 11.45
C VAL A 48 -0.78 0.19 12.05
N GLN A 49 0.13 -0.36 12.83
CA GLN A 49 1.14 0.41 13.54
C GLN A 49 2.49 -0.28 13.47
N GLY A 50 3.41 0.32 12.73
CA GLY A 50 4.72 -0.29 12.54
C GLY A 50 5.61 0.57 11.69
N LYS A 51 6.75 0.03 11.28
CA LYS A 51 7.69 0.76 10.45
C LYS A 51 7.80 0.16 9.06
N VAL A 52 7.69 1.04 8.07
CA VAL A 52 7.74 0.64 6.67
C VAL A 52 8.79 1.46 5.92
N SER A 53 9.54 0.81 5.04
CA SER A 53 10.51 1.49 4.20
C SER A 53 10.40 1.00 2.76
N ILE A 54 9.78 1.81 1.90
CA ILE A 54 9.65 1.46 0.50
C ILE A 54 10.97 1.65 -0.24
N VAL A 55 11.57 0.54 -0.62
CA VAL A 55 12.77 0.55 -1.45
C VAL A 55 12.52 -0.24 -2.71
N SER A 56 12.90 0.31 -3.85
CA SER A 56 12.59 -0.30 -5.13
C SER A 56 13.69 -0.05 -6.16
N SER A 57 13.56 -0.71 -7.29
CA SER A 57 14.43 -0.49 -8.44
C SER A 57 14.22 0.92 -9.02
N THR A 58 14.88 1.19 -10.14
CA THR A 58 14.81 2.46 -10.87
C THR A 58 13.41 3.13 -10.79
N PRO A 59 13.37 4.47 -10.92
CA PRO A 59 12.17 5.29 -10.67
C PRO A 59 10.86 4.63 -11.12
N LEU A 60 9.95 4.55 -10.17
CA LEU A 60 8.64 3.96 -10.39
C LEU A 60 7.67 5.01 -10.91
N SER A 61 6.68 4.56 -11.66
CA SER A 61 5.60 5.42 -12.08
C SER A 61 4.51 5.43 -11.00
N SER A 62 3.46 6.21 -11.18
CA SER A 62 2.39 6.33 -10.20
C SER A 62 1.83 4.96 -9.82
N ARG A 63 1.43 4.20 -10.85
CA ARG A 63 0.88 2.87 -10.63
C ARG A 63 1.93 1.91 -10.08
N GLU A 64 3.12 1.95 -10.68
CA GLU A 64 4.21 1.07 -10.27
C GLU A 64 4.54 1.26 -8.80
N LEU A 65 4.46 2.50 -8.34
CA LEU A 65 4.63 2.81 -6.93
C LEU A 65 3.58 2.11 -6.10
N TYR A 66 2.32 2.29 -6.46
CA TYR A 66 1.24 1.66 -5.70
C TYR A 66 1.45 0.15 -5.59
N GLN A 67 2.20 -0.42 -6.53
CA GLN A 67 2.45 -1.85 -6.53
C GLN A 67 3.53 -2.20 -5.52
N VAL A 68 4.51 -1.29 -5.37
CA VAL A 68 5.58 -1.49 -4.41
C VAL A 68 5.05 -1.35 -3.00
N PHE A 69 4.12 -0.43 -2.83
CA PHE A 69 3.45 -0.22 -1.57
C PHE A 69 2.72 -1.48 -1.14
N LEU A 70 2.09 -2.14 -2.11
CA LEU A 70 1.41 -3.40 -1.85
C LEU A 70 2.41 -4.46 -1.41
N SER A 71 3.65 -4.32 -1.87
CA SER A 71 4.67 -5.30 -1.59
C SER A 71 5.31 -5.04 -0.22
N VAL A 72 5.52 -3.77 0.08
CA VAL A 72 6.14 -3.38 1.34
C VAL A 72 5.22 -3.74 2.50
N LEU A 73 3.92 -3.72 2.25
CA LEU A 73 2.93 -4.11 3.24
C LEU A 73 3.01 -5.58 3.54
N GLN A 74 3.05 -6.39 2.50
CA GLN A 74 3.09 -7.85 2.66
C GLN A 74 4.29 -8.26 3.49
N VAL A 75 5.39 -7.54 3.31
CA VAL A 75 6.59 -7.76 4.09
C VAL A 75 6.40 -7.25 5.53
N SER A 76 5.70 -6.12 5.65
CA SER A 76 5.48 -5.49 6.93
C SER A 76 4.41 -6.21 7.76
N GLY A 77 3.62 -7.05 7.10
CA GLY A 77 2.57 -7.78 7.78
C GLY A 77 1.20 -7.19 7.54
N TYR A 78 1.08 -6.41 6.47
CA TYR A 78 -0.17 -5.71 6.18
C TYR A 78 -0.57 -5.93 4.73
N ALA A 79 -1.71 -5.39 4.35
CA ALA A 79 -2.20 -5.51 2.98
C ALA A 79 -3.17 -4.40 2.66
N ALA A 80 -3.23 -4.02 1.39
CA ALA A 80 -4.13 -2.96 0.95
C ALA A 80 -5.31 -3.56 0.20
N ILE A 81 -6.50 -3.40 0.77
CA ILE A 81 -7.70 -3.95 0.18
C ILE A 81 -8.58 -2.83 -0.36
N PRO A 82 -8.67 -2.71 -1.70
CA PRO A 82 -9.52 -1.72 -2.33
C PRO A 82 -10.99 -1.97 -2.06
N ASN A 83 -11.61 -1.05 -1.36
CA ASN A 83 -13.01 -1.13 -1.01
C ASN A 83 -13.78 -0.01 -1.73
N GLY A 84 -14.18 -0.28 -2.96
CA GLY A 84 -14.85 0.74 -3.75
C GLY A 84 -13.86 1.73 -4.33
N GLU A 85 -13.87 2.95 -3.81
CA GLU A 85 -12.94 3.97 -4.28
C GLU A 85 -11.85 4.22 -3.25
N ILE A 86 -12.01 3.64 -2.08
CA ILE A 86 -11.01 3.74 -1.03
C ILE A 86 -10.25 2.43 -0.89
N ILE A 87 -8.96 2.51 -0.71
CA ILE A 87 -8.16 1.33 -0.46
C ILE A 87 -7.83 1.24 1.02
N LYS A 88 -8.29 0.20 1.69
CA LYS A 88 -8.08 0.09 3.12
C LYS A 88 -6.89 -0.82 3.42
N ILE A 89 -5.91 -0.29 4.14
CA ILE A 89 -4.74 -1.05 4.54
C ILE A 89 -4.95 -1.61 5.94
N ILE A 90 -4.90 -2.93 6.06
CA ILE A 90 -5.07 -3.58 7.34
C ILE A 90 -3.98 -4.62 7.54
N PRO A 91 -3.75 -5.06 8.79
CA PRO A 91 -2.77 -6.10 9.09
C PRO A 91 -3.26 -7.47 8.65
N ASN A 92 -2.75 -7.95 7.52
CA ASN A 92 -3.21 -9.23 6.97
C ASN A 92 -2.69 -10.42 7.78
N ILE A 93 -2.04 -10.11 8.89
CA ILE A 93 -1.62 -11.12 9.85
C ILE A 93 -2.80 -11.49 10.75
N ASP A 94 -3.91 -10.79 10.54
CA ASP A 94 -5.14 -11.01 11.27
C ASP A 94 -5.97 -12.11 10.60
N ALA A 95 -5.50 -12.57 9.44
CA ALA A 95 -6.18 -13.61 8.67
C ALA A 95 -7.51 -13.11 8.12
N LYS A 96 -7.61 -11.79 7.95
CA LYS A 96 -8.80 -11.15 7.39
C LYS A 96 -10.03 -11.51 8.22
N THR A 97 -9.94 -11.33 9.52
CA THR A 97 -11.05 -11.61 10.41
C THR A 97 -11.90 -10.36 10.59
N GLN A 98 -12.67 -10.01 9.57
CA GLN A 98 -13.42 -8.76 9.58
C GLN A 98 -14.90 -9.01 9.29
N SER A 99 -15.40 -10.16 9.74
CA SER A 99 -16.80 -10.49 9.55
C SER A 99 -17.37 -11.09 10.84
N PRO A 100 -17.66 -10.24 11.84
CA PRO A 100 -18.15 -10.70 13.14
C PRO A 100 -19.64 -11.04 13.11
N ASP A 101 -20.05 -11.94 14.01
CA ASP A 101 -21.45 -12.35 14.10
C ASP A 101 -22.11 -11.67 15.29
N LEU A 102 -21.55 -10.53 15.68
CA LEU A 102 -22.07 -9.72 16.79
C LEU A 102 -22.16 -10.53 18.07
N LEU A 103 -21.18 -11.39 18.31
CA LEU A 103 -21.12 -12.13 19.56
C LEU A 103 -20.35 -11.33 20.60
N SER A 104 -19.17 -10.87 20.22
CA SER A 104 -18.34 -10.05 21.09
C SER A 104 -18.61 -8.57 20.84
N GLY A 105 -19.88 -8.23 20.64
CA GLY A 105 -20.25 -6.86 20.38
C GLY A 105 -20.38 -6.57 18.90
N MET A 106 -20.95 -5.41 18.59
CA MET A 106 -21.12 -5.00 17.19
C MET A 106 -19.91 -4.19 16.74
N LYS A 107 -19.41 -4.48 15.55
CA LYS A 107 -18.27 -3.76 15.03
C LYS A 107 -18.73 -2.58 14.18
N SER A 108 -18.21 -1.40 14.50
CA SER A 108 -18.54 -0.17 13.79
C SER A 108 -20.05 0.12 13.84
N PRO A 109 -20.60 0.37 15.06
CA PRO A 109 -22.00 0.72 15.25
C PRO A 109 -22.34 2.06 14.61
N PRO A 110 -23.63 2.31 14.32
CA PRO A 110 -24.08 3.57 13.70
C PRO A 110 -24.02 4.75 14.67
N ARG A 111 -22.80 5.15 15.02
CA ARG A 111 -22.59 6.25 15.95
C ARG A 111 -21.66 7.28 15.35
#